data_6JKT
#
_entry.id   6JKT
#
_cell.length_a   88.289
_cell.length_b   157.262
_cell.length_c   88.725
_cell.angle_alpha   90.00
_cell.angle_beta   119.77
_cell.angle_gamma   90.00
#
_symmetry.space_group_name_H-M   'P 1 21 1'
#
loop_
_entity.id
_entity.type
_entity.pdbx_description
1 polymer 'Aspartate carbamoyltransferase'
2 non-polymer 'N-(PHOSPHONACETYL)-L-ASPARTIC ACID'
3 non-polymer GLYCEROL
4 water water
#
_entity_poly.entity_id   1
_entity_poly.type   'polypeptide(L)'
_entity_poly.pdbx_seq_one_letter_code
;GSMLELPPVASLKGKSITSAEQFSRADIYALIHLASAMQRKIDAGEVLNLLQGRIMTPLFFEDSSRTFSSFCAAMIRLGG
SVVNFKVEASSINKGETLADTIRTLDSYSDVLVMRHPRQDAIEEALSVAQHPILNAGNGAGEHPTQALLDTLTIHSELGS
VDGITIALIGDLKMGRTVHSLLKLLVRNFSIKCVFLVAPDALQMPQDVLEPLQHEIATKGVIIHRTHALTDEVMQKSDVL
YTTRLQKERFMASTSDDAAALQSFAAKADITIDAARMRLAKEKMIVMHPLPRNDELSTTVDADPRAAYFRQMRYGMFMRM
AILWSVLA
;
_entity_poly.pdbx_strand_id   A,B,C,D,E,F
#
loop_
_chem_comp.id
_chem_comp.type
_chem_comp.name
_chem_comp.formula
GOL non-polymer GLYCEROL 'C3 H8 O3'
PAL non-polymer 'N-(PHOSPHONACETYL)-L-ASPARTIC ACID' 'C6 H10 N O8 P'
#
# COMPACT_ATOMS: atom_id res chain seq x y z
N GLY A 1 22.15 12.49 47.92
CA GLY A 1 23.63 12.51 47.76
C GLY A 1 24.10 11.65 46.57
N SER A 2 23.46 11.87 45.43
CA SER A 2 23.65 10.98 44.27
C SER A 2 25.09 10.80 43.85
N MET A 3 25.87 11.89 43.88
CA MET A 3 27.24 11.86 43.34
C MET A 3 28.23 11.07 44.20
N LEU A 4 27.89 10.84 45.47
CA LEU A 4 28.58 9.85 46.30
C LEU A 4 28.05 8.44 46.00
N GLU A 5 26.73 8.28 46.01
CA GLU A 5 26.13 6.95 46.08
C GLU A 5 26.04 6.30 44.71
N LEU A 6 25.75 7.11 43.69
CA LEU A 6 25.51 6.66 42.32
C LEU A 6 26.26 7.56 41.37
N PRO A 7 27.61 7.57 41.47
CA PRO A 7 28.37 8.42 40.54
C PRO A 7 28.27 7.85 39.11
N PRO A 8 27.88 8.69 38.15
CA PRO A 8 27.80 8.12 36.81
C PRO A 8 29.20 7.86 36.24
N VAL A 9 29.30 6.94 35.31
CA VAL A 9 30.58 6.63 34.66
C VAL A 9 30.76 7.63 33.53
N ALA A 10 31.70 8.56 33.74
CA ALA A 10 31.81 9.81 32.96
C ALA A 10 32.13 9.55 31.51
N SER A 11 32.90 8.48 31.28
CA SER A 11 33.29 8.08 29.94
C SER A 11 32.11 7.78 29.03
N LEU A 12 30.99 7.35 29.61
CA LEU A 12 29.78 7.03 28.79
C LEU A 12 28.90 8.22 28.43
N LYS A 13 29.21 9.38 29.00
CA LYS A 13 28.32 10.53 28.92
C LYS A 13 28.07 10.93 27.47
N GLY A 14 26.80 10.91 27.07
CA GLY A 14 26.37 11.42 25.76
C GLY A 14 26.78 10.55 24.58
N LYS A 15 27.26 9.34 24.85
CA LYS A 15 27.74 8.50 23.75
C LYS A 15 26.86 7.30 23.46
N SER A 16 26.83 6.94 22.20
CA SER A 16 26.13 5.79 21.73
C SER A 16 26.85 4.55 22.19
N ILE A 17 26.14 3.43 22.23
CA ILE A 17 26.78 2.18 22.56
C ILE A 17 26.52 1.18 21.45
N THR A 18 27.59 0.76 20.77
CA THR A 18 27.46 -0.12 19.59
C THR A 18 28.16 -1.47 19.72
N SER A 19 29.26 -1.49 20.45
CA SER A 19 30.10 -2.66 20.50
C SER A 19 30.73 -2.87 21.86
N ALA A 20 31.01 -4.14 22.17
CA ALA A 20 31.72 -4.46 23.38
C ALA A 20 33.12 -3.85 23.36
N GLU A 21 33.61 -3.54 22.16
CA GLU A 21 34.96 -3.01 21.97
C GLU A 21 35.18 -1.62 22.54
N GLN A 22 34.12 -0.81 22.62
CA GLN A 22 34.29 0.58 23.05
C GLN A 22 34.60 0.77 24.54
N PHE A 23 34.57 -0.29 25.32
CA PHE A 23 34.75 -0.19 26.78
C PHE A 23 36.12 -0.67 27.26
N SER A 24 36.71 0.08 28.20
CA SER A 24 37.90 -0.35 28.93
C SER A 24 37.50 -1.20 30.16
N ARG A 25 38.46 -1.98 30.66
CA ARG A 25 38.34 -2.65 31.94
C ARG A 25 37.83 -1.71 33.06
N ALA A 26 38.41 -0.52 33.16
CA ALA A 26 37.95 0.50 34.12
C ALA A 26 36.45 0.93 33.92
N ASP A 27 36.01 1.10 32.68
CA ASP A 27 34.59 1.33 32.41
C ASP A 27 33.69 0.23 32.99
N ILE A 28 34.08 -1.02 32.74
CA ILE A 28 33.29 -2.18 33.10
C ILE A 28 33.18 -2.30 34.61
N TYR A 29 34.30 -2.07 35.31
CA TYR A 29 34.28 -2.12 36.78
C TYR A 29 33.47 -0.98 37.34
N ALA A 30 33.62 0.21 36.77
CA ALA A 30 32.81 1.33 37.20
C ALA A 30 31.29 1.09 36.99
N LEU A 31 30.91 0.52 35.83
CA LEU A 31 29.50 0.15 35.57
C LEU A 31 28.98 -0.93 36.54
N ILE A 32 29.78 -1.97 36.78
CA ILE A 32 29.44 -3.04 37.72
C ILE A 32 29.19 -2.45 39.10
N HIS A 33 30.09 -1.57 39.56
CA HIS A 33 29.95 -1.01 40.90
C HIS A 33 28.73 -0.09 40.99
N LEU A 34 28.46 0.65 39.93
CA LEU A 34 27.31 1.54 39.88
C LEU A 34 26.03 0.69 39.87
N ALA A 35 26.08 -0.40 39.10
CA ALA A 35 24.93 -1.31 38.96
C ALA A 35 24.53 -1.94 40.30
N SER A 36 25.52 -2.42 41.03
CA SER A 36 25.21 -3.06 42.31
C SER A 36 24.80 -2.02 43.38
N ALA A 37 25.27 -0.77 43.26
CA ALA A 37 24.73 0.32 44.08
C ALA A 37 23.26 0.62 43.67
N MET A 38 22.98 0.61 42.36
CA MET A 38 21.59 0.71 41.91
C MET A 38 20.76 -0.39 42.63
N GLN A 39 21.21 -1.62 42.52
CA GLN A 39 20.52 -2.76 43.11
C GLN A 39 20.26 -2.57 44.62
N ARG A 40 21.28 -2.21 45.37
CA ARG A 40 21.14 -1.93 46.80
C ARG A 40 20.02 -0.94 47.12
N LYS A 41 19.95 0.17 46.39
CA LYS A 41 18.94 1.17 46.67
C LYS A 41 17.51 0.74 46.27
N ILE A 42 17.37 0.13 45.09
CA ILE A 42 16.07 -0.33 44.63
C ILE A 42 15.52 -1.43 45.53
N ASP A 43 16.38 -2.36 45.94
CA ASP A 43 16.01 -3.46 46.83
C ASP A 43 15.64 -2.99 48.23
N ALA A 44 16.21 -1.87 48.67
CA ALA A 44 15.81 -1.29 49.93
C ALA A 44 14.53 -0.44 49.83
N GLY A 45 13.98 -0.28 48.61
CA GLY A 45 12.73 0.46 48.39
C GLY A 45 12.88 1.97 48.13
N GLU A 46 14.13 2.42 47.98
CA GLU A 46 14.41 3.82 47.71
C GLU A 46 13.98 4.18 46.30
N VAL A 47 13.47 5.39 46.17
CA VAL A 47 12.95 5.90 44.92
C VAL A 47 14.03 6.80 44.33
N LEU A 48 14.35 6.57 43.06
CA LEU A 48 15.32 7.39 42.34
C LEU A 48 14.64 8.43 41.45
N ASN A 49 15.18 9.64 41.49
CA ASN A 49 14.62 10.70 40.69
C ASN A 49 15.62 11.35 39.75
N LEU A 50 16.62 10.58 39.34
CA LEU A 50 17.75 11.14 38.60
C LEU A 50 17.43 11.64 37.20
N LEU A 51 16.46 11.01 36.52
CA LEU A 51 16.22 11.25 35.10
C LEU A 51 14.81 11.71 34.79
N GLN A 52 14.23 12.49 35.72
CA GLN A 52 12.91 13.08 35.55
C GLN A 52 12.92 13.99 34.33
N GLY A 53 11.88 13.90 33.52
CA GLY A 53 11.80 14.76 32.34
C GLY A 53 12.64 14.31 31.16
N ARG A 54 13.28 13.14 31.28
CA ARG A 54 14.08 12.60 30.17
CA ARG A 54 14.09 12.59 30.20
C ARG A 54 13.38 11.40 29.55
N ILE A 55 13.56 11.24 28.24
CA ILE A 55 12.80 10.26 27.49
C ILE A 55 13.68 9.24 26.81
N MET A 56 13.30 7.97 26.99
CA MET A 56 13.88 6.89 26.25
C MET A 56 12.83 6.38 25.26
N THR A 57 13.21 6.20 24.00
CA THR A 57 12.30 5.57 23.05
C THR A 57 12.92 4.26 22.54
N PRO A 58 12.20 3.15 22.69
CA PRO A 58 12.61 1.87 22.10
C PRO A 58 12.30 1.81 20.61
N LEU A 59 13.22 1.28 19.81
CA LEU A 59 12.95 1.05 18.41
C LEU A 59 13.33 -0.38 18.10
N PHE A 60 12.35 -1.25 18.25
CA PHE A 60 12.58 -2.67 18.13
C PHE A 60 11.98 -3.19 16.82
N PHE A 61 12.85 -3.58 15.92
CA PHE A 61 12.41 -4.08 14.62
C PHE A 61 12.40 -5.59 14.56
N GLU A 62 12.76 -6.24 15.68
CA GLU A 62 12.66 -7.71 15.93
C GLU A 62 12.00 -7.86 17.31
N ASP A 63 11.61 -9.08 17.65
CA ASP A 63 11.03 -9.43 18.94
C ASP A 63 12.00 -9.36 20.12
N SER A 64 11.46 -9.02 21.30
CA SER A 64 12.23 -8.98 22.53
C SER A 64 11.28 -9.11 23.70
N SER A 65 11.74 -9.78 24.75
CA SER A 65 11.07 -9.67 26.06
C SER A 65 11.99 -9.03 27.07
N ARG A 66 13.14 -9.65 27.28
CA ARG A 66 14.14 -9.14 28.23
C ARG A 66 14.68 -7.76 27.90
N THR A 67 15.21 -7.59 26.69
CA THR A 67 15.92 -6.36 26.40
C THR A 67 14.99 -5.13 26.45
N PHE A 68 13.87 -5.21 25.74
CA PHE A 68 12.82 -4.16 25.80
C PHE A 68 12.40 -3.87 27.25
N SER A 69 11.99 -4.91 27.96
CA SER A 69 11.38 -4.69 29.26
C SER A 69 12.37 -4.14 30.25
N SER A 70 13.57 -4.72 30.33
CA SER A 70 14.56 -4.24 31.30
C SER A 70 14.99 -2.81 31.00
N PHE A 71 15.10 -2.44 29.72
CA PHE A 71 15.38 -1.03 29.39
C PHE A 71 14.28 -0.09 29.82
N CYS A 72 13.03 -0.46 29.55
CA CYS A 72 11.91 0.33 30.00
C CYS A 72 11.87 0.46 31.53
N ALA A 73 12.03 -0.66 32.25
CA ALA A 73 12.05 -0.66 33.70
C ALA A 73 13.23 0.11 34.31
N ALA A 74 14.41 -0.06 33.71
CA ALA A 74 15.58 0.66 34.15
C ALA A 74 15.30 2.17 34.02
N MET A 75 14.81 2.60 32.87
CA MET A 75 14.52 4.01 32.66
C MET A 75 13.57 4.52 33.74
N ILE A 76 12.52 3.74 33.98
CA ILE A 76 11.49 4.14 34.92
C ILE A 76 12.06 4.21 36.32
N ARG A 77 12.86 3.23 36.70
CA ARG A 77 13.42 3.18 38.04
C ARG A 77 14.43 4.30 38.31
N LEU A 78 14.82 5.01 37.26
CA LEU A 78 15.71 6.17 37.40
C LEU A 78 14.87 7.46 37.44
N GLY A 79 13.56 7.33 37.26
CA GLY A 79 12.70 8.53 37.31
C GLY A 79 12.39 9.07 35.91
N GLY A 80 12.85 8.40 34.86
CA GLY A 80 12.65 8.84 33.49
C GLY A 80 11.44 8.22 32.84
N SER A 81 11.24 8.48 31.54
CA SER A 81 10.00 8.08 30.88
C SER A 81 10.27 7.40 29.55
N VAL A 82 9.27 6.64 29.08
CA VAL A 82 9.35 5.88 27.85
C VAL A 82 8.23 6.31 26.89
N VAL A 83 8.57 6.64 25.65
CA VAL A 83 7.57 6.81 24.60
C VAL A 83 7.45 5.48 23.89
N ASN A 84 6.27 4.85 23.94
CA ASN A 84 6.08 3.47 23.41
C ASN A 84 5.81 3.36 21.89
N PHE A 85 6.82 3.70 21.12
CA PHE A 85 6.77 3.62 19.69
C PHE A 85 6.77 2.16 19.28
N LYS A 86 5.86 1.81 18.35
CA LYS A 86 5.77 0.44 17.85
C LYS A 86 5.85 0.50 16.34
N VAL A 87 6.77 -0.30 15.80
CA VAL A 87 7.12 -0.33 14.38
C VAL A 87 5.96 -0.73 13.52
N GLU A 88 5.20 -1.73 14.00
CA GLU A 88 4.10 -2.31 13.26
C GLU A 88 2.91 -1.36 13.03
N ALA A 89 2.81 -0.30 13.82
CA ALA A 89 1.71 0.66 13.64
C ALA A 89 2.20 2.07 13.26
N SER A 90 3.45 2.13 12.77
CA SER A 90 4.14 3.38 12.47
C SER A 90 4.00 3.84 11.00
N SER A 91 4.49 5.04 10.72
CA SER A 91 4.50 5.55 9.34
C SER A 91 5.54 4.90 8.40
N ILE A 92 6.30 3.92 8.90
CA ILE A 92 7.01 2.99 7.99
C ILE A 92 6.06 2.34 6.97
N ASN A 93 4.81 2.10 7.37
CA ASN A 93 3.78 1.53 6.48
C ASN A 93 3.34 2.51 5.37
N LYS A 94 3.66 3.80 5.53
CA LYS A 94 3.45 4.80 4.48
C LYS A 94 4.70 4.90 3.58
N GLY A 95 5.70 4.07 3.84
CA GLY A 95 6.93 4.10 3.03
C GLY A 95 8.14 4.88 3.57
N GLU A 96 8.07 5.35 4.80
CA GLU A 96 9.20 6.02 5.45
C GLU A 96 10.44 5.12 5.59
N THR A 97 11.61 5.66 5.28
CA THR A 97 12.87 4.95 5.43
C THR A 97 13.29 4.88 6.88
N LEU A 98 14.26 4.02 7.13
CA LEU A 98 14.86 3.84 8.43
C LEU A 98 15.49 5.12 8.96
N ALA A 99 16.23 5.82 8.10
CA ALA A 99 16.89 7.07 8.46
C ALA A 99 15.88 8.16 8.91
N ASP A 100 14.76 8.26 8.19
CA ASP A 100 13.70 9.24 8.51
C ASP A 100 12.98 8.86 9.82
N THR A 101 12.73 7.56 9.98
CA THR A 101 12.21 6.98 11.23
C THR A 101 13.12 7.35 12.42
N ILE A 102 14.43 7.20 12.26
CA ILE A 102 15.40 7.58 13.33
C ILE A 102 15.39 9.07 13.65
N ARG A 103 15.40 9.92 12.62
CA ARG A 103 15.30 11.40 12.82
C ARG A 103 14.01 11.76 13.55
N THR A 104 12.94 11.03 13.24
CA THR A 104 11.66 11.27 13.89
C THR A 104 11.76 11.04 15.41
N LEU A 105 12.22 9.88 15.86
CA LEU A 105 12.26 9.63 17.31
C LEU A 105 13.36 10.42 18.00
N ASP A 106 14.41 10.72 17.24
CA ASP A 106 15.51 11.54 17.70
C ASP A 106 15.03 12.98 18.03
N SER A 107 13.97 13.43 17.36
CA SER A 107 13.36 14.73 17.59
C SER A 107 12.70 14.88 18.95
N TYR A 108 12.28 13.76 19.55
CA TYR A 108 11.50 13.82 20.79
C TYR A 108 12.23 13.30 22.02
N SER A 109 13.29 12.54 21.79
CA SER A 109 13.88 11.69 22.81
C SER A 109 15.22 12.18 23.31
N ASP A 110 15.62 11.65 24.46
CA ASP A 110 17.00 11.82 24.94
C ASP A 110 17.92 10.67 24.61
N VAL A 111 17.34 9.49 24.36
CA VAL A 111 18.12 8.29 24.09
C VAL A 111 17.24 7.31 23.35
N LEU A 112 17.81 6.64 22.34
CA LEU A 112 17.09 5.61 21.57
C LEU A 112 17.71 4.25 21.83
N VAL A 113 16.86 3.25 22.07
CA VAL A 113 17.30 1.85 22.24
C VAL A 113 16.88 1.03 21.03
N MET A 114 17.85 0.56 20.26
CA MET A 114 17.53 0.02 18.95
C MET A 114 17.94 -1.44 18.77
N ARG A 115 16.99 -2.24 18.30
CA ARG A 115 17.24 -3.62 17.90
C ARG A 115 16.76 -3.78 16.46
N HIS A 116 17.60 -4.37 15.59
CA HIS A 116 17.30 -4.42 14.16
C HIS A 116 17.85 -5.70 13.58
N PRO A 117 17.12 -6.35 12.61
CA PRO A 117 17.66 -7.61 12.04
C PRO A 117 18.88 -7.39 11.15
N ARG A 118 19.12 -6.16 10.70
CA ARG A 118 20.25 -5.90 9.81
C ARG A 118 21.46 -5.44 10.61
N GLN A 119 22.62 -5.97 10.25
CA GLN A 119 23.83 -5.67 11.01
C GLN A 119 24.26 -4.20 10.88
N ASP A 120 24.13 -3.63 9.69
CA ASP A 120 24.61 -2.27 9.49
C ASP A 120 23.59 -1.17 9.88
N ALA A 121 22.40 -1.56 10.33
CA ALA A 121 21.34 -0.60 10.60
C ALA A 121 21.65 0.36 11.75
N ILE A 122 22.41 -0.11 12.74
CA ILE A 122 22.88 0.74 13.83
C ILE A 122 23.83 1.85 13.29
N GLU A 123 24.74 1.51 12.42
CA GLU A 123 25.62 2.54 11.84
C GLU A 123 24.84 3.55 10.97
N GLU A 124 23.85 3.07 10.24
CA GLU A 124 22.97 3.99 9.49
C GLU A 124 22.18 4.90 10.42
N ALA A 125 21.77 4.38 11.58
CA ALA A 125 21.04 5.18 12.54
C ALA A 125 21.94 6.23 13.17
N LEU A 126 23.17 5.85 13.52
CA LEU A 126 24.17 6.80 14.01
C LEU A 126 24.50 7.96 13.06
N SER A 127 24.46 7.72 11.76
CA SER A 127 24.82 8.79 10.86
C SER A 127 23.77 9.94 10.81
N VAL A 128 22.58 9.74 11.37
CA VAL A 128 21.57 10.79 11.37
C VAL A 128 21.10 11.25 12.76
N ALA A 129 21.32 10.45 13.79
CA ALA A 129 20.78 10.77 15.13
C ALA A 129 21.63 11.84 15.83
N GLN A 130 20.98 12.76 16.57
CA GLN A 130 21.76 13.67 17.41
C GLN A 130 21.99 13.07 18.81
N HIS A 131 21.04 12.27 19.27
CA HIS A 131 21.07 11.74 20.62
C HIS A 131 21.70 10.34 20.62
N PRO A 132 22.21 9.88 21.77
CA PRO A 132 22.81 8.53 21.82
C PRO A 132 21.85 7.41 21.41
N ILE A 133 22.41 6.39 20.73
CA ILE A 133 21.68 5.19 20.37
C ILE A 133 22.33 4.02 21.04
N LEU A 134 21.52 3.19 21.70
CA LEU A 134 22.06 2.03 22.39
C LEU A 134 21.69 0.79 21.60
N ASN A 135 22.72 0.07 21.16
CA ASN A 135 22.54 -1.11 20.33
C ASN A 135 22.00 -2.23 21.22
N ALA A 136 20.76 -2.65 20.93
CA ALA A 136 20.11 -3.67 21.70
C ALA A 136 20.06 -4.98 20.89
N GLY A 137 20.86 -5.04 19.82
CA GLY A 137 21.00 -6.24 19.00
C GLY A 137 20.92 -5.88 17.53
N ASN A 138 22.03 -6.06 16.81
CA ASN A 138 22.07 -5.74 15.39
C ASN A 138 22.33 -6.99 14.55
N GLY A 139 21.25 -7.57 14.01
CA GLY A 139 21.34 -8.85 13.27
C GLY A 139 22.11 -9.86 14.09
N ALA A 140 22.98 -10.63 13.44
CA ALA A 140 23.86 -11.63 14.06
C ALA A 140 25.14 -11.00 14.61
N GLY A 141 25.12 -9.69 14.75
CA GLY A 141 26.34 -8.95 15.06
C GLY A 141 26.71 -8.96 16.54
N GLU A 142 26.26 -7.95 17.25
CA GLU A 142 26.63 -7.75 18.67
C GLU A 142 25.40 -7.42 19.52
N HIS A 143 25.53 -7.60 20.82
CA HIS A 143 24.59 -7.20 21.84
C HIS A 143 25.36 -6.62 22.99
N PRO A 144 25.83 -5.39 22.93
CA PRO A 144 26.87 -4.95 23.89
C PRO A 144 26.42 -4.83 25.35
N THR A 145 25.17 -4.42 25.58
CA THR A 145 24.67 -4.34 26.96
C THR A 145 24.38 -5.71 27.55
N GLN A 146 24.16 -6.70 26.72
CA GLN A 146 24.06 -8.07 27.21
C GLN A 146 25.42 -8.51 27.75
N ALA A 147 26.50 -8.24 27.01
CA ALA A 147 27.85 -8.57 27.48
C ALA A 147 28.14 -7.89 28.82
N LEU A 148 27.76 -6.61 28.95
CA LEU A 148 27.93 -5.94 30.23
C LEU A 148 27.17 -6.59 31.39
N LEU A 149 25.91 -6.97 31.17
CA LEU A 149 25.13 -7.54 32.27
C LEU A 149 25.58 -8.98 32.54
N ASP A 150 25.99 -9.72 31.50
CA ASP A 150 26.57 -11.04 31.71
C ASP A 150 27.83 -10.94 32.59
N THR A 151 28.64 -9.91 32.36
CA THR A 151 29.89 -9.78 33.12
C THR A 151 29.58 -9.37 34.55
N LEU A 152 28.59 -8.50 34.73
CA LEU A 152 28.09 -8.21 36.10
C LEU A 152 27.60 -9.47 36.82
N THR A 153 26.92 -10.36 36.10
CA THR A 153 26.42 -11.58 36.68
C THR A 153 27.58 -12.48 37.10
N ILE A 154 28.61 -12.59 36.26
CA ILE A 154 29.75 -13.42 36.64
C ILE A 154 30.43 -12.87 37.89
N HIS A 155 30.64 -11.57 37.90
CA HIS A 155 31.40 -10.94 38.97
C HIS A 155 30.60 -11.04 40.27
N SER A 156 29.30 -10.76 40.19
CA SER A 156 28.44 -10.82 41.37
C SER A 156 28.23 -12.25 41.90
N GLU A 157 28.17 -13.23 41.01
CA GLU A 157 27.91 -14.60 41.43
C GLU A 157 29.17 -15.31 41.94
N LEU A 158 30.28 -15.15 41.21
CA LEU A 158 31.52 -15.85 41.49
C LEU A 158 32.58 -15.05 42.24
N GLY A 159 32.45 -13.72 42.20
CA GLY A 159 33.37 -12.82 42.92
C GLY A 159 34.52 -12.31 42.07
N SER A 160 34.72 -12.92 40.90
CA SER A 160 35.90 -12.67 40.11
C SER A 160 35.66 -12.97 38.62
N VAL A 161 36.20 -12.16 37.73
CA VAL A 161 36.16 -12.46 36.30
C VAL A 161 37.54 -12.88 35.79
N ASP A 162 38.61 -12.20 36.21
CA ASP A 162 39.95 -12.72 35.94
C ASP A 162 40.04 -14.17 36.42
N GLY A 163 40.72 -15.01 35.64
CA GLY A 163 41.05 -16.35 36.09
C GLY A 163 39.98 -17.41 35.89
N ILE A 164 38.81 -17.06 35.35
CA ILE A 164 37.75 -18.06 35.20
C ILE A 164 37.97 -18.92 33.97
N THR A 165 37.37 -20.11 33.98
CA THR A 165 37.25 -20.95 32.80
C THR A 165 35.79 -20.85 32.39
N ILE A 166 35.55 -20.45 31.16
CA ILE A 166 34.20 -20.25 30.66
C ILE A 166 33.92 -21.04 29.36
N ALA A 167 32.76 -21.69 29.33
CA ALA A 167 32.29 -22.40 28.16
C ALA A 167 31.19 -21.55 27.52
N LEU A 168 31.35 -21.29 26.24
CA LEU A 168 30.34 -20.65 25.44
C LEU A 168 29.78 -21.72 24.55
N ILE A 169 28.48 -21.99 24.70
CA ILE A 169 27.85 -23.20 24.16
C ILE A 169 26.62 -22.90 23.26
N GLY A 170 26.47 -23.66 22.16
CA GLY A 170 25.26 -23.59 21.35
C GLY A 170 25.50 -22.98 19.98
N ASP A 171 24.72 -21.96 19.61
CA ASP A 171 24.81 -21.38 18.29
C ASP A 171 25.71 -20.14 18.35
N LEU A 172 27.01 -20.38 18.18
CA LEU A 172 28.00 -19.35 18.39
C LEU A 172 28.13 -18.53 17.14
N LYS A 173 27.82 -19.15 16.00
CA LYS A 173 27.84 -18.43 14.73
C LYS A 173 26.89 -17.21 14.75
N MET A 174 25.61 -17.47 14.99
CA MET A 174 24.58 -16.43 14.94
C MET A 174 24.32 -15.76 16.29
N GLY A 175 25.03 -16.18 17.34
CA GLY A 175 24.80 -15.70 18.71
C GLY A 175 25.46 -14.35 18.94
N ARG A 176 24.72 -13.28 18.69
CA ARG A 176 25.25 -11.93 18.91
C ARG A 176 25.67 -11.73 20.38
N THR A 177 25.05 -12.45 21.29
CA THR A 177 25.42 -12.37 22.70
C THR A 177 26.82 -12.89 22.99
N VAL A 178 27.19 -14.03 22.38
CA VAL A 178 28.52 -14.60 22.61
C VAL A 178 29.60 -13.85 21.82
N HIS A 179 29.22 -13.25 20.69
CA HIS A 179 30.13 -12.33 20.02
C HIS A 179 30.58 -11.17 20.94
N SER A 180 29.62 -10.50 21.58
CA SER A 180 29.98 -9.40 22.47
C SER A 180 30.63 -9.87 23.74
N LEU A 181 30.12 -10.96 24.28
CA LEU A 181 30.67 -11.43 25.54
C LEU A 181 32.16 -11.80 25.38
N LEU A 182 32.48 -12.58 24.33
CA LEU A 182 33.87 -13.00 24.12
C LEU A 182 34.78 -11.77 23.97
N LYS A 183 34.31 -10.77 23.23
CA LYS A 183 35.07 -9.54 23.11
C LYS A 183 35.31 -8.89 24.43
N LEU A 184 34.26 -8.71 25.21
CA LEU A 184 34.31 -7.96 26.44
C LEU A 184 35.28 -8.63 27.42
N LEU A 185 35.17 -9.95 27.53
CA LEU A 185 35.94 -10.74 28.49
C LEU A 185 37.40 -10.82 28.12
N VAL A 186 37.66 -11.12 26.86
CA VAL A 186 39.04 -11.27 26.42
C VAL A 186 39.77 -9.92 26.32
N ARG A 187 39.10 -8.84 25.92
CA ARG A 187 39.82 -7.56 25.83
C ARG A 187 40.18 -6.96 27.21
N ASN A 188 39.40 -7.26 28.26
CA ASN A 188 39.49 -6.50 29.50
C ASN A 188 39.79 -7.29 30.77
N PHE A 189 39.83 -8.61 30.66
CA PHE A 189 40.07 -9.52 31.78
C PHE A 189 41.08 -10.60 31.38
N SER A 190 41.72 -11.20 32.36
CA SER A 190 42.62 -12.27 32.08
C SER A 190 41.92 -13.62 32.35
N ILE A 191 41.13 -14.02 31.36
CA ILE A 191 40.40 -15.29 31.33
C ILE A 191 41.43 -16.43 31.21
N LYS A 192 41.26 -17.44 32.05
CA LYS A 192 42.17 -18.57 32.06
C LYS A 192 41.94 -19.41 30.79
N CYS A 193 40.70 -19.72 30.49
CA CYS A 193 40.38 -20.67 29.44
C CYS A 193 38.95 -20.46 28.93
N VAL A 194 38.79 -20.50 27.60
CA VAL A 194 37.49 -20.46 26.97
C VAL A 194 37.25 -21.78 26.21
N PHE A 195 36.11 -22.43 26.45
CA PHE A 195 35.69 -23.56 25.63
C PHE A 195 34.60 -23.07 24.70
N LEU A 196 34.77 -23.32 23.40
CA LEU A 196 33.77 -22.95 22.40
C LEU A 196 33.14 -24.25 21.95
N VAL A 197 31.90 -24.44 22.38
CA VAL A 197 31.27 -25.73 22.33
C VAL A 197 30.17 -25.66 21.27
N ALA A 198 30.46 -26.15 20.08
CA ALA A 198 29.55 -26.06 18.95
C ALA A 198 30.06 -26.90 17.80
N PRO A 199 29.16 -27.47 17.00
CA PRO A 199 29.69 -28.10 15.78
C PRO A 199 30.28 -27.01 14.90
N ASP A 200 31.20 -27.39 14.01
CA ASP A 200 31.89 -26.42 13.15
C ASP A 200 30.95 -25.43 12.46
N ALA A 201 29.78 -25.92 12.01
CA ALA A 201 28.81 -25.13 11.26
C ALA A 201 28.24 -23.98 12.07
N LEU A 202 28.21 -24.14 13.40
CA LEU A 202 27.73 -23.11 14.30
C LEU A 202 28.87 -22.56 15.19
N GLN A 203 30.10 -22.66 14.70
CA GLN A 203 31.24 -22.23 15.50
C GLN A 203 31.36 -20.70 15.62
N MET A 204 32.13 -20.24 16.60
CA MET A 204 32.44 -18.82 16.75
C MET A 204 33.09 -18.28 15.46
N PRO A 205 32.56 -17.17 14.92
CA PRO A 205 33.07 -16.68 13.63
C PRO A 205 34.50 -16.19 13.72
N GLN A 206 35.23 -16.36 12.62
CA GLN A 206 36.63 -15.93 12.51
C GLN A 206 36.76 -14.41 12.74
N ASP A 207 35.75 -13.66 12.31
CA ASP A 207 35.76 -12.22 12.52
C ASP A 207 35.59 -11.78 13.99
N VAL A 208 35.36 -12.73 14.89
CA VAL A 208 35.40 -12.47 16.32
C VAL A 208 36.77 -12.88 16.87
N LEU A 209 37.23 -14.07 16.50
CA LEU A 209 38.48 -14.61 17.01
C LEU A 209 39.73 -13.84 16.52
N GLU A 210 39.78 -13.57 15.23
CA GLU A 210 40.93 -12.92 14.62
C GLU A 210 41.31 -11.60 15.29
N PRO A 211 40.37 -10.65 15.49
CA PRO A 211 40.79 -9.37 16.10
C PRO A 211 41.19 -9.48 17.56
N LEU A 212 40.87 -10.60 18.20
CA LEU A 212 41.27 -10.83 19.60
C LEU A 212 42.67 -11.44 19.69
N GLN A 213 43.33 -11.57 18.54
CA GLN A 213 44.60 -12.28 18.47
C GLN A 213 45.63 -11.71 19.45
N HIS A 214 45.79 -10.39 19.44
CA HIS A 214 46.75 -9.71 20.33
C HIS A 214 46.47 -9.99 21.79
N GLU A 215 45.23 -9.86 22.22
CA GLU A 215 44.87 -10.08 23.64
C GLU A 215 45.05 -11.55 24.08
N ILE A 216 44.66 -12.48 23.20
CA ILE A 216 44.84 -13.90 23.45
C ILE A 216 46.32 -14.23 23.69
N ALA A 217 47.20 -13.67 22.87
CA ALA A 217 48.64 -13.92 23.03
C ALA A 217 49.24 -13.22 24.27
N THR A 218 48.80 -11.99 24.52
CA THR A 218 49.39 -11.15 25.55
C THR A 218 48.97 -11.62 26.94
N LYS A 219 47.75 -12.15 27.03
CA LYS A 219 47.27 -12.69 28.29
C LYS A 219 47.36 -14.21 28.43
N GLY A 220 47.66 -14.93 27.33
CA GLY A 220 47.92 -16.36 27.39
C GLY A 220 46.67 -17.17 27.60
N VAL A 221 45.54 -16.56 27.22
CA VAL A 221 44.26 -17.23 27.28
C VAL A 221 44.31 -18.52 26.49
N ILE A 222 43.84 -19.60 27.11
CA ILE A 222 43.68 -20.88 26.44
C ILE A 222 42.31 -20.95 25.81
N ILE A 223 42.28 -21.39 24.56
CA ILE A 223 41.01 -21.53 23.85
C ILE A 223 40.95 -22.88 23.11
N HIS A 224 39.89 -23.66 23.39
CA HIS A 224 39.65 -24.93 22.72
C HIS A 224 38.23 -24.98 22.14
N ARG A 225 38.12 -25.64 20.98
CA ARG A 225 36.82 -26.05 20.43
C ARG A 225 36.51 -27.46 20.87
N THR A 226 35.25 -27.73 21.14
CA THR A 226 34.73 -29.08 21.26
C THR A 226 33.41 -29.09 20.47
N HIS A 227 32.95 -30.25 20.05
CA HIS A 227 31.68 -30.38 19.30
C HIS A 227 30.54 -30.84 20.18
N ALA A 228 30.86 -31.09 21.44
CA ALA A 228 29.90 -31.55 22.43
C ALA A 228 30.34 -31.05 23.80
N LEU A 229 29.44 -31.14 24.77
CA LEU A 229 29.73 -30.74 26.13
C LEU A 229 30.34 -31.93 26.85
N THR A 230 31.66 -32.01 26.81
CA THR A 230 32.37 -33.22 27.28
C THR A 230 32.53 -33.14 28.79
N ASP A 231 32.93 -34.25 29.40
CA ASP A 231 33.17 -34.29 30.85
C ASP A 231 34.20 -33.26 31.23
N GLU A 232 35.26 -33.13 30.44
CA GLU A 232 36.29 -32.14 30.72
C GLU A 232 35.74 -30.70 30.81
N VAL A 233 34.87 -30.33 29.86
CA VAL A 233 34.25 -29.01 29.87
C VAL A 233 33.40 -28.82 31.14
N MET A 234 32.60 -29.86 31.45
CA MET A 234 31.75 -29.88 32.63
C MET A 234 32.52 -29.74 33.93
N GLN A 235 33.68 -30.36 34.00
CA GLN A 235 34.46 -30.41 35.23
C GLN A 235 35.36 -29.20 35.41
N LYS A 236 35.75 -28.57 34.31
CA LYS A 236 36.67 -27.42 34.41
C LYS A 236 35.97 -26.04 34.40
N SER A 237 34.76 -25.96 33.87
CA SER A 237 34.11 -24.67 33.69
C SER A 237 33.59 -24.03 35.00
N ASP A 238 33.96 -22.76 35.19
CA ASP A 238 33.38 -21.94 36.25
C ASP A 238 32.03 -21.39 35.78
N VAL A 239 31.91 -21.19 34.47
CA VAL A 239 30.72 -20.60 33.87
C VAL A 239 30.33 -21.45 32.66
N LEU A 240 29.09 -21.92 32.64
CA LEU A 240 28.54 -22.60 31.44
C LEU A 240 27.56 -21.64 30.82
N TYR A 241 27.95 -20.99 29.74
CA TYR A 241 27.09 -20.01 29.15
C TYR A 241 26.49 -20.65 27.91
N THR A 242 25.19 -20.92 27.94
CA THR A 242 24.59 -21.63 26.81
C THR A 242 23.59 -20.74 26.04
N THR A 243 23.29 -21.12 24.81
CA THR A 243 22.52 -20.26 23.92
C THR A 243 21.51 -21.04 23.10
N ARG A 244 20.56 -20.31 22.54
CA ARG A 244 19.50 -20.86 21.70
C ARG A 244 19.95 -20.92 20.22
N LEU A 245 19.49 -21.92 19.50
CA LEU A 245 19.69 -21.94 18.07
C LEU A 245 18.91 -20.78 17.45
N GLN A 246 19.58 -19.87 16.80
CA GLN A 246 18.91 -18.72 16.27
C GLN A 246 18.25 -19.07 14.95
N LYS A 247 17.19 -19.85 15.02
CA LYS A 247 16.47 -20.37 13.84
C LYS A 247 16.07 -19.31 12.81
N GLU A 248 15.62 -18.16 13.30
CA GLU A 248 15.16 -17.06 12.46
C GLU A 248 16.27 -16.39 11.67
N ARG A 249 17.51 -16.74 11.94
CA ARG A 249 18.61 -16.12 11.20
C ARG A 249 19.20 -17.00 10.10
N PHE A 250 18.58 -18.16 9.84
CA PHE A 250 19.10 -19.10 8.84
C PHE A 250 18.32 -19.12 7.53
N ASP A 269 26.11 -33.81 21.48
CA ASP A 269 25.01 -33.24 22.26
C ASP A 269 25.51 -32.20 23.26
N ILE A 270 24.72 -31.14 23.41
CA ILE A 270 25.12 -29.98 24.16
C ILE A 270 24.09 -29.61 25.22
N THR A 271 23.07 -30.44 25.41
CA THR A 271 21.99 -30.15 26.33
C THR A 271 22.48 -30.15 27.78
N ILE A 272 22.08 -29.15 28.55
CA ILE A 272 22.38 -29.11 29.99
C ILE A 272 21.11 -29.51 30.71
N ASP A 273 21.19 -30.59 31.47
CA ASP A 273 20.09 -31.07 32.31
C ASP A 273 20.65 -31.52 33.65
N ALA A 274 19.78 -31.93 34.57
CA ALA A 274 20.24 -32.31 35.92
C ALA A 274 21.28 -33.43 35.91
N ALA A 275 21.12 -34.38 34.99
CA ALA A 275 22.06 -35.49 34.86
C ALA A 275 23.44 -34.96 34.45
N ARG A 276 23.50 -34.17 33.38
CA ARG A 276 24.78 -33.55 33.02
C ARG A 276 25.36 -32.69 34.17
N MET A 277 24.49 -32.00 34.91
CA MET A 277 24.94 -31.12 36.00
C MET A 277 25.66 -31.86 37.13
N ARG A 278 25.49 -33.19 37.19
CA ARG A 278 26.18 -34.01 38.20
C ARG A 278 27.70 -34.02 37.97
N LEU A 279 28.13 -33.55 36.82
CA LEU A 279 29.56 -33.44 36.55
C LEU A 279 30.15 -32.07 36.86
N ALA A 280 29.28 -31.08 37.09
CA ALA A 280 29.70 -29.68 37.32
C ALA A 280 30.43 -29.51 38.64
N LYS A 281 31.31 -28.51 38.71
CA LYS A 281 31.92 -28.06 39.98
C LYS A 281 30.85 -27.71 41.02
N GLU A 282 31.18 -27.92 42.29
CA GLU A 282 30.27 -27.52 43.37
C GLU A 282 29.95 -26.03 43.25
N LYS A 283 30.94 -25.23 42.89
CA LYS A 283 30.75 -23.78 42.81
C LYS A 283 31.00 -23.31 41.39
N MET A 284 29.92 -22.97 40.70
CA MET A 284 29.98 -22.51 39.32
C MET A 284 28.61 -21.98 38.95
N ILE A 285 28.45 -21.37 37.80
CA ILE A 285 27.11 -20.94 37.37
C ILE A 285 26.80 -21.38 35.96
N VAL A 286 25.51 -21.63 35.71
CA VAL A 286 25.00 -21.87 34.36
C VAL A 286 24.31 -20.58 33.98
N MET A 287 24.60 -20.10 32.76
CA MET A 287 24.05 -18.84 32.28
C MET A 287 23.41 -19.06 30.92
N HIS A 288 22.48 -18.17 30.58
CA HIS A 288 21.82 -18.21 29.29
C HIS A 288 21.16 -16.83 29.17
N PRO A 289 21.42 -16.11 28.06
CA PRO A 289 20.84 -14.76 27.91
C PRO A 289 19.33 -14.84 27.70
N LEU A 290 18.85 -16.03 27.33
CA LEU A 290 17.42 -16.33 27.11
C LEU A 290 16.85 -15.65 25.82
N PRO A 291 15.68 -16.12 25.30
CA PRO A 291 14.88 -17.25 25.75
C PRO A 291 15.56 -18.59 25.47
N ARG A 292 15.22 -19.61 26.24
CA ARG A 292 15.72 -20.95 26.00
C ARG A 292 14.76 -21.83 25.19
N ASN A 293 15.31 -22.78 24.45
CA ASN A 293 14.56 -23.90 23.95
C ASN A 293 14.99 -25.16 24.72
N ASP A 294 15.27 -26.27 24.01
CA ASP A 294 15.51 -27.57 24.63
C ASP A 294 16.91 -27.75 25.19
N GLU A 295 17.84 -26.88 24.77
CA GLU A 295 19.24 -26.94 25.21
C GLU A 295 19.50 -26.77 26.73
N LEU A 296 18.53 -26.20 27.45
CA LEU A 296 18.66 -25.96 28.88
C LEU A 296 17.37 -26.43 29.53
N SER A 297 17.44 -27.61 30.12
CA SER A 297 16.28 -28.27 30.69
C SER A 297 15.80 -27.57 31.97
N THR A 298 14.47 -27.50 32.13
CA THR A 298 13.87 -27.02 33.37
C THR A 298 14.28 -27.83 34.61
N THR A 299 14.83 -29.03 34.43
CA THR A 299 15.31 -29.81 35.60
C THR A 299 16.52 -29.11 36.26
N VAL A 300 17.10 -28.13 35.57
CA VAL A 300 18.25 -27.39 36.09
C VAL A 300 17.81 -26.22 36.99
N ASP A 301 16.57 -25.76 36.80
CA ASP A 301 16.07 -24.54 37.43
C ASP A 301 16.14 -24.51 38.96
N ALA A 302 16.00 -25.66 39.62
CA ALA A 302 16.01 -25.64 41.07
C ALA A 302 17.43 -25.59 41.66
N ASP A 303 18.42 -25.92 40.84
CA ASP A 303 19.83 -25.94 41.23
C ASP A 303 20.35 -24.53 41.63
N PRO A 304 21.05 -24.43 42.77
CA PRO A 304 21.58 -23.10 43.14
C PRO A 304 22.53 -22.49 42.10
N ARG A 305 23.15 -23.34 41.29
CA ARG A 305 24.07 -22.86 40.25
C ARG A 305 23.36 -22.26 39.04
N ALA A 306 22.05 -22.47 38.94
CA ALA A 306 21.27 -21.90 37.85
C ALA A 306 21.12 -20.43 38.09
N ALA A 307 21.85 -19.62 37.32
CA ALA A 307 21.84 -18.17 37.52
C ALA A 307 21.16 -17.42 36.38
N TYR A 308 20.60 -18.12 35.42
CA TYR A 308 19.98 -17.47 34.26
C TYR A 308 18.68 -16.69 34.54
N PHE A 309 18.04 -16.95 35.68
CA PHE A 309 16.96 -16.08 36.12
C PHE A 309 17.51 -14.83 36.81
N ARG A 310 18.51 -15.00 37.69
CA ARG A 310 19.10 -13.83 38.37
C ARG A 310 19.78 -12.90 37.36
N GLN A 311 20.29 -13.51 36.28
CA GLN A 311 20.92 -12.79 35.21
C GLN A 311 19.97 -11.73 34.64
N MET A 312 18.67 -12.04 34.52
CA MET A 312 17.70 -11.05 34.03
C MET A 312 17.60 -9.82 34.91
N ARG A 313 17.67 -10.04 36.23
CA ARG A 313 17.57 -8.94 37.19
C ARG A 313 18.84 -8.07 37.22
N TYR A 314 20.02 -8.69 37.17
CA TYR A 314 21.27 -7.93 36.96
C TYR A 314 21.17 -7.09 35.69
N GLY A 315 20.56 -7.67 34.64
CA GLY A 315 20.24 -6.93 33.42
C GLY A 315 19.60 -5.57 33.68
N MET A 316 18.53 -5.54 34.49
CA MET A 316 17.85 -4.27 34.80
C MET A 316 18.84 -3.32 35.45
N PHE A 317 19.54 -3.78 36.48
CA PHE A 317 20.47 -2.89 37.22
C PHE A 317 21.66 -2.41 36.40
N MET A 318 22.20 -3.28 35.54
CA MET A 318 23.22 -2.83 34.57
C MET A 318 22.66 -1.76 33.63
N ARG A 319 21.40 -1.92 33.22
CA ARG A 319 20.82 -0.94 32.29
C ARG A 319 20.46 0.38 32.98
N MET A 320 20.15 0.31 34.26
CA MET A 320 20.10 1.54 35.07
C MET A 320 21.44 2.27 35.08
N ALA A 321 22.51 1.50 35.30
CA ALA A 321 23.86 2.09 35.45
C ALA A 321 24.27 2.72 34.15
N ILE A 322 23.90 2.05 33.05
CA ILE A 322 24.22 2.51 31.71
C ILE A 322 23.44 3.75 31.33
N LEU A 323 22.13 3.70 31.50
CA LEU A 323 21.27 4.85 31.22
C LEU A 323 21.63 6.08 32.00
N TRP A 324 21.94 5.89 33.27
CA TRP A 324 22.27 7.04 34.13
C TRP A 324 23.56 7.64 33.63
N SER A 325 24.51 6.78 33.28
CA SER A 325 25.83 7.23 32.83
C SER A 325 25.76 7.95 31.48
N VAL A 326 24.94 7.44 30.56
CA VAL A 326 24.79 8.06 29.26
C VAL A 326 24.17 9.45 29.36
N LEU A 327 23.19 9.61 30.26
CA LEU A 327 22.36 10.84 30.34
C LEU A 327 22.70 11.83 31.48
N ALA A 328 23.52 11.42 32.43
CA ALA A 328 23.90 12.33 33.51
C ALA A 328 24.54 13.62 33.00
N GLY B 1 -11.64 16.81 49.22
CA GLY B 1 -11.36 15.43 49.77
C GLY B 1 -9.97 15.28 50.39
N SER B 2 -9.31 16.43 50.57
CA SER B 2 -7.91 16.49 50.97
C SER B 2 -7.64 15.93 52.40
N MET B 3 -8.66 15.95 53.25
CA MET B 3 -8.51 15.46 54.63
C MET B 3 -8.85 13.98 54.85
N LEU B 4 -9.35 13.30 53.81
CA LEU B 4 -9.61 11.85 53.87
C LEU B 4 -8.30 11.07 53.93
N GLU B 5 -8.28 10.06 54.79
CA GLU B 5 -7.11 9.21 54.92
C GLU B 5 -7.20 8.14 53.80
N LEU B 6 -6.04 7.58 53.38
CA LEU B 6 -6.05 6.44 52.44
C LEU B 6 -5.40 5.23 53.09
N PRO B 7 -6.07 4.64 54.08
CA PRO B 7 -5.40 3.52 54.74
C PRO B 7 -5.41 2.32 53.81
N PRO B 8 -4.26 1.70 53.57
CA PRO B 8 -4.30 0.52 52.70
C PRO B 8 -5.03 -0.62 53.40
N VAL B 9 -5.65 -1.53 52.65
CA VAL B 9 -6.28 -2.69 53.28
C VAL B 9 -5.21 -3.75 53.61
N ALA B 10 -4.84 -3.83 54.89
CA ALA B 10 -3.68 -4.60 55.35
C ALA B 10 -3.66 -6.10 54.94
N SER B 11 -4.81 -6.77 55.03
CA SER B 11 -4.91 -8.18 54.64
C SER B 11 -4.60 -8.48 53.16
N LEU B 12 -4.55 -7.45 52.30
CA LEU B 12 -4.19 -7.59 50.88
C LEU B 12 -2.68 -7.43 50.57
N LYS B 13 -1.93 -6.90 51.55
CA LYS B 13 -0.54 -6.55 51.37
C LYS B 13 0.30 -7.70 50.86
N GLY B 14 1.03 -7.45 49.77
CA GLY B 14 1.91 -8.45 49.17
C GLY B 14 1.26 -9.75 48.73
N LYS B 15 -0.05 -9.77 48.55
CA LYS B 15 -0.66 -11.04 48.18
C LYS B 15 -1.20 -11.01 46.76
N SER B 16 -1.13 -12.14 46.09
CA SER B 16 -1.74 -12.31 44.78
C SER B 16 -3.26 -12.39 44.91
N ILE B 17 -3.94 -11.92 43.88
CA ILE B 17 -5.40 -11.99 43.85
C ILE B 17 -5.86 -12.93 42.75
N THR B 18 -6.45 -14.06 43.15
CA THR B 18 -6.84 -15.10 42.18
C THR B 18 -8.35 -15.38 42.15
N SER B 19 -9.00 -15.20 43.30
CA SER B 19 -10.40 -15.61 43.45
C SER B 19 -11.18 -14.64 44.31
N ALA B 20 -12.47 -14.48 44.01
CA ALA B 20 -13.40 -13.79 44.89
C ALA B 20 -13.53 -14.47 46.26
N GLU B 21 -13.19 -15.77 46.33
CA GLU B 21 -13.22 -16.50 47.62
C GLU B 21 -12.21 -15.98 48.65
N GLN B 22 -11.20 -15.24 48.20
CA GLN B 22 -10.13 -14.72 49.07
C GLN B 22 -10.56 -13.69 50.08
N PHE B 23 -11.64 -12.98 49.81
CA PHE B 23 -11.94 -11.78 50.54
C PHE B 23 -13.02 -12.01 51.59
N SER B 24 -12.90 -11.30 52.72
CA SER B 24 -13.98 -11.28 53.74
C SER B 24 -14.93 -10.10 53.51
N ARG B 25 -16.08 -10.11 54.19
CA ARG B 25 -16.97 -8.94 54.18
C ARG B 25 -16.22 -7.66 54.57
N ALA B 26 -15.39 -7.74 55.61
CA ALA B 26 -14.63 -6.57 56.07
C ALA B 26 -13.56 -6.10 55.05
N ASP B 27 -12.95 -7.02 54.30
CA ASP B 27 -12.00 -6.61 53.26
C ASP B 27 -12.75 -5.77 52.22
N ILE B 28 -13.92 -6.27 51.81
CA ILE B 28 -14.69 -5.67 50.72
C ILE B 28 -15.18 -4.28 51.08
N TYR B 29 -15.74 -4.13 52.27
CA TYR B 29 -16.17 -2.83 52.76
C TYR B 29 -15.00 -1.89 52.82
N ALA B 30 -13.87 -2.38 53.29
CA ALA B 30 -12.70 -1.52 53.43
C ALA B 30 -12.15 -1.10 52.05
N LEU B 31 -12.25 -1.98 51.05
CA LEU B 31 -11.88 -1.64 49.69
C LEU B 31 -12.87 -0.66 49.07
N ILE B 32 -14.14 -0.81 49.42
CA ILE B 32 -15.17 0.10 48.96
C ILE B 32 -14.93 1.53 49.48
N HIS B 33 -14.70 1.66 50.79
CA HIS B 33 -14.39 2.96 51.42
C HIS B 33 -13.11 3.57 50.89
N LEU B 34 -12.05 2.78 50.77
CA LEU B 34 -10.84 3.23 50.09
C LEU B 34 -11.06 3.73 48.65
N ALA B 35 -11.75 2.95 47.83
CA ALA B 35 -12.04 3.38 46.45
C ALA B 35 -12.85 4.67 46.44
N SER B 36 -13.84 4.75 47.32
CA SER B 36 -14.63 5.94 47.44
C SER B 36 -13.76 7.17 47.72
N ALA B 37 -12.80 7.03 48.64
CA ALA B 37 -11.88 8.13 48.98
C ALA B 37 -10.93 8.43 47.81
N MET B 38 -10.39 7.39 47.16
CA MET B 38 -9.66 7.57 45.90
C MET B 38 -10.45 8.44 44.91
N GLN B 39 -11.73 8.11 44.69
CA GLN B 39 -12.58 8.84 43.76
C GLN B 39 -12.69 10.31 44.15
N ARG B 40 -13.01 10.56 45.42
CA ARG B 40 -13.10 11.92 45.95
C ARG B 40 -11.87 12.77 45.66
N LYS B 41 -10.69 12.23 45.95
CA LYS B 41 -9.45 12.99 45.77
C LYS B 41 -9.10 13.25 44.30
N ILE B 42 -9.21 12.19 43.49
CA ILE B 42 -8.92 12.30 42.07
C ILE B 42 -9.87 13.30 41.42
N ASP B 43 -11.17 13.18 41.71
CA ASP B 43 -12.17 14.11 41.17
C ASP B 43 -11.97 15.57 41.57
N ALA B 44 -11.44 15.77 42.78
CA ALA B 44 -11.10 17.10 43.24
C ALA B 44 -9.78 17.56 42.60
N GLY B 45 -9.16 16.71 41.79
CA GLY B 45 -7.92 17.07 41.07
C GLY B 45 -6.66 16.90 41.90
N GLU B 46 -6.74 16.16 42.98
CA GLU B 46 -5.58 15.92 43.81
C GLU B 46 -4.67 14.90 43.15
N VAL B 47 -3.36 15.09 43.33
CA VAL B 47 -2.31 14.28 42.75
C VAL B 47 -1.76 13.34 43.83
N LEU B 48 -1.83 12.04 43.56
CA LEU B 48 -1.36 11.04 44.48
C LEU B 48 0.02 10.57 44.07
N ASN B 49 0.87 10.44 45.07
CA ASN B 49 2.22 9.97 44.84
C ASN B 49 2.56 8.80 45.75
N LEU B 50 1.62 7.87 45.92
CA LEU B 50 1.77 6.74 46.82
C LEU B 50 2.71 5.66 46.27
N LEU B 51 2.66 5.41 44.95
CA LEU B 51 3.41 4.30 44.35
C LEU B 51 4.55 4.73 43.43
N GLN B 52 5.10 5.91 43.65
CA GLN B 52 6.22 6.37 42.85
C GLN B 52 7.31 5.29 42.81
N GLY B 53 7.86 5.04 41.64
CA GLY B 53 8.94 4.05 41.47
C GLY B 53 8.56 2.58 41.58
N ARG B 54 7.27 2.28 41.66
CA ARG B 54 6.76 0.91 41.63
C ARG B 54 6.24 0.64 40.22
N ILE B 55 6.47 -0.57 39.72
CA ILE B 55 6.12 -0.92 38.34
C ILE B 55 5.01 -1.97 38.27
N MET B 56 3.99 -1.70 37.47
CA MET B 56 3.04 -2.73 37.11
C MET B 56 3.30 -3.21 35.68
N THR B 57 3.34 -4.54 35.48
CA THR B 57 3.40 -5.07 34.11
C THR B 57 2.15 -5.85 33.76
N PRO B 58 1.43 -5.41 32.72
CA PRO B 58 0.27 -6.14 32.20
C PRO B 58 0.70 -7.33 31.34
N LEU B 59 0.14 -8.50 31.61
CA LEU B 59 0.41 -9.67 30.77
C LEU B 59 -0.90 -10.16 30.19
N PHE B 60 -1.27 -9.59 29.05
CA PHE B 60 -2.56 -9.89 28.52
C PHE B 60 -2.39 -10.80 27.34
N PHE B 61 -2.79 -12.06 27.55
CA PHE B 61 -2.74 -13.08 26.51
C PHE B 61 -4.08 -13.22 25.78
N GLU B 62 -5.11 -12.50 26.22
CA GLU B 62 -6.33 -12.31 25.39
C GLU B 62 -6.69 -10.83 25.40
N ASP B 63 -7.65 -10.46 24.55
CA ASP B 63 -8.08 -9.09 24.37
C ASP B 63 -8.69 -8.44 25.63
N SER B 64 -8.57 -7.12 25.71
CA SER B 64 -9.12 -6.36 26.80
C SER B 64 -9.12 -4.89 26.39
N SER B 65 -10.21 -4.17 26.68
CA SER B 65 -10.16 -2.69 26.71
C SER B 65 -10.20 -2.13 28.14
N ARG B 66 -11.23 -2.51 28.91
CA ARG B 66 -11.47 -1.94 30.24
C ARG B 66 -10.46 -2.40 31.25
N THR B 67 -10.24 -3.67 31.36
CA THR B 67 -9.41 -4.19 32.40
C THR B 67 -7.96 -3.80 32.30
N PHE B 68 -7.41 -3.89 31.11
CA PHE B 68 -6.08 -3.37 30.80
C PHE B 68 -6.00 -1.86 31.12
N SER B 69 -6.94 -1.08 30.58
CA SER B 69 -6.88 0.40 30.68
C SER B 69 -7.09 0.91 32.12
N SER B 70 -8.03 0.30 32.84
CA SER B 70 -8.34 0.75 34.19
C SER B 70 -7.15 0.45 35.10
N PHE B 71 -6.50 -0.70 34.88
CA PHE B 71 -5.34 -1.07 35.69
C PHE B 71 -4.16 -0.13 35.47
N CYS B 72 -3.85 0.14 34.20
CA CYS B 72 -2.85 1.13 33.83
C CYS B 72 -3.15 2.51 34.44
N ALA B 73 -4.34 3.04 34.14
CA ALA B 73 -4.79 4.31 34.67
C ALA B 73 -4.69 4.33 36.19
N ALA B 74 -5.21 3.28 36.84
CA ALA B 74 -5.17 3.17 38.31
C ALA B 74 -3.75 3.23 38.84
N MET B 75 -2.84 2.44 38.28
CA MET B 75 -1.41 2.51 38.62
C MET B 75 -0.82 3.93 38.48
N ILE B 76 -1.05 4.55 37.33
CA ILE B 76 -0.56 5.90 37.08
C ILE B 76 -1.13 6.90 38.09
N ARG B 77 -2.43 6.82 38.37
CA ARG B 77 -3.06 7.79 39.26
C ARG B 77 -2.66 7.60 40.71
N LEU B 78 -1.99 6.49 40.99
CA LEU B 78 -1.32 6.29 42.29
C LEU B 78 0.11 6.76 42.28
N GLY B 79 0.59 7.30 41.15
CA GLY B 79 1.98 7.75 41.04
C GLY B 79 2.93 6.63 40.59
N GLY B 80 2.35 5.47 40.24
CA GLY B 80 3.11 4.34 39.76
C GLY B 80 3.39 4.38 38.26
N SER B 81 4.15 3.39 37.80
CA SER B 81 4.52 3.31 36.42
C SER B 81 4.14 1.92 35.87
N VAL B 82 4.05 1.82 34.55
CA VAL B 82 3.66 0.61 33.81
C VAL B 82 4.72 0.27 32.77
N VAL B 83 5.11 -0.99 32.68
CA VAL B 83 5.94 -1.43 31.56
C VAL B 83 5.03 -2.10 30.54
N ASN B 84 5.03 -1.58 29.34
CA ASN B 84 4.07 -1.99 28.30
C ASN B 84 4.51 -3.19 27.51
N PHE B 85 4.57 -4.34 28.17
CA PHE B 85 4.95 -5.59 27.55
C PHE B 85 3.79 -6.15 26.73
N LYS B 86 4.10 -6.58 25.51
CA LYS B 86 3.10 -7.03 24.54
C LYS B 86 3.52 -8.39 24.02
N VAL B 87 2.62 -9.35 24.17
CA VAL B 87 2.85 -10.76 23.81
C VAL B 87 3.22 -10.97 22.35
N GLU B 88 2.57 -10.25 21.44
CA GLU B 88 2.69 -10.53 20.01
C GLU B 88 4.06 -10.18 19.40
N ALA B 89 4.79 -9.26 20.05
CA ALA B 89 6.12 -8.88 19.57
C ALA B 89 7.21 -9.32 20.56
N SER B 90 6.89 -10.34 21.36
CA SER B 90 7.73 -10.81 22.45
C SER B 90 8.62 -12.02 22.12
N SER B 91 9.39 -12.46 23.10
CA SER B 91 10.28 -13.58 22.86
C SER B 91 9.58 -14.95 22.90
N ILE B 92 8.26 -14.93 23.09
CA ILE B 92 7.41 -16.09 22.89
C ILE B 92 7.50 -16.56 21.44
N ASN B 93 7.71 -15.62 20.52
CA ASN B 93 7.94 -15.98 19.12
C ASN B 93 9.26 -16.72 18.88
N LYS B 94 10.18 -16.64 19.85
CA LYS B 94 11.43 -17.41 19.82
C LYS B 94 11.29 -18.78 20.50
N GLY B 95 10.08 -19.13 20.95
CA GLY B 95 9.83 -20.42 21.60
C GLY B 95 9.73 -20.38 23.13
N GLU B 96 9.83 -19.20 23.74
CA GLU B 96 9.71 -19.07 25.22
C GLU B 96 8.40 -19.65 25.78
N THR B 97 8.46 -20.28 26.95
CA THR B 97 7.29 -20.86 27.58
C THR B 97 6.60 -19.81 28.45
N LEU B 98 5.36 -20.10 28.86
CA LEU B 98 4.57 -19.19 29.67
C LEU B 98 5.31 -18.95 30.99
N ALA B 99 5.84 -20.01 31.58
CA ALA B 99 6.56 -19.93 32.86
C ALA B 99 7.81 -19.05 32.79
N ASP B 100 8.59 -19.16 31.71
CA ASP B 100 9.77 -18.31 31.58
C ASP B 100 9.42 -16.83 31.34
N THR B 101 8.25 -16.61 30.75
CA THR B 101 7.74 -15.27 30.45
C THR B 101 7.32 -14.56 31.72
N ILE B 102 6.66 -15.28 32.61
CA ILE B 102 6.30 -14.78 33.94
C ILE B 102 7.57 -14.46 34.69
N ARG B 103 8.49 -15.42 34.74
CA ARG B 103 9.77 -15.19 35.43
C ARG B 103 10.45 -13.93 34.88
N THR B 104 10.37 -13.74 33.58
CA THR B 104 11.00 -12.60 32.95
C THR B 104 10.40 -11.27 33.45
N LEU B 105 9.09 -11.08 33.23
CA LEU B 105 8.46 -9.85 33.71
C LEU B 105 8.54 -9.69 35.26
N ASP B 106 8.52 -10.80 35.97
CA ASP B 106 8.65 -10.81 37.44
C ASP B 106 10.00 -10.26 37.91
N SER B 107 11.05 -10.37 37.09
CA SER B 107 12.35 -9.77 37.41
C SER B 107 12.36 -8.23 37.53
N TYR B 108 11.38 -7.56 36.91
CA TYR B 108 11.44 -6.10 36.71
C TYR B 108 10.35 -5.37 37.48
N SER B 109 9.33 -6.12 37.90
CA SER B 109 8.05 -5.55 38.29
C SER B 109 7.77 -5.73 39.76
N ASP B 110 6.83 -4.94 40.26
CA ASP B 110 6.33 -5.03 41.64
C ASP B 110 5.03 -5.79 41.69
N VAL B 111 4.30 -5.80 40.57
CA VAL B 111 3.06 -6.55 40.46
C VAL B 111 2.81 -6.89 39.00
N LEU B 112 2.23 -8.08 38.77
CA LEU B 112 1.84 -8.50 37.44
C LEU B 112 0.32 -8.58 37.33
N VAL B 113 -0.24 -8.01 36.28
CA VAL B 113 -1.67 -8.16 36.04
C VAL B 113 -1.83 -9.09 34.83
N MET B 114 -2.42 -10.25 35.06
CA MET B 114 -2.40 -11.32 34.06
C MET B 114 -3.82 -11.78 33.65
N ARG B 115 -4.04 -11.81 32.33
CA ARG B 115 -5.22 -12.38 31.69
C ARG B 115 -4.77 -13.47 30.71
N HIS B 116 -5.44 -14.63 30.77
CA HIS B 116 -5.06 -15.78 29.97
C HIS B 116 -6.24 -16.68 29.64
N PRO B 117 -6.29 -17.21 28.40
CA PRO B 117 -7.37 -18.10 27.98
C PRO B 117 -7.45 -19.45 28.72
N ARG B 118 -6.35 -19.89 29.33
CA ARG B 118 -6.35 -21.15 30.08
C ARG B 118 -6.70 -20.88 31.52
N GLN B 119 -7.64 -21.65 32.04
CA GLN B 119 -8.08 -21.50 33.42
C GLN B 119 -6.94 -21.76 34.42
N ASP B 120 -6.08 -22.74 34.11
CA ASP B 120 -4.95 -23.11 34.96
C ASP B 120 -3.70 -22.20 34.81
N ALA B 121 -3.74 -21.22 33.90
CA ALA B 121 -2.54 -20.43 33.62
C ALA B 121 -2.03 -19.59 34.81
N ILE B 122 -2.94 -19.03 35.62
CA ILE B 122 -2.48 -18.24 36.75
C ILE B 122 -1.92 -19.06 37.94
N GLU B 123 -2.41 -20.28 38.18
CA GLU B 123 -1.74 -21.15 39.15
C GLU B 123 -0.31 -21.42 38.69
N GLU B 124 -0.14 -21.63 37.40
CA GLU B 124 1.19 -21.83 36.83
C GLU B 124 2.11 -20.62 37.05
N ALA B 125 1.57 -19.43 36.81
CA ALA B 125 2.29 -18.19 37.04
C ALA B 125 2.64 -18.04 38.51
N LEU B 126 1.67 -18.36 39.37
CA LEU B 126 1.83 -18.26 40.81
C LEU B 126 2.98 -19.12 41.32
N SER B 127 3.18 -20.28 40.69
CA SER B 127 4.19 -21.22 41.14
C SER B 127 5.62 -20.79 40.81
N VAL B 128 5.77 -19.77 39.96
CA VAL B 128 7.12 -19.29 39.64
C VAL B 128 7.38 -17.82 39.98
N ALA B 129 6.32 -17.03 40.17
CA ALA B 129 6.48 -15.61 40.47
C ALA B 129 6.76 -15.30 41.95
N GLN B 130 7.66 -14.34 42.18
CA GLN B 130 7.96 -13.85 43.54
C GLN B 130 6.98 -12.72 43.88
N HIS B 131 6.63 -11.90 42.89
CA HIS B 131 5.79 -10.74 43.14
C HIS B 131 4.31 -11.11 42.93
N PRO B 132 3.41 -10.32 43.54
CA PRO B 132 1.98 -10.54 43.43
C PRO B 132 1.53 -10.58 41.99
N ILE B 133 0.55 -11.44 41.71
CA ILE B 133 -0.07 -11.52 40.42
C ILE B 133 -1.54 -11.28 40.64
N LEU B 134 -2.11 -10.37 39.87
CA LEU B 134 -3.55 -10.10 39.95
C LEU B 134 -4.25 -10.77 38.76
N ASN B 135 -5.21 -11.64 39.06
CA ASN B 135 -5.99 -12.34 38.05
C ASN B 135 -7.01 -11.43 37.34
N ALA B 136 -6.68 -11.06 36.09
CA ALA B 136 -7.52 -10.22 35.23
C ALA B 136 -8.42 -11.05 34.31
N GLY B 137 -8.48 -12.35 34.60
CA GLY B 137 -9.35 -13.25 33.86
C GLY B 137 -8.59 -14.48 33.42
N ASN B 138 -9.03 -15.64 33.92
CA ASN B 138 -8.42 -16.93 33.62
C ASN B 138 -9.41 -17.86 32.90
N GLY B 139 -9.46 -17.72 31.58
CA GLY B 139 -10.39 -18.51 30.77
C GLY B 139 -11.80 -18.23 31.22
N ALA B 140 -12.62 -19.29 31.32
CA ALA B 140 -13.99 -19.18 31.82
C ALA B 140 -14.06 -19.30 33.34
N GLY B 141 -12.93 -19.08 34.02
CA GLY B 141 -12.86 -19.32 35.46
C GLY B 141 -13.34 -18.17 36.32
N GLU B 142 -12.47 -17.20 36.59
CA GLU B 142 -12.84 -16.08 37.44
C GLU B 142 -12.32 -14.76 36.96
N HIS B 143 -12.80 -13.71 37.63
CA HIS B 143 -12.40 -12.33 37.32
C HIS B 143 -12.61 -11.56 38.62
N PRO B 144 -11.76 -11.80 39.61
CA PRO B 144 -12.12 -11.37 40.97
C PRO B 144 -12.19 -9.86 41.17
N THR B 145 -11.45 -9.08 40.38
CA THR B 145 -11.51 -7.63 40.54
C THR B 145 -12.71 -7.01 39.84
N GLN B 146 -13.21 -7.67 38.79
CA GLN B 146 -14.51 -7.29 38.26
C GLN B 146 -15.53 -7.43 39.38
N ALA B 147 -15.53 -8.57 40.07
CA ALA B 147 -16.50 -8.80 41.17
C ALA B 147 -16.45 -7.66 42.20
N LEU B 148 -15.24 -7.26 42.55
CA LEU B 148 -15.05 -6.17 43.50
C LEU B 148 -15.60 -4.85 42.99
N LEU B 149 -15.34 -4.51 41.72
CA LEU B 149 -15.77 -3.23 41.23
C LEU B 149 -17.29 -3.23 41.01
N ASP B 150 -17.83 -4.41 40.67
CA ASP B 150 -19.26 -4.60 40.44
C ASP B 150 -20.00 -4.33 41.75
N THR B 151 -19.48 -4.88 42.83
CA THR B 151 -20.02 -4.66 44.16
C THR B 151 -19.91 -3.20 44.60
N LEU B 152 -18.76 -2.58 44.37
CA LEU B 152 -18.63 -1.14 44.56
C LEU B 152 -19.76 -0.40 43.82
N THR B 153 -20.03 -0.81 42.57
CA THR B 153 -21.02 -0.14 41.73
C THR B 153 -22.38 -0.27 42.38
N ILE B 154 -22.72 -1.48 42.81
CA ILE B 154 -23.99 -1.72 43.46
C ILE B 154 -24.14 -0.85 44.70
N HIS B 155 -23.13 -0.88 45.56
CA HIS B 155 -23.15 -0.15 46.82
C HIS B 155 -23.29 1.36 46.61
N SER B 156 -22.67 1.89 45.57
CA SER B 156 -22.64 3.34 45.39
C SER B 156 -23.92 3.81 44.72
N GLU B 157 -24.53 2.94 43.94
CA GLU B 157 -25.69 3.33 43.19
C GLU B 157 -26.91 3.17 44.06
N LEU B 158 -27.02 2.02 44.73
CA LEU B 158 -28.23 1.68 45.46
C LEU B 158 -28.13 1.98 46.96
N GLY B 159 -26.90 2.10 47.46
CA GLY B 159 -26.71 2.41 48.89
C GLY B 159 -26.44 1.22 49.79
N SER B 160 -26.77 0.01 49.34
CA SER B 160 -26.44 -1.22 50.09
C SER B 160 -26.38 -2.46 49.21
N VAL B 161 -25.83 -3.54 49.75
CA VAL B 161 -25.72 -4.79 49.00
C VAL B 161 -26.56 -5.85 49.67
N ASP B 162 -26.45 -5.94 50.99
CA ASP B 162 -27.38 -6.76 51.78
C ASP B 162 -28.82 -6.46 51.33
N GLY B 163 -29.64 -7.51 51.24
CA GLY B 163 -31.07 -7.33 50.94
C GLY B 163 -31.49 -7.18 49.47
N ILE B 164 -30.52 -7.13 48.56
CA ILE B 164 -30.87 -6.97 47.12
C ILE B 164 -31.37 -8.25 46.48
N THR B 165 -32.12 -8.06 45.40
CA THR B 165 -32.44 -9.10 44.49
C THR B 165 -31.69 -8.79 43.23
N ILE B 166 -30.93 -9.77 42.71
CA ILE B 166 -30.09 -9.52 41.53
C ILE B 166 -30.29 -10.59 40.47
N ALA B 167 -30.44 -10.16 39.22
CA ALA B 167 -30.49 -11.13 38.15
C ALA B 167 -29.18 -11.13 37.40
N LEU B 168 -28.59 -12.31 37.29
CA LEU B 168 -27.40 -12.53 36.47
C LEU B 168 -27.92 -13.14 35.17
N ILE B 169 -27.63 -12.47 34.06
CA ILE B 169 -28.29 -12.75 32.80
C ILE B 169 -27.28 -13.04 31.70
N GLY B 170 -27.54 -14.08 30.93
CA GLY B 170 -26.85 -14.31 29.68
C GLY B 170 -26.02 -15.56 29.72
N ASP B 171 -24.76 -15.45 29.32
CA ASP B 171 -23.89 -16.60 29.26
C ASP B 171 -23.26 -16.81 30.66
N LEU B 172 -23.99 -17.52 31.51
CA LEU B 172 -23.52 -17.75 32.90
C LEU B 172 -22.46 -18.86 32.96
N LYS B 173 -22.48 -19.74 31.96
CA LYS B 173 -21.55 -20.87 31.89
C LYS B 173 -20.12 -20.39 31.66
N MET B 174 -19.92 -19.57 30.64
CA MET B 174 -18.59 -19.08 30.31
C MET B 174 -18.24 -17.70 30.92
N GLY B 175 -19.19 -17.05 31.59
CA GLY B 175 -18.97 -15.72 32.16
C GLY B 175 -18.20 -15.79 33.46
N ARG B 176 -16.88 -15.59 33.39
CA ARG B 176 -16.04 -15.52 34.58
C ARG B 176 -16.47 -14.37 35.51
N THR B 177 -17.10 -13.36 34.91
CA THR B 177 -17.56 -12.22 35.68
C THR B 177 -18.63 -12.67 36.68
N VAL B 178 -19.64 -13.38 36.18
CA VAL B 178 -20.74 -13.87 37.04
C VAL B 178 -20.30 -15.01 37.96
N HIS B 179 -19.22 -15.73 37.61
CA HIS B 179 -18.67 -16.71 38.54
C HIS B 179 -18.17 -16.01 39.79
N SER B 180 -17.28 -15.03 39.61
CA SER B 180 -16.68 -14.27 40.72
C SER B 180 -17.74 -13.49 41.48
N LEU B 181 -18.66 -12.88 40.76
CA LEU B 181 -19.64 -11.99 41.39
C LEU B 181 -20.58 -12.73 42.35
N LEU B 182 -21.18 -13.82 41.87
CA LEU B 182 -22.02 -14.67 42.71
C LEU B 182 -21.27 -15.15 43.96
N LYS B 183 -20.02 -15.57 43.78
CA LYS B 183 -19.20 -16.02 44.93
C LYS B 183 -19.05 -14.89 45.93
N LEU B 184 -18.61 -13.74 45.46
CA LEU B 184 -18.36 -12.57 46.31
C LEU B 184 -19.64 -12.11 47.00
N LEU B 185 -20.76 -12.19 46.31
CA LEU B 185 -22.03 -11.72 46.90
C LEU B 185 -22.58 -12.70 47.94
N VAL B 186 -22.70 -13.97 47.55
CA VAL B 186 -23.28 -14.99 48.42
C VAL B 186 -22.42 -15.25 49.66
N ARG B 187 -21.10 -15.24 49.49
CA ARG B 187 -20.21 -15.47 50.63
C ARG B 187 -20.20 -14.34 51.70
N ASN B 188 -20.44 -13.09 51.31
CA ASN B 188 -20.15 -11.97 52.22
C ASN B 188 -21.33 -11.03 52.56
N PHE B 189 -22.46 -11.27 51.91
CA PHE B 189 -23.60 -10.38 52.07
C PHE B 189 -24.83 -11.18 52.26
N SER B 190 -25.89 -10.52 52.73
CA SER B 190 -27.19 -11.17 52.91
C SER B 190 -28.10 -10.96 51.70
N ILE B 191 -27.70 -11.54 50.58
CA ILE B 191 -28.47 -11.37 49.36
C ILE B 191 -29.87 -11.93 49.62
N LYS B 192 -30.90 -11.20 49.20
CA LYS B 192 -32.27 -11.70 49.32
C LYS B 192 -32.53 -12.79 48.30
N CYS B 193 -32.22 -12.51 47.03
CA CYS B 193 -32.62 -13.37 45.94
C CYS B 193 -31.74 -13.20 44.70
N VAL B 194 -31.41 -14.32 44.06
CA VAL B 194 -30.60 -14.32 42.85
C VAL B 194 -31.38 -15.00 41.72
N PHE B 195 -31.73 -14.25 40.68
CA PHE B 195 -32.28 -14.83 39.45
C PHE B 195 -31.13 -15.21 38.52
N LEU B 196 -31.09 -16.48 38.13
CA LEU B 196 -30.11 -16.95 37.18
C LEU B 196 -30.83 -17.16 35.86
N VAL B 197 -30.62 -16.20 34.97
CA VAL B 197 -31.37 -16.07 33.73
C VAL B 197 -30.48 -16.44 32.56
N ALA B 198 -30.73 -17.62 31.99
CA ALA B 198 -29.94 -18.09 30.86
C ALA B 198 -30.62 -19.25 30.14
N PRO B 199 -30.36 -19.39 28.82
CA PRO B 199 -30.78 -20.62 28.17
C PRO B 199 -30.13 -21.78 28.89
N ASP B 200 -30.83 -22.91 28.94
CA ASP B 200 -30.34 -24.13 29.57
C ASP B 200 -28.87 -24.47 29.28
N ALA B 201 -28.44 -24.34 28.04
CA ALA B 201 -27.03 -24.63 27.66
C ALA B 201 -25.96 -23.78 28.39
N LEU B 202 -26.37 -22.61 28.85
CA LEU B 202 -25.45 -21.58 29.35
C LEU B 202 -25.69 -21.22 30.82
N GLN B 203 -26.33 -22.12 31.57
CA GLN B 203 -26.60 -21.88 32.98
C GLN B 203 -25.35 -21.83 33.84
N MET B 204 -25.47 -21.14 34.98
CA MET B 204 -24.42 -21.08 36.00
C MET B 204 -23.92 -22.49 36.33
N PRO B 205 -22.61 -22.73 36.25
CA PRO B 205 -22.15 -24.11 36.45
C PRO B 205 -22.27 -24.59 37.91
N GLN B 206 -22.34 -25.91 38.05
CA GLN B 206 -22.41 -26.61 39.32
C GLN B 206 -21.18 -26.35 40.21
N ASP B 207 -19.98 -26.25 39.62
CA ASP B 207 -18.77 -25.97 40.39
C ASP B 207 -18.74 -24.56 41.05
N VAL B 208 -19.66 -23.69 40.65
CA VAL B 208 -19.84 -22.43 41.32
C VAL B 208 -20.96 -22.53 42.39
N LEU B 209 -22.11 -23.10 42.02
CA LEU B 209 -23.26 -23.18 42.94
C LEU B 209 -23.02 -24.05 44.18
N GLU B 210 -22.48 -25.25 43.97
CA GLU B 210 -22.28 -26.23 45.02
C GLU B 210 -21.46 -25.76 46.23
N PRO B 211 -20.23 -25.23 46.02
CA PRO B 211 -19.46 -24.78 47.18
C PRO B 211 -20.18 -23.71 47.98
N LEU B 212 -21.20 -23.10 47.37
CA LEU B 212 -22.00 -22.05 48.01
C LEU B 212 -23.20 -22.57 48.81
N GLN B 213 -23.54 -23.84 48.63
CA GLN B 213 -24.78 -24.41 49.19
C GLN B 213 -24.95 -24.15 50.70
N HIS B 214 -23.89 -24.30 51.49
CA HIS B 214 -23.96 -24.05 52.94
C HIS B 214 -24.39 -22.60 53.26
N GLU B 215 -23.77 -21.65 52.56
CA GLU B 215 -24.06 -20.22 52.70
C GLU B 215 -25.42 -19.82 52.16
N ILE B 216 -25.78 -20.34 50.98
CA ILE B 216 -27.15 -20.20 50.47
C ILE B 216 -28.19 -20.65 51.50
N ALA B 217 -27.99 -21.82 52.10
CA ALA B 217 -28.93 -22.34 53.09
C ALA B 217 -28.97 -21.55 54.40
N THR B 218 -27.80 -21.30 55.02
CA THR B 218 -27.81 -20.65 56.35
C THR B 218 -28.26 -19.19 56.32
N LYS B 219 -27.97 -18.49 55.23
CA LYS B 219 -28.45 -17.12 55.04
C LYS B 219 -29.85 -16.98 54.38
N GLY B 220 -30.45 -18.11 53.98
CA GLY B 220 -31.79 -18.11 53.34
C GLY B 220 -31.85 -17.42 51.98
N VAL B 221 -30.75 -17.47 51.23
CA VAL B 221 -30.67 -16.80 49.93
C VAL B 221 -31.52 -17.55 48.93
N ILE B 222 -32.38 -16.85 48.20
CA ILE B 222 -33.31 -17.47 47.26
C ILE B 222 -32.72 -17.54 45.85
N ILE B 223 -32.49 -18.75 45.35
CA ILE B 223 -31.92 -18.94 44.03
C ILE B 223 -33.00 -19.44 43.06
N HIS B 224 -33.24 -18.68 41.99
CA HIS B 224 -34.34 -18.93 41.08
C HIS B 224 -33.79 -18.96 39.64
N ARG B 225 -33.90 -20.12 39.01
CA ARG B 225 -33.43 -20.32 37.64
C ARG B 225 -34.55 -19.97 36.64
N THR B 226 -34.24 -19.17 35.62
CA THR B 226 -35.18 -18.91 34.50
C THR B 226 -34.42 -18.95 33.18
N HIS B 227 -35.16 -18.95 32.08
CA HIS B 227 -34.55 -18.89 30.76
C HIS B 227 -34.97 -17.64 30.01
N ALA B 228 -35.61 -16.73 30.72
CA ALA B 228 -36.07 -15.48 30.13
C ALA B 228 -36.19 -14.39 31.19
N LEU B 229 -36.13 -13.14 30.76
CA LEU B 229 -36.47 -12.03 31.65
C LEU B 229 -37.99 -11.93 31.79
N THR B 230 -38.56 -12.78 32.62
CA THR B 230 -40.00 -12.78 32.85
C THR B 230 -40.40 -11.46 33.51
N ASP B 231 -41.70 -11.20 33.58
CA ASP B 231 -42.22 -10.05 34.33
C ASP B 231 -41.77 -10.06 35.78
N GLU B 232 -41.85 -11.23 36.42
CA GLU B 232 -41.38 -11.38 37.81
C GLU B 232 -39.94 -10.86 38.00
N VAL B 233 -39.03 -11.27 37.10
CA VAL B 233 -37.62 -10.86 37.15
C VAL B 233 -37.49 -9.35 36.98
N MET B 234 -38.18 -8.81 35.98
CA MET B 234 -38.14 -7.38 35.73
C MET B 234 -38.66 -6.59 36.93
N GLN B 235 -39.64 -7.14 37.65
CA GLN B 235 -40.34 -6.41 38.68
C GLN B 235 -39.71 -6.51 40.06
N LYS B 236 -39.03 -7.61 40.33
CA LYS B 236 -38.37 -7.76 41.63
C LYS B 236 -36.89 -7.35 41.67
N SER B 237 -36.16 -7.39 40.56
CA SER B 237 -34.71 -7.17 40.60
C SER B 237 -34.30 -5.72 40.88
N ASP B 238 -33.44 -5.56 41.88
CA ASP B 238 -32.84 -4.27 42.14
C ASP B 238 -31.67 -4.06 41.17
N VAL B 239 -31.06 -5.16 40.71
CA VAL B 239 -30.00 -5.08 39.70
C VAL B 239 -30.16 -6.14 38.63
N LEU B 240 -30.09 -5.67 37.40
CA LEU B 240 -30.07 -6.56 36.26
C LEU B 240 -28.64 -6.49 35.73
N TYR B 241 -27.91 -7.59 35.92
CA TYR B 241 -26.52 -7.73 35.51
C TYR B 241 -26.48 -8.66 34.33
N THR B 242 -26.22 -8.10 33.17
CA THR B 242 -26.27 -8.87 31.95
C THR B 242 -24.87 -9.02 31.33
N THR B 243 -24.73 -9.97 30.41
CA THR B 243 -23.42 -10.36 29.94
C THR B 243 -23.41 -10.64 28.43
N ARG B 244 -22.22 -10.62 27.85
CA ARG B 244 -22.02 -10.95 26.45
C ARG B 244 -21.92 -12.48 26.27
N LEU B 245 -22.43 -12.97 25.16
CA LEU B 245 -22.24 -14.37 24.82
C LEU B 245 -20.74 -14.57 24.51
N GLN B 246 -20.10 -15.48 25.23
CA GLN B 246 -18.67 -15.61 25.14
C GLN B 246 -18.26 -16.45 23.94
N LYS B 247 -18.45 -15.88 22.77
CA LYS B 247 -18.32 -16.58 21.49
C LYS B 247 -16.95 -17.23 21.30
N GLU B 248 -15.91 -16.58 21.82
CA GLU B 248 -14.53 -17.05 21.66
C GLU B 248 -14.25 -18.36 22.39
N ARG B 249 -15.13 -18.76 23.31
CA ARG B 249 -15.02 -20.05 23.98
C ARG B 249 -15.76 -21.17 23.23
N PHE B 250 -16.34 -20.85 22.07
CA PHE B 250 -17.10 -21.84 21.26
C PHE B 250 -16.73 -21.87 19.76
N ASP B 269 -36.69 -14.92 26.07
CA ASP B 269 -35.34 -14.43 25.78
C ASP B 269 -34.86 -13.35 26.78
N ILE B 270 -33.67 -12.82 26.48
CA ILE B 270 -32.85 -12.09 27.46
C ILE B 270 -32.35 -10.69 27.09
N THR B 271 -32.81 -10.14 25.97
CA THR B 271 -32.38 -8.81 25.55
C THR B 271 -32.98 -7.72 26.45
N ILE B 272 -32.15 -6.75 26.84
CA ILE B 272 -32.68 -5.56 27.50
C ILE B 272 -32.65 -4.34 26.58
N ASP B 273 -33.85 -3.81 26.29
CA ASP B 273 -34.02 -2.56 25.56
C ASP B 273 -35.00 -1.69 26.34
N ALA B 274 -35.30 -0.51 25.82
CA ALA B 274 -36.16 0.47 26.54
C ALA B 274 -37.57 -0.07 26.80
N ALA B 275 -38.13 -0.80 25.83
CA ALA B 275 -39.45 -1.42 26.00
C ALA B 275 -39.40 -2.34 27.22
N ARG B 276 -38.50 -3.33 27.18
CA ARG B 276 -38.30 -4.23 28.32
C ARG B 276 -38.12 -3.42 29.63
N MET B 277 -37.40 -2.31 29.55
CA MET B 277 -37.15 -1.44 30.71
C MET B 277 -38.37 -0.73 31.35
N ARG B 278 -39.47 -0.56 30.61
CA ARG B 278 -40.67 0.00 31.25
C ARG B 278 -41.34 -0.99 32.22
N LEU B 279 -40.86 -2.24 32.25
CA LEU B 279 -41.34 -3.19 33.26
C LEU B 279 -40.54 -3.09 34.58
N ALA B 280 -39.39 -2.43 34.53
CA ALA B 280 -38.48 -2.40 35.68
C ALA B 280 -38.95 -1.43 36.76
N LYS B 281 -38.46 -1.68 37.98
CA LYS B 281 -38.60 -0.83 39.15
C LYS B 281 -37.97 0.56 38.93
N GLU B 282 -38.45 1.55 39.66
CA GLU B 282 -37.90 2.90 39.58
C GLU B 282 -36.48 2.95 40.15
N LYS B 283 -36.32 2.33 41.31
CA LYS B 283 -35.04 2.30 41.99
C LYS B 283 -34.29 0.97 41.73
N MET B 284 -33.60 0.88 40.60
CA MET B 284 -32.78 -0.28 40.24
C MET B 284 -31.66 0.14 39.29
N ILE B 285 -30.65 -0.71 39.09
CA ILE B 285 -29.63 -0.43 38.08
C ILE B 285 -29.41 -1.55 37.07
N VAL B 286 -29.10 -1.15 35.84
CA VAL B 286 -28.67 -2.09 34.82
C VAL B 286 -27.13 -2.08 34.72
N MET B 287 -26.55 -3.28 34.83
CA MET B 287 -25.13 -3.46 34.79
C MET B 287 -24.73 -4.42 33.67
N HIS B 288 -23.48 -4.30 33.22
CA HIS B 288 -22.86 -5.16 32.18
C HIS B 288 -21.35 -4.92 32.30
N PRO B 289 -20.55 -6.01 32.48
CA PRO B 289 -19.11 -5.83 32.63
C PRO B 289 -18.49 -5.30 31.36
N LEU B 290 -19.25 -5.40 30.28
CA LEU B 290 -18.81 -5.00 28.95
C LEU B 290 -17.64 -5.90 28.40
N PRO B 291 -17.40 -5.86 27.07
CA PRO B 291 -18.16 -5.11 26.08
C PRO B 291 -19.49 -5.81 25.79
N ARG B 292 -20.43 -5.10 25.17
CA ARG B 292 -21.74 -5.66 24.84
C ARG B 292 -21.91 -5.92 23.32
N ASN B 293 -22.80 -6.85 22.99
CA ASN B 293 -23.31 -6.98 21.63
C ASN B 293 -24.78 -6.57 21.67
N ASP B 294 -25.69 -7.35 21.09
CA ASP B 294 -27.12 -6.95 20.99
C ASP B 294 -27.98 -7.23 22.23
N GLU B 295 -27.43 -7.96 23.21
CA GLU B 295 -28.14 -8.23 24.45
C GLU B 295 -28.56 -6.97 25.25
N LEU B 296 -27.84 -5.87 25.06
CA LEU B 296 -28.10 -4.63 25.79
C LEU B 296 -28.20 -3.50 24.78
N SER B 297 -29.41 -3.05 24.48
CA SER B 297 -29.67 -2.05 23.43
C SER B 297 -29.21 -0.62 23.83
N THR B 298 -28.64 0.10 22.87
CA THR B 298 -28.31 1.53 23.05
C THR B 298 -29.54 2.36 23.48
N THR B 299 -30.75 1.87 23.22
CA THR B 299 -31.95 2.58 23.65
C THR B 299 -32.02 2.71 25.17
N VAL B 300 -31.24 1.89 25.87
CA VAL B 300 -31.22 1.91 27.32
C VAL B 300 -30.23 2.95 27.86
N ASP B 301 -29.28 3.36 27.02
CA ASP B 301 -28.14 4.20 27.44
C ASP B 301 -28.49 5.54 28.13
N ALA B 302 -29.58 6.20 27.70
CA ALA B 302 -30.04 7.51 28.25
C ALA B 302 -30.81 7.40 29.58
N ASP B 303 -31.26 6.20 29.91
CA ASP B 303 -31.96 5.90 31.15
C ASP B 303 -30.98 6.08 32.32
N PRO B 304 -31.37 6.86 33.35
CA PRO B 304 -30.59 7.05 34.62
C PRO B 304 -30.18 5.75 35.28
N ARG B 305 -31.00 4.71 35.13
CA ARG B 305 -30.75 3.38 35.66
C ARG B 305 -29.64 2.60 34.90
N ALA B 306 -29.26 3.11 33.73
CA ALA B 306 -28.12 2.56 32.99
C ALA B 306 -26.81 2.90 33.73
N ALA B 307 -26.26 1.93 34.45
CA ALA B 307 -25.05 2.16 35.27
C ALA B 307 -23.79 1.49 34.68
N TYR B 308 -23.92 0.89 33.51
CA TYR B 308 -22.81 0.13 32.95
C TYR B 308 -21.64 1.00 32.46
N PHE B 309 -21.88 2.31 32.23
CA PHE B 309 -20.81 3.24 31.89
C PHE B 309 -20.14 3.75 33.15
N ARG B 310 -20.92 4.24 34.10
CA ARG B 310 -20.42 4.59 35.44
C ARG B 310 -19.64 3.41 36.05
N GLN B 311 -20.16 2.19 35.86
CA GLN B 311 -19.48 0.94 36.29
C GLN B 311 -17.97 0.92 35.94
N MET B 312 -17.63 1.34 34.73
CA MET B 312 -16.22 1.41 34.27
C MET B 312 -15.36 2.39 35.07
N ARG B 313 -15.89 3.59 35.35
CA ARG B 313 -15.17 4.54 36.21
C ARG B 313 -14.94 3.99 37.64
N TYR B 314 -15.99 3.35 38.22
CA TYR B 314 -15.87 2.71 39.53
C TYR B 314 -14.73 1.69 39.51
N GLY B 315 -14.60 0.97 38.40
CA GLY B 315 -13.52 0.00 38.27
C GLY B 315 -12.10 0.54 38.42
N MET B 316 -11.84 1.73 37.86
CA MET B 316 -10.55 2.40 38.04
C MET B 316 -10.29 2.70 39.52
N PHE B 317 -11.31 3.16 40.24
CA PHE B 317 -11.08 3.57 41.63
C PHE B 317 -10.95 2.35 42.52
N MET B 318 -11.70 1.29 42.22
CA MET B 318 -11.52 0.05 42.96
C MET B 318 -10.12 -0.52 42.70
N ARG B 319 -9.68 -0.44 41.43
CA ARG B 319 -8.38 -0.95 41.07
C ARG B 319 -7.24 -0.15 41.68
N MET B 320 -7.48 1.15 41.90
CA MET B 320 -6.59 1.98 42.72
C MET B 320 -6.58 1.50 44.18
N ALA B 321 -7.75 1.17 44.74
CA ALA B 321 -7.79 0.68 46.12
C ALA B 321 -7.02 -0.63 46.27
N ILE B 322 -7.17 -1.49 45.26
CA ILE B 322 -6.51 -2.80 45.24
C ILE B 322 -4.97 -2.70 45.09
N LEU B 323 -4.49 -1.86 44.17
CA LEU B 323 -3.05 -1.77 43.86
C LEU B 323 -2.26 -1.20 45.03
N TRP B 324 -2.86 -0.19 45.68
CA TRP B 324 -2.28 0.47 46.82
C TRP B 324 -2.27 -0.46 48.00
N SER B 325 -3.36 -1.21 48.20
CA SER B 325 -3.41 -2.19 49.30
C SER B 325 -2.38 -3.31 49.09
N VAL B 326 -2.25 -3.81 47.85
CA VAL B 326 -1.24 -4.84 47.55
C VAL B 326 0.20 -4.33 47.73
N LEU B 327 0.48 -3.12 47.24
CA LEU B 327 1.86 -2.59 47.22
C LEU B 327 2.26 -1.66 48.37
N ALA B 328 1.33 -1.33 49.25
CA ALA B 328 1.67 -0.56 50.44
C ALA B 328 2.62 -1.37 51.31
N LEU C 6 4.87 30.48 31.98
CA LEU C 6 4.15 29.60 30.98
C LEU C 6 2.61 29.69 31.07
N PRO C 7 2.05 30.83 30.70
CA PRO C 7 0.62 30.99 30.88
C PRO C 7 -0.16 30.18 29.84
N PRO C 8 -1.16 29.41 30.28
CA PRO C 8 -1.99 28.64 29.34
C PRO C 8 -2.82 29.57 28.47
N VAL C 9 -3.08 29.17 27.23
CA VAL C 9 -3.98 29.94 26.38
C VAL C 9 -5.40 29.63 26.83
N ALA C 10 -6.05 30.63 27.47
CA ALA C 10 -7.33 30.38 28.17
C ALA C 10 -8.48 29.91 27.28
N SER C 11 -8.54 30.41 26.05
CA SER C 11 -9.60 29.99 25.12
C SER C 11 -9.66 28.47 24.86
N LEU C 12 -8.54 27.76 25.00
CA LEU C 12 -8.48 26.31 24.74
C LEU C 12 -8.94 25.42 25.90
N LYS C 13 -9.08 26.01 27.09
CA LYS C 13 -9.39 25.25 28.29
C LYS C 13 -10.61 24.31 28.14
N GLY C 14 -10.41 23.03 28.46
CA GLY C 14 -11.46 22.02 28.47
C GLY C 14 -12.14 21.79 27.11
N LYS C 15 -11.53 22.25 26.03
CA LYS C 15 -12.21 22.13 24.74
C LYS C 15 -11.56 21.13 23.82
N SER C 16 -12.39 20.36 23.13
CA SER C 16 -11.93 19.50 22.04
C SER C 16 -11.37 20.31 20.86
N ILE C 17 -10.43 19.70 20.14
CA ILE C 17 -9.86 20.34 18.97
C ILE C 17 -10.17 19.49 17.76
N THR C 18 -10.91 20.08 16.85
CA THR C 18 -11.54 19.37 15.75
C THR C 18 -11.11 19.90 14.38
N SER C 19 -11.01 21.22 14.26
CA SER C 19 -10.86 21.85 12.97
C SER C 19 -9.99 23.09 13.12
N ALA C 20 -9.22 23.42 12.07
CA ALA C 20 -8.45 24.66 12.06
C ALA C 20 -9.36 25.89 12.15
N GLU C 21 -10.63 25.72 11.82
CA GLU C 21 -11.60 26.81 11.87
C GLU C 21 -11.89 27.39 13.25
N GLN C 22 -11.64 26.62 14.31
CA GLN C 22 -12.01 27.05 15.66
C GLN C 22 -11.04 28.00 16.33
N PHE C 23 -9.91 28.29 15.68
CA PHE C 23 -8.92 29.19 16.28
C PHE C 23 -8.98 30.60 15.69
N SER C 24 -8.76 31.59 16.55
CA SER C 24 -8.53 32.98 16.14
C SER C 24 -7.02 33.26 15.98
N ARG C 25 -6.71 34.34 15.26
CA ARG C 25 -5.34 34.87 15.15
C ARG C 25 -4.70 35.01 16.53
N ALA C 26 -5.43 35.62 17.46
CA ALA C 26 -4.94 35.78 18.81
C ALA C 26 -4.64 34.40 19.46
N ASP C 27 -5.51 33.42 19.22
CA ASP C 27 -5.28 32.03 19.68
C ASP C 27 -3.97 31.52 19.16
N ILE C 28 -3.76 31.69 17.88
CA ILE C 28 -2.57 31.14 17.23
C ILE C 28 -1.30 31.78 17.75
N TYR C 29 -1.27 33.09 17.89
CA TYR C 29 -0.05 33.73 18.39
C TYR C 29 0.23 33.41 19.85
N ALA C 30 -0.82 33.28 20.66
CA ALA C 30 -0.59 32.94 22.04
C ALA C 30 -0.03 31.50 22.14
N LEU C 31 -0.50 30.58 21.28
CA LEU C 31 0.07 29.20 21.22
C LEU C 31 1.52 29.17 20.73
N ILE C 32 1.79 29.94 19.67
CA ILE C 32 3.15 30.14 19.17
C ILE C 32 4.11 30.64 20.26
N HIS C 33 3.73 31.68 21.00
CA HIS C 33 4.59 32.21 22.03
C HIS C 33 4.73 31.23 23.19
N LEU C 34 3.63 30.65 23.65
CA LEU C 34 3.73 29.58 24.66
C LEU C 34 4.62 28.39 24.19
N ALA C 35 4.45 27.95 22.94
CA ALA C 35 5.28 26.87 22.37
C ALA C 35 6.78 27.24 22.38
N SER C 36 7.09 28.45 21.96
CA SER C 36 8.46 28.89 21.93
C SER C 36 9.06 29.07 23.35
N ALA C 37 8.23 29.52 24.28
CA ALA C 37 8.60 29.57 25.71
C ALA C 37 8.86 28.16 26.29
N MET C 38 8.01 27.21 25.92
CA MET C 38 8.28 25.83 26.30
C MET C 38 9.58 25.27 25.70
N GLN C 39 9.86 25.63 24.45
CA GLN C 39 11.11 25.22 23.83
C GLN C 39 12.34 25.75 24.61
N ARG C 40 12.32 27.04 24.97
CA ARG C 40 13.39 27.66 25.79
CA ARG C 40 13.44 27.62 25.74
C ARG C 40 13.71 26.82 27.02
N LYS C 41 12.67 26.51 27.77
CA LYS C 41 12.85 25.80 29.03
C LYS C 41 13.30 24.34 28.86
N ILE C 42 12.65 23.59 27.97
CA ILE C 42 13.07 22.22 27.72
C ILE C 42 14.51 22.17 27.25
N ASP C 43 14.86 22.99 26.26
CA ASP C 43 16.24 23.01 25.73
C ASP C 43 17.30 23.39 26.75
N ALA C 44 16.94 24.23 27.72
CA ALA C 44 17.80 24.55 28.85
C ALA C 44 17.85 23.42 29.90
N GLY C 45 17.13 22.33 29.66
CA GLY C 45 17.18 21.18 30.60
C GLY C 45 16.17 21.22 31.75
N GLU C 46 15.30 22.23 31.74
CA GLU C 46 14.34 22.41 32.84
C GLU C 46 13.25 21.31 32.78
N VAL C 47 12.79 20.86 33.94
CA VAL C 47 11.76 19.84 34.03
C VAL C 47 10.41 20.46 34.44
N LEU C 48 9.34 20.10 33.75
CA LEU C 48 8.04 20.73 34.04
C LEU C 48 7.09 19.74 34.68
N ASN C 49 6.43 20.17 35.76
CA ASN C 49 5.47 19.34 36.49
C ASN C 49 4.00 19.72 36.35
N LEU C 50 3.71 20.51 35.34
CA LEU C 50 2.40 21.09 35.11
C LEU C 50 1.22 20.13 35.09
N LEU C 51 1.40 18.94 34.49
CA LEU C 51 0.27 18.00 34.34
C LEU C 51 0.44 16.66 35.10
N GLN C 52 1.21 16.67 36.17
CA GLN C 52 1.36 15.49 37.00
C GLN C 52 -0.03 14.99 37.36
N GLY C 53 -0.22 13.67 37.27
CA GLY C 53 -1.48 13.04 37.58
C GLY C 53 -2.56 13.10 36.50
N ARG C 54 -2.25 13.73 35.35
CA ARG C 54 -3.19 13.78 34.22
C ARG C 54 -2.85 12.71 33.17
N ILE C 55 -3.88 12.20 32.50
CA ILE C 55 -3.67 11.09 31.59
C ILE C 55 -4.19 11.38 30.17
N MET C 56 -3.33 11.08 29.20
CA MET C 56 -3.67 11.20 27.80
C MET C 56 -3.72 9.79 27.26
N THR C 57 -4.81 9.47 26.58
CA THR C 57 -4.89 8.18 25.91
C THR C 57 -4.97 8.37 24.40
N PRO C 58 -4.02 7.78 23.68
CA PRO C 58 -4.02 7.81 22.24
C PRO C 58 -4.99 6.76 21.72
N LEU C 59 -5.80 7.10 20.72
CA LEU C 59 -6.70 6.18 20.06
C LEU C 59 -6.46 6.32 18.56
N PHE C 60 -5.49 5.54 18.11
CA PHE C 60 -5.08 5.59 16.71
C PHE C 60 -5.61 4.34 15.98
N PHE C 61 -6.54 4.56 15.04
CA PHE C 61 -7.12 3.49 14.19
C PHE C 61 -6.44 3.37 12.84
N GLU C 62 -5.44 4.20 12.61
CA GLU C 62 -4.53 4.08 11.47
C GLU C 62 -3.11 4.53 11.87
N ASP C 63 -2.16 4.37 10.96
CA ASP C 63 -0.74 4.47 11.29
C ASP C 63 -0.32 5.87 11.64
N SER C 64 0.75 5.97 12.42
CA SER C 64 1.36 7.25 12.78
C SER C 64 2.77 7.04 13.33
N SER C 65 3.71 7.92 13.02
CA SER C 65 4.91 8.00 13.82
C SER C 65 5.01 9.32 14.55
N ARG C 66 4.90 10.43 13.81
CA ARG C 66 5.12 11.75 14.38
C ARG C 66 4.03 12.19 15.32
N THR C 67 2.77 12.05 14.90
CA THR C 67 1.65 12.58 15.67
C THR C 67 1.52 11.81 16.98
N PHE C 68 1.52 10.49 16.88
CA PHE C 68 1.50 9.66 18.07
C PHE C 68 2.67 9.98 18.99
N SER C 69 3.89 10.00 18.47
CA SER C 69 5.06 10.13 19.33
C SER C 69 5.20 11.52 19.92
N SER C 70 4.92 12.55 19.12
CA SER C 70 5.03 13.91 19.64
C SER C 70 3.95 14.21 20.66
N PHE C 71 2.75 13.62 20.53
CA PHE C 71 1.74 13.82 21.61
C PHE C 71 2.13 13.16 22.93
N CYS C 72 2.69 11.95 22.83
CA CYS C 72 3.18 11.20 24.00
C CYS C 72 4.34 11.96 24.69
N ALA C 73 5.42 12.21 23.93
CA ALA C 73 6.52 13.04 24.38
C ALA C 73 6.07 14.39 24.92
N ALA C 74 5.13 15.04 24.25
CA ALA C 74 4.69 16.34 24.75
C ALA C 74 4.06 16.19 26.11
N MET C 75 3.23 15.16 26.26
CA MET C 75 2.48 14.93 27.49
C MET C 75 3.46 14.68 28.63
N ILE C 76 4.44 13.80 28.37
CA ILE C 76 5.53 13.45 29.29
C ILE C 76 6.36 14.65 29.73
N ARG C 77 6.73 15.51 28.78
CA ARG C 77 7.57 16.67 29.09
C ARG C 77 6.82 17.74 29.85
N LEU C 78 5.51 17.58 29.95
CA LEU C 78 4.66 18.46 30.78
C LEU C 78 4.48 17.85 32.18
N GLY C 79 5.01 16.64 32.36
CA GLY C 79 4.85 15.93 33.62
C GLY C 79 3.66 14.97 33.62
N GLY C 80 2.95 14.88 32.49
CA GLY C 80 1.74 14.06 32.39
C GLY C 80 2.08 12.61 32.11
N SER C 81 1.06 11.77 31.95
CA SER C 81 1.24 10.34 31.69
C SER C 81 0.35 9.93 30.54
N VAL C 82 0.64 8.72 30.03
CA VAL C 82 0.01 8.14 28.86
C VAL C 82 -0.41 6.69 29.13
N VAL C 83 -1.67 6.37 28.81
CA VAL C 83 -2.17 4.98 28.86
C VAL C 83 -2.10 4.49 27.43
N ASN C 84 -1.29 3.46 27.22
CA ASN C 84 -0.97 2.98 25.87
C ASN C 84 -1.99 2.02 25.29
N PHE C 85 -3.16 2.56 24.97
CA PHE C 85 -4.23 1.75 24.45
C PHE C 85 -3.93 1.35 23.02
N LYS C 86 -4.07 0.07 22.71
CA LYS C 86 -3.82 -0.44 21.36
C LYS C 86 -5.05 -1.14 20.78
N VAL C 87 -5.49 -0.66 19.62
CA VAL C 87 -6.70 -1.18 18.98
C VAL C 87 -6.63 -2.68 18.68
N GLU C 88 -5.46 -3.12 18.23
CA GLU C 88 -5.32 -4.45 17.65
C GLU C 88 -5.65 -5.54 18.67
N ALA C 89 -5.29 -5.28 19.93
CA ALA C 89 -5.49 -6.23 21.04
C ALA C 89 -6.59 -5.82 22.04
N SER C 90 -7.57 -5.06 21.56
CA SER C 90 -8.63 -4.53 22.41
C SER C 90 -9.95 -5.32 22.35
N SER C 91 -10.92 -4.89 23.14
CA SER C 91 -12.24 -5.53 23.10
C SER C 91 -13.09 -5.20 21.88
N ILE C 92 -12.53 -4.43 20.95
CA ILE C 92 -13.12 -4.24 19.63
C ILE C 92 -13.26 -5.63 18.98
N ASN C 93 -12.29 -6.49 19.24
CA ASN C 93 -12.31 -7.84 18.70
C ASN C 93 -13.46 -8.71 19.20
N LYS C 94 -14.08 -8.26 20.30
CA LYS C 94 -15.22 -8.94 20.90
C LYS C 94 -16.52 -8.33 20.39
N GLY C 95 -16.41 -7.36 19.47
CA GLY C 95 -17.54 -6.73 18.78
C GLY C 95 -17.91 -5.34 19.29
N GLU C 96 -17.13 -4.79 20.22
CA GLU C 96 -17.44 -3.46 20.77
C GLU C 96 -17.49 -2.39 19.67
N THR C 97 -18.48 -1.50 19.75
CA THR C 97 -18.62 -0.41 18.78
C THR C 97 -17.62 0.72 19.06
N LEU C 98 -17.46 1.62 18.09
CA LEU C 98 -16.61 2.78 18.24
C LEU C 98 -17.06 3.67 19.42
N ALA C 99 -18.36 4.04 19.45
CA ALA C 99 -18.96 4.75 20.59
C ALA C 99 -18.62 4.16 21.96
N ASP C 100 -18.85 2.87 22.13
CA ASP C 100 -18.56 2.23 23.40
C ASP C 100 -17.04 2.26 23.69
N THR C 101 -16.22 2.19 22.66
CA THR C 101 -14.76 2.31 22.84
C THR C 101 -14.39 3.70 23.39
N ILE C 102 -14.97 4.74 22.80
CA ILE C 102 -14.75 6.12 23.26
C ILE C 102 -15.18 6.26 24.71
N ARG C 103 -16.42 5.89 25.02
CA ARG C 103 -16.88 6.01 26.39
C ARG C 103 -15.94 5.30 27.35
N THR C 104 -15.37 4.17 26.94
CA THR C 104 -14.46 3.37 27.79
C THR C 104 -13.22 4.18 28.15
N LEU C 105 -12.53 4.69 27.15
CA LEU C 105 -11.28 5.38 27.42
C LEU C 105 -11.53 6.76 28.07
N ASP C 106 -12.68 7.35 27.74
CA ASP C 106 -13.18 8.55 28.40
C ASP C 106 -13.34 8.36 29.91
N SER C 107 -13.54 7.13 30.36
CA SER C 107 -13.73 6.88 31.81
C SER C 107 -12.43 7.01 32.63
N TYR C 108 -11.29 6.97 31.94
CA TYR C 108 -10.00 6.88 32.64
C TYR C 108 -9.06 8.03 32.37
N SER C 109 -9.29 8.74 31.28
CA SER C 109 -8.38 9.73 30.74
C SER C 109 -8.80 11.20 30.97
N ASP C 110 -7.83 12.11 30.87
CA ASP C 110 -8.14 13.54 30.93
C ASP C 110 -8.33 14.11 29.54
N VAL C 111 -7.72 13.46 28.54
CA VAL C 111 -7.81 13.88 27.13
C VAL C 111 -7.57 12.68 26.23
N LEU C 112 -8.29 12.64 25.12
CA LEU C 112 -8.11 11.63 24.10
C LEU C 112 -7.55 12.26 22.84
N VAL C 113 -6.54 11.61 22.26
CA VAL C 113 -5.95 12.05 20.98
C VAL C 113 -6.33 11.00 19.94
N MET C 114 -7.11 11.37 18.95
CA MET C 114 -7.76 10.38 18.10
C MET C 114 -7.49 10.55 16.60
N ARG C 115 -7.06 9.49 15.95
CA ARG C 115 -6.88 9.46 14.50
C ARG C 115 -7.70 8.29 13.99
N HIS C 116 -8.47 8.53 12.94
CA HIS C 116 -9.37 7.52 12.44
C HIS C 116 -9.53 7.65 10.91
N PRO C 117 -9.51 6.51 10.17
CA PRO C 117 -9.63 6.64 8.71
C PRO C 117 -10.95 7.22 8.21
N ARG C 118 -11.97 7.29 9.07
CA ARG C 118 -13.30 7.74 8.68
C ARG C 118 -13.50 9.20 9.12
N GLN C 119 -13.80 10.07 8.17
CA GLN C 119 -13.98 11.51 8.40
C GLN C 119 -14.98 11.88 9.52
N ASP C 120 -16.09 11.15 9.59
CA ASP C 120 -17.11 11.43 10.58
C ASP C 120 -16.88 10.80 11.96
N ALA C 121 -15.83 9.98 12.11
CA ALA C 121 -15.57 9.31 13.39
C ALA C 121 -15.30 10.26 14.58
N ILE C 122 -14.56 11.34 14.36
CA ILE C 122 -14.28 12.32 15.42
C ILE C 122 -15.58 12.90 15.99
N GLU C 123 -16.49 13.31 15.10
CA GLU C 123 -17.79 13.85 15.53
C GLU C 123 -18.58 12.86 16.40
N GLU C 124 -18.60 11.60 15.97
CA GLU C 124 -19.23 10.54 16.73
C GLU C 124 -18.61 10.38 18.11
N ALA C 125 -17.29 10.41 18.16
CA ALA C 125 -16.55 10.39 19.42
C ALA C 125 -16.92 11.59 20.29
N LEU C 126 -16.98 12.78 19.70
CA LEU C 126 -17.42 13.98 20.41
C LEU C 126 -18.79 13.81 21.10
N SER C 127 -19.72 13.14 20.43
CA SER C 127 -21.10 13.07 20.92
C SER C 127 -21.26 12.17 22.17
N VAL C 128 -20.25 11.34 22.45
CA VAL C 128 -20.34 10.48 23.62
C VAL C 128 -19.33 10.79 24.72
N ALA C 129 -18.28 11.53 24.42
CA ALA C 129 -17.20 11.71 25.38
C ALA C 129 -17.35 13.01 26.21
N GLN C 130 -17.03 12.93 27.49
CA GLN C 130 -17.03 14.10 28.39
C GLN C 130 -15.73 14.90 28.30
N HIS C 131 -14.60 14.20 28.28
CA HIS C 131 -13.29 14.87 28.24
C HIS C 131 -12.95 15.29 26.82
N PRO C 132 -12.08 16.30 26.67
CA PRO C 132 -11.68 16.80 25.34
C PRO C 132 -11.07 15.75 24.41
N ILE C 133 -11.44 15.81 23.14
CA ILE C 133 -10.81 15.01 22.11
C ILE C 133 -10.03 15.89 21.13
N LEU C 134 -8.79 15.50 20.87
CA LEU C 134 -7.96 16.22 19.91
C LEU C 134 -7.90 15.39 18.65
N ASN C 135 -8.39 16.00 17.56
CA ASN C 135 -8.36 15.38 16.23
C ASN C 135 -6.92 15.28 15.73
N ALA C 136 -6.38 14.06 15.75
CA ALA C 136 -5.05 13.80 15.22
C ALA C 136 -5.10 13.36 13.76
N GLY C 137 -6.26 13.57 13.10
CA GLY C 137 -6.44 13.23 11.69
C GLY C 137 -7.68 12.39 11.51
N ASN C 138 -8.68 12.97 10.84
CA ASN C 138 -9.94 12.23 10.56
C ASN C 138 -10.09 11.98 9.07
N GLY C 139 -9.68 10.81 8.60
CA GLY C 139 -9.75 10.49 7.15
C GLY C 139 -8.98 11.49 6.29
N ALA C 140 -9.49 11.79 5.11
CA ALA C 140 -8.90 12.86 4.28
C ALA C 140 -9.41 14.26 4.72
N GLY C 141 -9.87 14.37 5.97
CA GLY C 141 -10.60 15.55 6.40
C GLY C 141 -9.69 16.67 6.86
N GLU C 142 -9.35 16.65 8.15
CA GLU C 142 -8.47 17.65 8.74
C GLU C 142 -7.38 17.08 9.66
N HIS C 143 -6.41 17.93 9.98
CA HIS C 143 -5.31 17.61 10.90
C HIS C 143 -4.95 18.94 11.60
N PRO C 144 -5.79 19.35 12.54
CA PRO C 144 -5.71 20.74 13.05
C PRO C 144 -4.39 21.06 13.79
N THR C 145 -3.83 20.13 14.57
CA THR C 145 -2.61 20.46 15.31
C THR C 145 -1.37 20.47 14.39
N GLN C 146 -1.45 19.72 13.29
CA GLN C 146 -0.46 19.88 12.22
C GLN C 146 -0.42 21.31 11.70
N ALA C 147 -1.56 21.91 11.42
CA ALA C 147 -1.59 23.26 10.85
C ALA C 147 -1.00 24.25 11.84
N LEU C 148 -1.33 24.07 13.12
CA LEU C 148 -0.79 24.89 14.18
C LEU C 148 0.73 24.80 14.27
N LEU C 149 1.28 23.58 14.28
CA LEU C 149 2.72 23.43 14.35
C LEU C 149 3.42 23.90 13.07
N ASP C 150 2.74 23.75 11.92
CA ASP C 150 3.27 24.21 10.62
C ASP C 150 3.37 25.76 10.67
N THR C 151 2.38 26.40 11.29
CA THR C 151 2.38 27.85 11.41
C THR C 151 3.48 28.33 12.38
N LEU C 152 3.63 27.63 13.52
CA LEU C 152 4.78 27.86 14.42
C LEU C 152 6.12 27.79 13.64
N THR C 153 6.30 26.73 12.83
CA THR C 153 7.49 26.55 11.99
C THR C 153 7.73 27.74 11.03
N ILE C 154 6.73 28.12 10.24
CA ILE C 154 6.86 29.27 9.38
C ILE C 154 7.26 30.50 10.21
N HIS C 155 6.55 30.74 11.31
CA HIS C 155 6.81 31.91 12.12
C HIS C 155 8.28 31.93 12.68
N SER C 156 8.76 30.79 13.16
CA SER C 156 10.08 30.69 13.75
C SER C 156 11.17 30.76 12.72
N GLU C 157 10.93 30.14 11.57
CA GLU C 157 11.94 30.06 10.52
C GLU C 157 12.10 31.37 9.75
N LEU C 158 10.97 31.98 9.38
CA LEU C 158 10.96 33.15 8.48
C LEU C 158 10.77 34.48 9.22
N GLY C 159 10.12 34.40 10.40
CA GLY C 159 9.96 35.54 11.28
C GLY C 159 8.55 36.10 11.22
N SER C 160 7.83 35.77 10.18
CA SER C 160 6.55 36.41 9.91
C SER C 160 5.68 35.52 9.02
N VAL C 161 4.37 35.58 9.23
CA VAL C 161 3.41 34.74 8.50
C VAL C 161 2.62 35.59 7.51
N ASP C 162 2.23 36.79 7.94
CA ASP C 162 1.59 37.79 7.08
C ASP C 162 2.50 38.13 5.89
N GLY C 163 1.92 38.26 4.70
CA GLY C 163 2.67 38.63 3.50
C GLY C 163 3.36 37.52 2.75
N ILE C 164 3.37 36.29 3.27
CA ILE C 164 4.11 35.21 2.60
C ILE C 164 3.42 34.75 1.31
N THR C 165 4.21 34.10 0.47
CA THR C 165 3.72 33.36 -0.68
C THR C 165 4.04 31.91 -0.40
N ILE C 166 3.05 31.06 -0.48
CA ILE C 166 3.23 29.68 -0.09
C ILE C 166 2.72 28.78 -1.20
N ALA C 167 3.49 27.75 -1.55
CA ALA C 167 3.02 26.73 -2.49
C ALA C 167 2.56 25.54 -1.68
N LEU C 168 1.35 25.08 -1.93
CA LEU C 168 0.88 23.81 -1.36
C LEU C 168 0.99 22.79 -2.49
N ILE C 169 1.81 21.77 -2.29
CA ILE C 169 2.24 20.89 -3.38
C ILE C 169 1.92 19.43 -3.12
N GLY C 170 1.42 18.73 -4.15
CA GLY C 170 1.33 17.28 -4.13
C GLY C 170 -0.10 16.78 -4.18
N ASP C 171 -0.46 15.92 -3.22
CA ASP C 171 -1.78 15.36 -3.12
C ASP C 171 -2.62 16.27 -2.27
N LEU C 172 -3.27 17.22 -2.92
CA LEU C 172 -4.06 18.21 -2.21
C LEU C 172 -5.46 17.71 -1.95
N LYS C 173 -5.91 16.75 -2.79
CA LYS C 173 -7.23 16.14 -2.60
C LYS C 173 -7.36 15.39 -1.26
N MET C 174 -6.41 14.51 -0.99
CA MET C 174 -6.48 13.68 0.23
C MET C 174 -5.61 14.17 1.38
N GLY C 175 -4.87 15.25 1.15
CA GLY C 175 -3.98 15.82 2.16
C GLY C 175 -4.70 16.60 3.26
N ARG C 176 -5.04 15.91 4.34
CA ARG C 176 -5.71 16.58 5.47
C ARG C 176 -4.88 17.73 6.12
N THR C 177 -3.55 17.66 5.98
CA THR C 177 -2.64 18.72 6.46
C THR C 177 -2.83 20.03 5.71
N VAL C 178 -2.91 19.95 4.38
CA VAL C 178 -3.05 21.15 3.55
C VAL C 178 -4.48 21.70 3.64
N HIS C 179 -5.43 20.81 3.95
CA HIS C 179 -6.77 21.26 4.26
C HIS C 179 -6.77 22.16 5.49
N SER C 180 -6.17 21.70 6.58
CA SER C 180 -6.17 22.48 7.82
C SER C 180 -5.32 23.74 7.65
N LEU C 181 -4.13 23.57 7.06
CA LEU C 181 -3.23 24.70 6.88
C LEU C 181 -3.83 25.84 6.02
N LEU C 182 -4.45 25.50 4.89
CA LEU C 182 -5.04 26.51 4.05
C LEU C 182 -6.14 27.28 4.80
N LYS C 183 -6.97 26.59 5.59
CA LYS C 183 -7.95 27.31 6.41
C LYS C 183 -7.32 28.19 7.50
N LEU C 184 -6.35 27.63 8.22
CA LEU C 184 -5.71 28.39 9.28
C LEU C 184 -5.05 29.69 8.74
N LEU C 185 -4.27 29.55 7.68
CA LEU C 185 -3.57 30.69 7.06
C LEU C 185 -4.53 31.76 6.56
N VAL C 186 -5.46 31.34 5.72
CA VAL C 186 -6.40 32.26 5.07
C VAL C 186 -7.36 32.92 6.04
N ARG C 187 -7.88 32.16 7.01
CA ARG C 187 -8.79 32.74 8.00
C ARG C 187 -8.14 33.81 8.88
N ASN C 188 -6.84 33.67 9.16
CA ASN C 188 -6.26 34.42 10.28
C ASN C 188 -5.06 35.29 9.93
N PHE C 189 -4.64 35.21 8.67
CA PHE C 189 -3.43 35.89 8.25
C PHE C 189 -3.70 36.61 6.95
N SER C 190 -2.80 37.53 6.61
CA SER C 190 -2.82 38.28 5.33
C SER C 190 -1.80 37.66 4.39
N ILE C 191 -2.24 36.60 3.72
CA ILE C 191 -1.43 35.84 2.81
C ILE C 191 -1.43 36.54 1.45
N LYS C 192 -0.26 36.65 0.84
CA LYS C 192 -0.15 37.35 -0.44
C LYS C 192 -0.59 36.44 -1.60
N CYS C 193 -0.15 35.19 -1.55
CA CYS C 193 -0.36 34.30 -2.66
C CYS C 193 -0.25 32.86 -2.22
N VAL C 194 -1.13 32.01 -2.77
CA VAL C 194 -1.07 30.57 -2.58
C VAL C 194 -0.99 29.89 -3.95
N PHE C 195 0.08 29.12 -4.15
CA PHE C 195 0.19 28.25 -5.29
C PHE C 195 -0.34 26.85 -4.97
N LEU C 196 -1.40 26.43 -5.66
CA LEU C 196 -1.94 25.10 -5.51
C LEU C 196 -1.32 24.25 -6.58
N VAL C 197 -0.29 23.52 -6.20
CA VAL C 197 0.53 22.75 -7.14
C VAL C 197 0.21 21.24 -7.00
N ALA C 198 -0.55 20.72 -7.95
CA ALA C 198 -1.00 19.33 -7.92
C ALA C 198 -1.44 19.00 -9.33
N PRO C 199 -1.45 17.70 -9.70
CA PRO C 199 -2.18 17.35 -10.92
C PRO C 199 -3.66 17.60 -10.71
N ASP C 200 -4.41 17.79 -11.80
CA ASP C 200 -5.83 18.07 -11.70
C ASP C 200 -6.62 17.06 -10.85
N ALA C 201 -6.27 15.78 -10.98
CA ALA C 201 -6.95 14.70 -10.29
C ALA C 201 -6.79 14.78 -8.78
N LEU C 202 -5.77 15.52 -8.32
CA LEU C 202 -5.44 15.63 -6.90
C LEU C 202 -5.50 17.05 -6.39
N GLN C 203 -6.26 17.91 -7.06
CA GLN C 203 -6.31 19.31 -6.69
C GLN C 203 -7.03 19.57 -5.35
N MET C 204 -6.75 20.72 -4.74
CA MET C 204 -7.48 21.18 -3.55
C MET C 204 -9.02 21.08 -3.75
N PRO C 205 -9.75 20.43 -2.82
CA PRO C 205 -11.20 20.23 -3.03
C PRO C 205 -12.04 21.50 -2.90
N GLN C 206 -13.13 21.54 -3.64
CA GLN C 206 -14.12 22.61 -3.54
C GLN C 206 -14.61 22.82 -2.12
N ASP C 207 -14.86 21.75 -1.39
CA ASP C 207 -15.37 21.86 -0.03
C ASP C 207 -14.36 22.46 0.96
N VAL C 208 -13.14 22.72 0.48
CA VAL C 208 -12.18 23.50 1.24
C VAL C 208 -12.16 24.93 0.73
N LEU C 209 -12.13 25.12 -0.58
CA LEU C 209 -11.96 26.46 -1.17
C LEU C 209 -13.19 27.37 -1.04
N GLU C 210 -14.36 26.84 -1.38
CA GLU C 210 -15.65 27.56 -1.28
C GLU C 210 -15.92 28.21 0.08
N PRO C 211 -15.80 27.46 1.22
CA PRO C 211 -15.98 28.22 2.48
C PRO C 211 -14.94 29.34 2.73
N LEU C 212 -13.83 29.29 1.97
CA LEU C 212 -12.75 30.29 2.10
C LEU C 212 -12.87 31.44 1.11
N GLN C 213 -13.74 31.28 0.12
CA GLN C 213 -13.85 32.22 -0.95
C GLN C 213 -14.12 33.66 -0.47
N HIS C 214 -14.96 33.83 0.54
CA HIS C 214 -15.20 35.20 1.07
C HIS C 214 -13.93 35.90 1.55
N GLU C 215 -13.14 35.16 2.35
CA GLU C 215 -11.91 35.65 2.87
C GLU C 215 -10.82 35.81 1.79
N ILE C 216 -10.71 34.83 0.90
CA ILE C 216 -9.79 34.93 -0.21
C ILE C 216 -10.03 36.25 -0.97
N ALA C 217 -11.30 36.55 -1.28
CA ALA C 217 -11.63 37.73 -2.07
C ALA C 217 -11.47 39.02 -1.31
N THR C 218 -11.96 39.09 -0.08
CA THR C 218 -11.93 40.36 0.64
C THR C 218 -10.53 40.68 1.15
N LYS C 219 -9.67 39.66 1.30
CA LYS C 219 -8.29 39.94 1.69
C LYS C 219 -7.38 40.10 0.48
N GLY C 220 -7.93 39.86 -0.72
CA GLY C 220 -7.16 39.95 -1.95
C GLY C 220 -6.02 38.94 -2.06
N VAL C 221 -6.23 37.73 -1.55
CA VAL C 221 -5.25 36.65 -1.64
C VAL C 221 -5.27 36.10 -3.07
N ILE C 222 -4.10 36.02 -3.71
CA ILE C 222 -3.97 35.40 -5.03
C ILE C 222 -3.98 33.88 -4.89
N ILE C 223 -4.81 33.22 -5.69
CA ILE C 223 -4.81 31.76 -5.78
C ILE C 223 -4.38 31.41 -7.19
N HIS C 224 -3.29 30.67 -7.32
CA HIS C 224 -2.83 30.28 -8.63
C HIS C 224 -2.72 28.74 -8.63
N ARG C 225 -3.35 28.08 -9.59
CA ARG C 225 -3.22 26.63 -9.75
C ARG C 225 -2.20 26.30 -10.83
N THR C 226 -1.28 25.40 -10.54
CA THR C 226 -0.37 24.89 -11.56
C THR C 226 -0.27 23.40 -11.32
N HIS C 227 0.25 22.68 -12.30
CA HIS C 227 0.55 21.28 -12.11
C HIS C 227 2.06 21.05 -12.14
N ALA C 228 2.83 22.13 -12.05
CA ALA C 228 4.28 22.00 -12.03
C ALA C 228 4.95 23.01 -11.08
N LEU C 229 6.14 22.65 -10.61
CA LEU C 229 7.02 23.60 -9.96
C LEU C 229 7.76 24.47 -11.01
N THR C 230 7.02 25.41 -11.59
CA THR C 230 7.55 26.37 -12.57
C THR C 230 8.53 27.32 -11.91
N ASP C 231 9.31 28.00 -12.74
CA ASP C 231 10.28 28.98 -12.28
C ASP C 231 9.60 30.00 -11.40
N GLU C 232 8.41 30.43 -11.84
CA GLU C 232 7.59 31.38 -11.11
C GLU C 232 7.33 30.89 -9.67
N VAL C 233 6.97 29.61 -9.51
CA VAL C 233 6.64 29.09 -8.17
C VAL C 233 7.88 29.06 -7.29
N MET C 234 8.98 28.59 -7.87
CA MET C 234 10.26 28.46 -7.17
C MET C 234 10.84 29.79 -6.76
N GLN C 235 10.72 30.80 -7.63
CA GLN C 235 11.31 32.13 -7.36
C GLN C 235 10.46 32.98 -6.43
N LYS C 236 9.14 32.80 -6.46
CA LYS C 236 8.23 33.61 -5.64
C LYS C 236 7.93 33.05 -4.22
N SER C 237 7.95 31.74 -4.07
CA SER C 237 7.53 31.12 -2.81
C SER C 237 8.50 31.34 -1.66
N ASP C 238 7.96 31.82 -0.55
CA ASP C 238 8.66 31.86 0.73
C ASP C 238 8.61 30.53 1.43
N VAL C 239 7.57 29.76 1.14
CA VAL C 239 7.50 28.40 1.62
C VAL C 239 7.04 27.42 0.54
N LEU C 240 7.75 26.31 0.45
CA LEU C 240 7.31 25.22 -0.40
C LEU C 240 6.88 24.15 0.57
N TYR C 241 5.57 23.93 0.64
CA TYR C 241 5.01 22.94 1.54
C TYR C 241 4.59 21.74 0.70
N THR C 242 5.30 20.64 0.82
CA THR C 242 5.05 19.54 -0.06
C THR C 242 4.55 18.30 0.70
N THR C 243 3.86 17.40 0.00
CA THR C 243 3.12 16.27 0.64
C THR C 243 3.39 14.94 -0.03
N ARG C 244 3.11 13.88 0.71
CA ARG C 244 3.10 12.53 0.23
C ARG C 244 1.80 12.27 -0.51
N LEU C 245 1.87 11.41 -1.51
CA LEU C 245 0.70 10.87 -2.16
C LEU C 245 -0.02 9.94 -1.17
N GLN C 246 -1.27 10.20 -0.89
CA GLN C 246 -1.97 9.44 0.10
C GLN C 246 -2.55 8.13 -0.45
N LYS C 247 -1.66 7.21 -0.81
CA LYS C 247 -2.01 5.93 -1.44
C LYS C 247 -3.12 5.16 -0.73
N GLU C 248 -3.16 5.25 0.59
CA GLU C 248 -4.10 4.48 1.41
C GLU C 248 -5.54 4.95 1.25
N ARG C 249 -5.72 6.15 0.71
CA ARG C 249 -7.07 6.66 0.43
C ARG C 249 -7.55 6.20 -0.94
N PHE C 250 -6.67 5.51 -1.68
CA PHE C 250 -6.94 5.05 -3.04
C PHE C 250 -6.73 3.51 -3.20
N MET C 251 -7.27 2.74 -2.26
CA MET C 251 -7.03 1.30 -2.23
C MET C 251 -8.19 0.47 -2.83
N ALA C 252 -9.01 1.12 -3.66
CA ALA C 252 -10.19 0.45 -4.24
C ALA C 252 -9.92 -0.46 -5.43
N SER C 253 -8.77 -0.31 -6.10
CA SER C 253 -8.47 -1.04 -7.33
C SER C 253 -9.40 -0.62 -8.49
N THR C 254 -9.96 0.59 -8.39
CA THR C 254 -10.84 1.17 -9.42
C THR C 254 -10.02 2.01 -10.39
N SER C 255 -10.62 2.34 -11.53
CA SER C 255 -9.98 3.19 -12.54
C SER C 255 -9.83 4.65 -12.07
N ASP C 256 -10.83 5.12 -11.30
CA ASP C 256 -10.79 6.43 -10.62
C ASP C 256 -9.59 6.52 -9.71
N ASP C 257 -9.36 5.44 -8.96
CA ASP C 257 -8.21 5.39 -8.08
C ASP C 257 -6.88 5.31 -8.84
N ALA C 258 -6.80 4.40 -9.82
CA ALA C 258 -5.62 4.30 -10.70
C ALA C 258 -5.25 5.64 -11.37
N ALA C 259 -6.22 6.34 -11.98
CA ALA C 259 -5.97 7.67 -12.55
C ALA C 259 -5.41 8.66 -11.51
N ALA C 260 -6.06 8.75 -10.34
CA ALA C 260 -5.58 9.65 -9.27
C ALA C 260 -4.14 9.33 -8.85
N LEU C 261 -3.90 8.06 -8.58
CA LEU C 261 -2.56 7.55 -8.20
C LEU C 261 -1.47 7.79 -9.23
N GLN C 262 -1.80 7.63 -10.53
CA GLN C 262 -0.79 7.83 -11.59
C GLN C 262 -0.49 9.32 -11.79
N SER C 263 -1.50 10.16 -11.63
CA SER C 263 -1.39 11.58 -11.95
C SER C 263 -0.29 12.30 -11.17
N PHE C 264 -0.06 11.84 -9.94
CA PHE C 264 0.96 12.41 -9.04
C PHE C 264 2.31 12.55 -9.73
N ALA C 265 2.74 11.48 -10.41
CA ALA C 265 4.00 11.50 -11.18
C ALA C 265 3.80 11.84 -12.67
N ALA C 266 2.72 11.34 -13.28
CA ALA C 266 2.48 11.43 -14.75
C ALA C 266 1.83 12.73 -15.26
N LYS C 267 1.04 13.38 -14.43
CA LYS C 267 0.33 14.57 -14.89
C LYS C 267 0.79 15.82 -14.13
N ALA C 268 1.95 15.71 -13.48
CA ALA C 268 2.55 16.81 -12.74
C ALA C 268 4.08 16.70 -12.72
N ASP C 269 4.72 17.78 -12.33
CA ASP C 269 6.18 17.87 -12.26
C ASP C 269 6.50 18.59 -10.95
N ILE C 270 6.54 17.82 -9.86
CA ILE C 270 6.50 18.40 -8.53
C ILE C 270 7.60 17.91 -7.58
N THR C 271 8.56 17.16 -8.10
CA THR C 271 9.66 16.69 -7.28
C THR C 271 10.59 17.86 -6.86
N ILE C 272 10.89 17.91 -5.57
CA ILE C 272 11.88 18.85 -5.08
C ILE C 272 13.19 18.10 -4.79
N ASP C 273 14.24 18.45 -5.54
CA ASP C 273 15.60 17.92 -5.34
C ASP C 273 16.60 19.09 -5.30
N ALA C 274 17.89 18.81 -5.12
CA ALA C 274 18.89 19.88 -5.08
C ALA C 274 18.89 20.70 -6.40
N ALA C 275 18.83 20.04 -7.55
CA ALA C 275 18.78 20.79 -8.82
C ALA C 275 17.66 21.86 -8.80
N ARG C 276 16.43 21.44 -8.52
CA ARG C 276 15.31 22.38 -8.36
C ARG C 276 15.56 23.50 -7.34
N MET C 277 16.17 23.19 -6.21
CA MET C 277 16.40 24.19 -5.15
C MET C 277 17.29 25.37 -5.58
N ARG C 278 18.04 25.18 -6.66
CA ARG C 278 18.88 26.23 -7.23
C ARG C 278 18.00 27.36 -7.77
N LEU C 279 16.71 27.09 -7.99
CA LEU C 279 15.77 28.12 -8.42
C LEU C 279 15.12 28.91 -7.28
N ALA C 280 15.15 28.34 -6.08
CA ALA C 280 14.47 28.92 -4.92
C ALA C 280 15.19 30.16 -4.42
N LYS C 281 14.44 31.05 -3.77
CA LYS C 281 15.05 32.24 -3.15
C LYS C 281 15.96 31.88 -1.98
N GLU C 282 16.70 32.87 -1.47
CA GLU C 282 17.63 32.63 -0.36
C GLU C 282 16.92 32.44 0.98
N LYS C 283 15.93 33.27 1.21
CA LYS C 283 15.18 33.29 2.45
C LYS C 283 13.81 32.62 2.22
N MET C 284 13.78 31.29 2.36
CA MET C 284 12.56 30.51 2.23
C MET C 284 12.80 29.19 2.94
N ILE C 285 11.74 28.42 3.13
CA ILE C 285 11.85 27.07 3.70
C ILE C 285 11.07 26.05 2.87
N VAL C 286 11.56 24.82 2.90
CA VAL C 286 10.88 23.69 2.35
C VAL C 286 10.27 22.99 3.54
N MET C 287 8.98 22.65 3.43
CA MET C 287 8.26 21.97 4.51
C MET C 287 7.66 20.69 3.98
N HIS C 288 7.42 19.74 4.89
CA HIS C 288 6.74 18.50 4.59
C HIS C 288 6.29 17.96 5.95
N PRO C 289 4.98 17.76 6.14
CA PRO C 289 4.45 17.12 7.37
C PRO C 289 5.06 15.74 7.67
N LEU C 290 5.49 15.05 6.61
CA LEU C 290 6.09 13.72 6.68
C LEU C 290 5.02 12.64 6.94
N PRO C 291 5.33 11.36 6.65
CA PRO C 291 6.56 10.89 6.02
C PRO C 291 6.57 11.23 4.53
N ARG C 292 7.79 11.26 3.95
CA ARG C 292 7.98 11.46 2.51
C ARG C 292 8.29 10.15 1.75
N ASN C 293 7.86 10.11 0.50
CA ASN C 293 8.41 9.16 -0.46
C ASN C 293 9.38 9.93 -1.37
N ASP C 294 9.40 9.65 -2.67
CA ASP C 294 10.40 10.26 -3.58
C ASP C 294 10.11 11.68 -4.08
N GLU C 295 8.99 12.27 -3.66
CA GLU C 295 8.64 13.65 -4.02
C GLU C 295 9.59 14.70 -3.41
N LEU C 296 10.23 14.35 -2.29
CA LEU C 296 11.22 15.20 -1.61
C LEU C 296 12.55 14.46 -1.40
N SER C 297 13.51 14.77 -2.24
CA SER C 297 14.77 14.03 -2.33
C SER C 297 15.67 14.28 -1.12
N THR C 298 16.39 13.23 -0.71
CA THR C 298 17.42 13.35 0.33
C THR C 298 18.55 14.35 -0.02
N THR C 299 18.64 14.76 -1.28
CA THR C 299 19.67 15.74 -1.68
C THR C 299 19.35 17.13 -1.16
N VAL C 300 18.12 17.31 -0.68
CA VAL C 300 17.69 18.61 -0.11
C VAL C 300 18.02 18.65 1.37
N ASP C 301 18.21 17.49 1.98
CA ASP C 301 18.37 17.42 3.43
C ASP C 301 19.46 18.32 4.02
N ALA C 302 20.60 18.48 3.33
CA ALA C 302 21.71 19.34 3.83
C ALA C 302 21.50 20.84 3.66
N ASP C 303 20.47 21.21 2.90
CA ASP C 303 20.16 22.62 2.70
C ASP C 303 19.67 23.28 4.00
N PRO C 304 20.23 24.46 4.35
CA PRO C 304 19.70 25.19 5.53
C PRO C 304 18.19 25.52 5.42
N ARG C 305 17.67 25.55 4.19
CA ARG C 305 16.27 25.87 3.92
C ARG C 305 15.35 24.65 4.11
N ALA C 306 15.95 23.47 4.25
CA ALA C 306 15.17 22.26 4.58
C ALA C 306 14.73 22.30 6.03
N ALA C 307 13.43 22.55 6.25
CA ALA C 307 12.92 22.82 7.59
C ALA C 307 12.11 21.65 8.12
N TYR C 308 11.97 20.59 7.33
CA TYR C 308 11.03 19.53 7.63
C TYR C 308 11.44 18.64 8.80
N PHE C 309 12.71 18.58 9.14
CA PHE C 309 13.09 17.87 10.37
C PHE C 309 12.87 18.74 11.62
N ARG C 310 13.30 20.01 11.58
CA ARG C 310 13.03 20.97 12.64
C ARG C 310 11.52 21.10 12.91
N GLN C 311 10.74 20.98 11.84
CA GLN C 311 9.30 21.00 11.90
C GLN C 311 8.78 19.93 12.86
N MET C 312 9.36 18.74 12.85
CA MET C 312 8.94 17.71 13.82
C MET C 312 9.16 18.18 15.28
N ARG C 313 10.32 18.80 15.54
CA ARG C 313 10.60 19.31 16.86
C ARG C 313 9.65 20.47 17.25
N TYR C 314 9.42 21.42 16.35
CA TYR C 314 8.37 22.47 16.59
C TYR C 314 7.03 21.82 16.92
N GLY C 315 6.75 20.70 16.25
CA GLY C 315 5.55 19.89 16.53
C GLY C 315 5.39 19.44 18.00
N MET C 316 6.46 18.93 18.60
CA MET C 316 6.42 18.56 20.03
C MET C 316 6.11 19.77 20.93
N PHE C 317 6.77 20.90 20.69
CA PHE C 317 6.53 22.11 21.47
C PHE C 317 5.14 22.76 21.29
N MET C 318 4.62 22.73 20.08
CA MET C 318 3.26 23.22 19.87
C MET C 318 2.26 22.29 20.63
N ARG C 319 2.47 20.98 20.52
CA ARG C 319 1.61 20.03 21.23
C ARG C 319 1.68 20.15 22.77
N MET C 320 2.83 20.52 23.33
CA MET C 320 2.93 20.87 24.75
C MET C 320 2.06 22.09 25.05
N ALA C 321 2.16 23.13 24.23
CA ALA C 321 1.40 24.34 24.45
C ALA C 321 -0.10 24.05 24.36
N ILE C 322 -0.50 23.23 23.38
CA ILE C 322 -1.86 22.73 23.26
C ILE C 322 -2.31 21.92 24.49
N LEU C 323 -1.56 20.89 24.87
CA LEU C 323 -1.99 20.04 26.00
C LEU C 323 -2.15 20.83 27.31
N TRP C 324 -1.14 21.65 27.58
CA TRP C 324 -1.17 22.50 28.75
C TRP C 324 -2.36 23.46 28.71
N SER C 325 -2.63 24.06 27.54
CA SER C 325 -3.78 24.98 27.41
C SER C 325 -5.11 24.25 27.55
N VAL C 326 -5.20 23.04 27.00
CA VAL C 326 -6.44 22.29 27.11
C VAL C 326 -6.67 21.85 28.57
N LEU C 327 -5.61 21.42 29.24
CA LEU C 327 -5.76 20.79 30.57
C LEU C 327 -5.51 21.66 31.79
N ALA C 328 -5.06 22.90 31.62
CA ALA C 328 -4.57 23.73 32.75
C ALA C 328 -5.53 23.83 33.97
N SER D 2 -10.15 -2.25 -53.56
CA SER D 2 -9.90 -1.95 -55.01
C SER D 2 -9.90 -0.44 -55.30
N MET D 3 -9.32 -0.09 -56.44
CA MET D 3 -9.21 1.30 -56.89
C MET D 3 -10.52 1.90 -57.42
N LEU D 4 -11.54 1.05 -57.62
CA LEU D 4 -12.84 1.54 -58.06
C LEU D 4 -13.65 2.06 -56.88
N GLU D 5 -13.64 1.30 -55.79
CA GLU D 5 -14.51 1.61 -54.67
C GLU D 5 -13.86 2.34 -53.52
N LEU D 6 -12.54 2.16 -53.34
CA LEU D 6 -11.80 2.86 -52.28
C LEU D 6 -10.54 3.53 -52.82
N PRO D 7 -10.71 4.45 -53.79
CA PRO D 7 -9.51 5.09 -54.28
C PRO D 7 -8.97 6.07 -53.25
N PRO D 8 -7.68 5.98 -52.92
CA PRO D 8 -7.12 6.91 -51.95
C PRO D 8 -7.12 8.34 -52.51
N VAL D 9 -7.12 9.33 -51.63
CA VAL D 9 -6.97 10.71 -52.06
C VAL D 9 -5.49 10.97 -52.29
N ALA D 10 -5.09 11.02 -53.56
CA ALA D 10 -3.69 11.08 -53.93
C ALA D 10 -2.92 12.22 -53.24
N SER D 11 -3.56 13.39 -53.09
CA SER D 11 -2.88 14.57 -52.53
C SER D 11 -2.40 14.37 -51.09
N LEU D 12 -2.97 13.40 -50.39
CA LEU D 12 -2.65 13.15 -48.98
C LEU D 12 -1.44 12.21 -48.78
N LYS D 13 -1.05 11.53 -49.86
CA LYS D 13 -0.03 10.47 -49.80
C LYS D 13 1.25 10.92 -49.15
N GLY D 14 1.68 10.19 -48.12
CA GLY D 14 2.94 10.40 -47.44
C GLY D 14 3.08 11.73 -46.70
N LYS D 15 1.97 12.38 -46.37
CA LYS D 15 2.03 13.74 -45.79
C LYS D 15 1.37 13.89 -44.41
N SER D 16 2.00 14.70 -43.58
CA SER D 16 1.52 15.02 -42.26
C SER D 16 0.28 15.87 -42.31
N ILE D 17 -0.60 15.67 -41.32
CA ILE D 17 -1.83 16.46 -41.16
C ILE D 17 -1.70 17.28 -39.88
N THR D 18 -1.56 18.59 -40.01
CA THR D 18 -1.34 19.51 -38.88
C THR D 18 -2.41 20.58 -38.70
N SER D 19 -3.09 20.95 -39.79
CA SER D 19 -3.99 22.10 -39.80
C SER D 19 -5.14 21.89 -40.78
N ALA D 20 -6.31 22.44 -40.48
CA ALA D 20 -7.41 22.51 -41.44
C ALA D 20 -7.02 23.24 -42.71
N GLU D 21 -6.07 24.18 -42.58
CA GLU D 21 -5.67 25.05 -43.71
C GLU D 21 -5.05 24.29 -44.87
N GLN D 22 -4.56 23.09 -44.63
CA GLN D 22 -3.81 22.36 -45.65
C GLN D 22 -4.70 21.69 -46.71
N PHE D 23 -6.01 21.65 -46.47
CA PHE D 23 -6.91 20.95 -47.39
C PHE D 23 -7.65 21.89 -48.32
N SER D 24 -7.90 21.43 -49.54
CA SER D 24 -8.71 22.14 -50.52
C SER D 24 -10.13 21.58 -50.49
N ARG D 25 -11.08 22.33 -51.04
CA ARG D 25 -12.44 21.82 -51.25
C ARG D 25 -12.47 20.42 -51.88
N ALA D 26 -11.73 20.23 -52.96
CA ALA D 26 -11.63 18.94 -53.62
C ALA D 26 -11.12 17.82 -52.68
N ASP D 27 -10.07 18.11 -51.91
CA ASP D 27 -9.55 17.14 -50.92
C ASP D 27 -10.68 16.67 -49.99
N ILE D 28 -11.41 17.65 -49.45
CA ILE D 28 -12.49 17.40 -48.48
C ILE D 28 -13.59 16.51 -49.05
N TYR D 29 -14.08 16.81 -50.26
CA TYR D 29 -15.13 15.99 -50.89
C TYR D 29 -14.62 14.62 -51.30
N ALA D 30 -13.38 14.52 -51.76
CA ALA D 30 -12.84 13.19 -52.05
C ALA D 30 -12.73 12.34 -50.78
N LEU D 31 -12.41 12.97 -49.64
CA LEU D 31 -12.32 12.24 -48.38
C LEU D 31 -13.69 11.84 -47.85
N ILE D 32 -14.67 12.73 -48.01
CA ILE D 32 -16.06 12.43 -47.68
C ILE D 32 -16.55 11.21 -48.48
N HIS D 33 -16.36 11.24 -49.80
CA HIS D 33 -16.84 10.13 -50.63
C HIS D 33 -16.17 8.83 -50.24
N LEU D 34 -14.87 8.90 -49.92
CA LEU D 34 -14.11 7.69 -49.54
C LEU D 34 -14.57 7.20 -48.16
N ALA D 35 -14.80 8.15 -47.25
CA ALA D 35 -15.35 7.83 -45.93
C ALA D 35 -16.71 7.15 -46.05
N SER D 36 -17.58 7.63 -46.94
CA SER D 36 -18.91 7.01 -47.14
C SER D 36 -18.78 5.59 -47.67
N ALA D 37 -17.84 5.41 -48.59
CA ALA D 37 -17.53 4.09 -49.17
C ALA D 37 -16.91 3.13 -48.14
N MET D 38 -16.05 3.64 -47.26
CA MET D 38 -15.47 2.79 -46.21
C MET D 38 -16.61 2.28 -45.36
N GLN D 39 -17.52 3.18 -45.01
CA GLN D 39 -18.68 2.85 -44.20
C GLN D 39 -19.55 1.78 -44.83
N ARG D 40 -19.86 1.95 -46.13
CA ARG D 40 -20.66 0.97 -46.85
C ARG D 40 -20.06 -0.43 -46.75
N LYS D 41 -18.75 -0.55 -46.97
CA LYS D 41 -18.11 -1.87 -46.96
C LYS D 41 -18.05 -2.44 -45.55
N ILE D 42 -17.60 -1.64 -44.58
CA ILE D 42 -17.54 -2.08 -43.18
C ILE D 42 -18.93 -2.47 -42.65
N ASP D 43 -19.96 -1.70 -42.98
CA ASP D 43 -21.31 -2.03 -42.51
C ASP D 43 -21.89 -3.28 -43.12
N ALA D 44 -21.48 -3.61 -44.34
CA ALA D 44 -21.92 -4.83 -44.97
C ALA D 44 -21.15 -6.06 -44.43
N GLY D 45 -20.23 -5.82 -43.49
CA GLY D 45 -19.40 -6.90 -42.90
C GLY D 45 -18.16 -7.32 -43.69
N GLU D 46 -17.82 -6.51 -44.69
CA GLU D 46 -16.67 -6.73 -45.58
C GLU D 46 -15.36 -6.44 -44.83
N VAL D 47 -14.40 -7.35 -45.02
CA VAL D 47 -13.13 -7.30 -44.34
C VAL D 47 -12.07 -6.67 -45.24
N LEU D 48 -11.36 -5.66 -44.74
CA LEU D 48 -10.37 -4.94 -45.54
C LEU D 48 -8.91 -5.27 -45.18
N ASN D 49 -8.10 -5.50 -46.22
CA ASN D 49 -6.67 -5.81 -46.05
C ASN D 49 -5.64 -4.82 -46.64
N LEU D 50 -6.07 -3.57 -46.78
CA LEU D 50 -5.30 -2.54 -47.47
C LEU D 50 -3.96 -2.18 -46.81
N LEU D 51 -3.88 -2.35 -45.48
CA LEU D 51 -2.73 -1.84 -44.74
C LEU D 51 -2.03 -2.90 -43.91
N GLN D 52 -2.19 -4.16 -44.32
CA GLN D 52 -1.53 -5.27 -43.63
C GLN D 52 -0.05 -4.97 -43.59
N GLY D 53 0.56 -5.18 -42.43
CA GLY D 53 1.99 -4.92 -42.24
C GLY D 53 2.35 -3.47 -41.92
N ARG D 54 1.37 -2.58 -41.84
CA ARG D 54 1.68 -1.20 -41.53
C ARG D 54 1.31 -0.88 -40.08
N ILE D 55 2.09 0.02 -39.49
CA ILE D 55 1.99 0.30 -38.07
C ILE D 55 1.63 1.76 -37.81
N MET D 56 0.60 1.95 -37.00
CA MET D 56 0.29 3.24 -36.44
C MET D 56 0.71 3.21 -34.97
N THR D 57 1.41 4.25 -34.52
CA THR D 57 1.67 4.43 -33.08
C THR D 57 1.01 5.70 -32.54
N PRO D 58 0.08 5.53 -31.58
CA PRO D 58 -0.51 6.69 -30.88
C PRO D 58 0.52 7.30 -29.93
N LEU D 59 0.66 8.62 -29.95
CA LEU D 59 1.49 9.35 -29.00
C LEU D 59 0.60 10.38 -28.32
N PHE D 60 0.02 9.97 -27.21
CA PHE D 60 -0.99 10.75 -26.52
C PHE D 60 -0.48 11.27 -25.18
N PHE D 61 -0.18 12.56 -25.16
CA PHE D 61 0.32 13.20 -23.94
C PHE D 61 -0.84 13.87 -23.20
N GLU D 62 -2.06 13.70 -23.72
CA GLU D 62 -3.32 14.12 -23.05
C GLU D 62 -4.36 13.02 -23.15
N ASP D 63 -5.41 13.17 -22.37
CA ASP D 63 -6.48 12.19 -22.38
C ASP D 63 -7.31 12.22 -23.63
N SER D 64 -7.86 11.06 -23.96
CA SER D 64 -8.68 10.91 -25.15
C SER D 64 -9.57 9.69 -25.02
N SER D 65 -10.82 9.77 -25.49
CA SER D 65 -11.57 8.52 -25.77
C SER D 65 -11.85 8.29 -27.25
N ARG D 66 -12.50 9.24 -27.90
CA ARG D 66 -12.86 9.14 -29.33
C ARG D 66 -11.67 9.12 -30.27
N THR D 67 -10.81 10.12 -30.14
CA THR D 67 -9.72 10.32 -31.08
C THR D 67 -8.74 9.14 -31.06
N PHE D 68 -8.30 8.74 -29.85
CA PHE D 68 -7.49 7.53 -29.68
C PHE D 68 -8.14 6.25 -30.25
N SER D 69 -9.35 5.91 -29.76
CA SER D 69 -9.96 4.63 -30.08
C SER D 69 -10.35 4.59 -31.54
N SER D 70 -10.89 5.70 -32.01
CA SER D 70 -11.27 5.92 -33.39
C SER D 70 -10.12 5.65 -34.35
N PHE D 71 -8.95 6.20 -34.03
CA PHE D 71 -7.78 6.05 -34.88
C PHE D 71 -7.28 4.64 -34.85
N CYS D 72 -7.28 4.02 -33.67
CA CYS D 72 -6.95 2.62 -33.53
C CYS D 72 -7.91 1.72 -34.29
N ALA D 73 -9.22 1.94 -34.11
CA ALA D 73 -10.23 1.13 -34.81
C ALA D 73 -10.13 1.31 -36.33
N ALA D 74 -9.94 2.55 -36.80
CA ALA D 74 -9.76 2.79 -38.24
C ALA D 74 -8.58 1.96 -38.79
N MET D 75 -7.44 2.04 -38.11
CA MET D 75 -6.24 1.35 -38.53
C MET D 75 -6.55 -0.15 -38.68
N ILE D 76 -7.21 -0.70 -37.67
CA ILE D 76 -7.47 -2.13 -37.61
C ILE D 76 -8.41 -2.60 -38.71
N ARG D 77 -9.47 -1.82 -38.93
CA ARG D 77 -10.48 -2.15 -39.91
C ARG D 77 -9.97 -1.96 -41.34
N LEU D 78 -8.79 -1.36 -41.47
CA LEU D 78 -8.01 -1.31 -42.72
C LEU D 78 -6.99 -2.48 -42.84
N GLY D 79 -6.92 -3.33 -41.82
CA GLY D 79 -5.94 -4.42 -41.79
C GLY D 79 -4.58 -4.06 -41.22
N GLY D 80 -4.42 -2.81 -40.80
CA GLY D 80 -3.14 -2.39 -40.25
C GLY D 80 -3.06 -2.72 -38.78
N SER D 81 -1.94 -2.36 -38.15
CA SER D 81 -1.70 -2.66 -36.74
C SER D 81 -1.30 -1.42 -35.92
N VAL D 82 -1.36 -1.56 -34.60
CA VAL D 82 -1.13 -0.46 -33.66
C VAL D 82 -0.07 -0.91 -32.66
N VAL D 83 0.95 -0.09 -32.44
CA VAL D 83 1.92 -0.37 -31.37
C VAL D 83 1.46 0.47 -30.18
N ASN D 84 1.08 -0.18 -29.07
CA ASN D 84 0.38 0.52 -27.96
C ASN D 84 1.28 1.25 -26.97
N PHE D 85 1.93 2.28 -27.47
CA PHE D 85 2.89 3.05 -26.69
C PHE D 85 2.16 3.98 -25.69
N LYS D 86 2.56 3.91 -24.42
CA LYS D 86 2.01 4.75 -23.35
C LYS D 86 3.12 5.56 -22.73
N VAL D 87 2.90 6.87 -22.77
CA VAL D 87 3.83 7.89 -22.37
C VAL D 87 4.23 7.79 -20.89
N GLU D 88 3.32 7.31 -20.06
CA GLU D 88 3.51 7.29 -18.60
C GLU D 88 4.51 6.22 -18.14
N ALA D 89 4.71 5.19 -18.97
CA ALA D 89 5.64 4.09 -18.64
C ALA D 89 6.86 4.09 -19.58
N SER D 90 7.16 5.26 -20.13
CA SER D 90 8.14 5.36 -21.20
C SER D 90 9.47 5.86 -20.67
N SER D 91 10.47 5.84 -21.52
CA SER D 91 11.78 6.36 -21.13
C SER D 91 11.85 7.89 -20.99
N ILE D 92 10.73 8.56 -21.24
CA ILE D 92 10.57 9.97 -20.90
C ILE D 92 10.85 10.18 -19.40
N ASN D 93 10.51 9.20 -18.57
CA ASN D 93 10.83 9.23 -17.14
C ASN D 93 12.32 9.09 -16.80
N LYS D 94 13.13 8.69 -17.79
CA LYS D 94 14.60 8.68 -17.65
C LYS D 94 15.23 10.00 -18.14
N GLY D 95 14.40 10.98 -18.49
CA GLY D 95 14.85 12.30 -18.93
C GLY D 95 14.85 12.51 -20.43
N GLU D 96 14.22 11.61 -21.19
CA GLU D 96 14.21 11.73 -22.65
C GLU D 96 13.39 12.95 -23.11
N THR D 97 13.87 13.68 -24.13
CA THR D 97 13.12 14.81 -24.72
C THR D 97 12.05 14.33 -25.70
N LEU D 98 11.13 15.23 -26.01
CA LEU D 98 10.05 14.98 -26.95
C LEU D 98 10.63 14.62 -28.31
N ALA D 99 11.60 15.38 -28.78
CA ALA D 99 12.22 15.12 -30.08
C ALA D 99 12.84 13.70 -30.20
N ASP D 100 13.55 13.25 -29.16
CA ASP D 100 14.12 11.90 -29.13
C ASP D 100 13.04 10.81 -29.06
N THR D 101 11.97 11.10 -28.32
CA THR D 101 10.81 10.21 -28.29
C THR D 101 10.23 10.09 -29.68
N ILE D 102 10.09 11.21 -30.39
CA ILE D 102 9.56 11.16 -31.75
C ILE D 102 10.44 10.28 -32.64
N ARG D 103 11.74 10.55 -32.64
CA ARG D 103 12.69 9.77 -33.44
C ARG D 103 12.55 8.27 -33.17
N THR D 104 12.33 7.90 -31.91
CA THR D 104 12.20 6.52 -31.48
C THR D 104 11.01 5.86 -32.18
N LEU D 105 9.80 6.35 -31.91
CA LEU D 105 8.60 5.77 -32.51
C LEU D 105 8.61 5.92 -34.02
N ASP D 106 9.20 7.01 -34.52
CA ASP D 106 9.40 7.15 -35.95
C ASP D 106 10.23 6.01 -36.56
N SER D 107 11.05 5.32 -35.77
CA SER D 107 11.90 4.31 -36.37
C SER D 107 11.21 2.93 -36.48
N TYR D 108 10.00 2.82 -35.94
CA TYR D 108 9.27 1.54 -35.95
C TYR D 108 7.98 1.59 -36.75
N SER D 109 7.50 2.80 -37.04
CA SER D 109 6.12 3.04 -37.43
C SER D 109 5.98 3.51 -38.84
N ASP D 110 4.78 3.37 -39.37
CA ASP D 110 4.49 3.97 -40.66
C ASP D 110 3.86 5.36 -40.53
N VAL D 111 3.20 5.60 -39.39
CA VAL D 111 2.47 6.86 -39.14
C VAL D 111 2.31 7.03 -37.64
N LEU D 112 2.56 8.26 -37.15
CA LEU D 112 2.32 8.61 -35.75
C LEU D 112 1.06 9.47 -35.64
N VAL D 113 0.27 9.22 -34.58
CA VAL D 113 -0.90 10.03 -34.22
C VAL D 113 -0.61 10.74 -32.89
N MET D 114 -0.63 12.07 -32.90
CA MET D 114 -0.06 12.79 -31.77
C MET D 114 -0.99 13.81 -31.18
N ARG D 115 -1.27 13.65 -29.89
CA ARG D 115 -1.97 14.68 -29.11
C ARG D 115 -1.06 15.15 -27.99
N HIS D 116 -1.01 16.47 -27.77
CA HIS D 116 -0.03 17.09 -26.86
C HIS D 116 -0.59 18.38 -26.32
N PRO D 117 -0.37 18.72 -25.02
CA PRO D 117 -0.89 19.97 -24.42
C PRO D 117 -0.27 21.26 -24.96
N ARG D 118 0.92 21.18 -25.56
CA ARG D 118 1.59 22.36 -26.08
C ARG D 118 1.29 22.49 -27.57
N GLN D 119 0.94 23.72 -27.96
CA GLN D 119 0.59 24.06 -29.33
C GLN D 119 1.72 23.83 -30.33
N ASP D 120 2.96 24.11 -29.93
CA ASP D 120 4.10 24.04 -30.85
C ASP D 120 4.81 22.67 -30.82
N ALA D 121 4.22 21.72 -30.11
CA ALA D 121 4.77 20.36 -30.05
C ALA D 121 4.74 19.58 -31.38
N ILE D 122 3.74 19.85 -32.22
CA ILE D 122 3.64 19.15 -33.52
C ILE D 122 4.72 19.61 -34.49
N GLU D 123 4.92 20.93 -34.58
CA GLU D 123 6.02 21.51 -35.41
C GLU D 123 7.37 20.92 -35.01
N GLU D 124 7.60 20.90 -33.70
CA GLU D 124 8.79 20.28 -33.13
C GLU D 124 8.92 18.82 -33.53
N ALA D 125 7.83 18.07 -33.48
CA ALA D 125 7.85 16.67 -33.86
C ALA D 125 8.14 16.53 -35.35
N LEU D 126 7.50 17.37 -36.16
CA LEU D 126 7.68 17.40 -37.62
C LEU D 126 9.11 17.68 -38.03
N SER D 127 9.80 18.53 -37.28
CA SER D 127 11.18 18.85 -37.59
C SER D 127 12.11 17.64 -37.48
N VAL D 128 11.71 16.60 -36.76
CA VAL D 128 12.56 15.41 -36.69
C VAL D 128 12.04 14.09 -37.30
N ALA D 129 10.74 13.97 -37.58
CA ALA D 129 10.19 12.66 -38.02
C ALA D 129 10.31 12.45 -39.51
N GLN D 130 10.50 11.20 -39.93
CA GLN D 130 10.56 10.91 -41.35
C GLN D 130 9.19 10.49 -41.88
N HIS D 131 8.36 9.89 -41.02
CA HIS D 131 7.06 9.39 -41.44
C HIS D 131 5.98 10.44 -41.11
N PRO D 132 4.79 10.33 -41.74
CA PRO D 132 3.72 11.30 -41.46
C PRO D 132 3.29 11.34 -39.99
N ILE D 133 3.08 12.54 -39.46
CA ILE D 133 2.46 12.71 -38.15
C ILE D 133 1.08 13.31 -38.36
N LEU D 134 0.09 12.71 -37.70
CA LEU D 134 -1.29 13.22 -37.77
C LEU D 134 -1.63 13.97 -36.47
N ASN D 135 -2.01 15.24 -36.62
CA ASN D 135 -2.29 16.08 -35.45
C ASN D 135 -3.65 15.72 -34.83
N ALA D 136 -3.60 15.02 -33.71
CA ALA D 136 -4.79 14.61 -33.00
C ALA D 136 -5.17 15.67 -31.96
N GLY D 137 -4.43 16.78 -31.96
CA GLY D 137 -4.81 17.98 -31.18
C GLY D 137 -3.63 18.59 -30.45
N ASN D 138 -3.43 19.89 -30.62
CA ASN D 138 -2.26 20.53 -30.02
C ASN D 138 -2.62 21.70 -29.13
N GLY D 139 -2.51 21.52 -27.82
CA GLY D 139 -3.02 22.53 -26.86
C GLY D 139 -4.39 23.03 -27.33
N ALA D 140 -4.59 24.34 -27.27
CA ALA D 140 -5.81 24.98 -27.75
C ALA D 140 -5.70 25.42 -29.22
N GLY D 141 -4.79 24.79 -29.96
CA GLY D 141 -4.56 25.13 -31.36
C GLY D 141 -5.61 24.55 -32.28
N GLU D 142 -5.32 23.38 -32.85
CA GLU D 142 -6.16 22.79 -33.89
C GLU D 142 -6.43 21.31 -33.66
N HIS D 143 -7.39 20.76 -34.40
CA HIS D 143 -7.76 19.35 -34.34
C HIS D 143 -8.29 19.02 -35.74
N PRO D 144 -7.39 18.90 -36.74
CA PRO D 144 -7.78 18.91 -38.15
C PRO D 144 -8.66 17.75 -38.61
N THR D 145 -8.48 16.56 -38.06
CA THR D 145 -9.29 15.42 -38.47
C THR D 145 -10.70 15.49 -37.84
N GLN D 146 -10.79 16.12 -36.67
CA GLN D 146 -12.11 16.46 -36.12
C GLN D 146 -12.89 17.36 -37.11
N ALA D 147 -12.25 18.37 -37.65
CA ALA D 147 -12.90 19.26 -38.67
C ALA D 147 -13.39 18.45 -39.86
N LEU D 148 -12.55 17.50 -40.30
CA LEU D 148 -12.88 16.67 -41.44
C LEU D 148 -14.09 15.77 -41.17
N LEU D 149 -14.09 15.08 -40.02
CA LEU D 149 -15.22 14.19 -39.68
C LEU D 149 -16.50 14.99 -39.37
N ASP D 150 -16.35 16.20 -38.81
CA ASP D 150 -17.50 17.09 -38.53
C ASP D 150 -18.17 17.49 -39.84
N THR D 151 -17.35 17.76 -40.85
CA THR D 151 -17.86 18.15 -42.15
C THR D 151 -18.47 16.94 -42.86
N LEU D 152 -17.89 15.77 -42.65
CA LEU D 152 -18.52 14.54 -43.15
C LEU D 152 -19.90 14.41 -42.51
N THR D 153 -19.98 14.67 -41.20
CA THR D 153 -21.26 14.54 -40.48
C THR D 153 -22.30 15.52 -41.05
N ILE D 154 -21.98 16.81 -41.10
CA ILE D 154 -22.88 17.79 -41.77
C ILE D 154 -23.32 17.31 -43.18
N HIS D 155 -22.36 16.94 -44.00
CA HIS D 155 -22.66 16.50 -45.37
C HIS D 155 -23.62 15.31 -45.40
N SER D 156 -23.34 14.25 -44.64
CA SER D 156 -24.18 13.06 -44.63
C SER D 156 -25.55 13.32 -44.02
N GLU D 157 -25.63 14.08 -42.93
CA GLU D 157 -26.90 14.26 -42.22
C GLU D 157 -27.89 15.20 -42.93
N LEU D 158 -27.35 16.24 -43.54
CA LEU D 158 -28.19 17.27 -44.19
C LEU D 158 -28.10 17.31 -45.73
N GLY D 159 -27.05 16.75 -46.31
CA GLY D 159 -26.96 16.68 -47.77
C GLY D 159 -26.11 17.76 -48.39
N SER D 160 -25.86 18.83 -47.66
CA SER D 160 -25.12 19.96 -48.21
C SER D 160 -24.33 20.62 -47.10
N VAL D 161 -23.20 21.22 -47.46
CA VAL D 161 -22.45 22.05 -46.55
C VAL D 161 -22.60 23.51 -47.01
N ASP D 162 -22.42 23.77 -48.32
CA ASP D 162 -22.73 25.09 -48.91
C ASP D 162 -24.10 25.53 -48.46
N GLY D 163 -24.22 26.79 -48.02
CA GLY D 163 -25.53 27.41 -47.78
C GLY D 163 -26.03 27.29 -46.35
N ILE D 164 -25.27 26.61 -45.49
CA ILE D 164 -25.77 26.34 -44.14
C ILE D 164 -25.64 27.55 -43.22
N THR D 165 -26.49 27.57 -42.20
CA THR D 165 -26.28 28.42 -41.05
C THR D 165 -25.82 27.52 -39.89
N ILE D 166 -24.66 27.87 -39.34
CA ILE D 166 -24.06 27.09 -38.26
C ILE D 166 -23.74 27.98 -37.06
N ALA D 167 -24.14 27.51 -35.89
CA ALA D 167 -23.76 28.16 -34.65
C ALA D 167 -22.62 27.37 -34.05
N LEU D 168 -21.60 28.09 -33.59
CA LEU D 168 -20.51 27.46 -32.84
C LEU D 168 -20.65 28.00 -31.44
N ILE D 169 -20.73 27.07 -30.48
CA ILE D 169 -21.23 27.37 -29.14
C ILE D 169 -20.31 26.83 -28.06
N GLY D 170 -20.10 27.65 -27.02
CA GLY D 170 -19.40 27.22 -25.80
C GLY D 170 -18.08 27.91 -25.58
N ASP D 171 -17.04 27.13 -25.38
CA ASP D 171 -15.73 27.69 -25.16
C ASP D 171 -15.00 27.68 -26.52
N LEU D 172 -15.23 28.74 -27.27
CA LEU D 172 -14.58 28.97 -28.55
C LEU D 172 -13.14 29.46 -28.39
N LYS D 173 -12.83 30.11 -27.27
CA LYS D 173 -11.46 30.50 -27.02
C LYS D 173 -10.53 29.28 -27.01
N MET D 174 -10.79 28.30 -26.16
CA MET D 174 -9.92 27.13 -26.01
C MET D 174 -10.28 25.86 -26.85
N GLY D 175 -11.39 25.94 -27.59
CA GLY D 175 -11.89 24.81 -28.37
C GLY D 175 -11.14 24.66 -29.67
N ARG D 176 -10.15 23.76 -29.67
CA ARG D 176 -9.39 23.49 -30.91
C ARG D 176 -10.24 22.95 -32.04
N THR D 177 -11.33 22.27 -31.69
CA THR D 177 -12.27 21.73 -32.69
C THR D 177 -12.95 22.84 -33.51
N VAL D 178 -13.51 23.83 -32.83
CA VAL D 178 -14.12 24.97 -33.50
C VAL D 178 -13.09 25.82 -34.23
N HIS D 179 -11.84 25.84 -33.75
CA HIS D 179 -10.80 26.54 -34.48
C HIS D 179 -10.60 25.94 -35.86
N SER D 180 -10.42 24.62 -35.92
CA SER D 180 -10.30 23.90 -37.18
C SER D 180 -11.56 23.92 -38.02
N LEU D 181 -12.70 23.73 -37.36
CA LEU D 181 -13.97 23.68 -38.12
C LEU D 181 -14.26 25.05 -38.78
N LEU D 182 -14.10 26.14 -38.04
CA LEU D 182 -14.28 27.48 -38.65
C LEU D 182 -13.41 27.66 -39.90
N LYS D 183 -12.14 27.30 -39.79
CA LYS D 183 -11.21 27.43 -40.91
C LYS D 183 -11.63 26.60 -42.11
N LEU D 184 -11.99 25.34 -41.88
CA LEU D 184 -12.25 24.40 -42.96
C LEU D 184 -13.53 24.77 -43.72
N LEU D 185 -14.56 25.17 -42.98
CA LEU D 185 -15.83 25.60 -43.58
C LEU D 185 -15.69 26.89 -44.38
N VAL D 186 -15.13 27.92 -43.73
CA VAL D 186 -15.01 29.24 -44.35
C VAL D 186 -14.08 29.24 -45.55
N ARG D 187 -12.99 28.47 -45.45
CA ARG D 187 -12.02 28.37 -46.54
C ARG D 187 -12.54 27.61 -47.76
N ASN D 188 -13.44 26.64 -47.58
CA ASN D 188 -13.73 25.72 -48.69
C ASN D 188 -15.21 25.55 -49.09
N PHE D 189 -16.11 26.22 -48.38
CA PHE D 189 -17.54 26.13 -48.64
C PHE D 189 -18.13 27.51 -48.62
N SER D 190 -19.35 27.65 -49.12
CA SER D 190 -19.97 28.94 -49.12
C SER D 190 -21.03 28.93 -48.04
N ILE D 191 -20.56 29.13 -46.80
CA ILE D 191 -21.38 29.21 -45.61
C ILE D 191 -22.20 30.49 -45.59
N LYS D 192 -23.50 30.36 -45.34
CA LYS D 192 -24.39 31.51 -45.27
C LYS D 192 -24.13 32.41 -44.05
N CYS D 193 -24.05 31.80 -42.87
CA CYS D 193 -24.01 32.53 -41.61
C CYS D 193 -23.38 31.67 -40.55
N VAL D 194 -22.46 32.25 -39.80
CA VAL D 194 -21.93 31.65 -38.60
C VAL D 194 -22.34 32.46 -37.35
N PHE D 195 -23.06 31.82 -36.42
CA PHE D 195 -23.24 32.39 -35.08
C PHE D 195 -22.10 31.91 -34.19
N LEU D 196 -21.47 32.82 -33.49
CA LEU D 196 -20.39 32.51 -32.55
C LEU D 196 -21.01 32.78 -31.18
N VAL D 197 -21.36 31.71 -30.49
CA VAL D 197 -22.20 31.81 -29.34
C VAL D 197 -21.38 31.49 -28.11
N ALA D 198 -20.99 32.52 -27.36
CA ALA D 198 -20.09 32.39 -26.23
C ALA D 198 -20.06 33.73 -25.53
N PRO D 199 -19.81 33.73 -24.19
CA PRO D 199 -19.60 35.05 -23.60
C PRO D 199 -18.23 35.57 -24.01
N ASP D 200 -18.03 36.89 -23.87
CA ASP D 200 -16.82 37.59 -24.32
C ASP D 200 -15.51 36.84 -24.01
N ALA D 201 -15.32 36.45 -22.75
CA ALA D 201 -14.10 35.82 -22.30
C ALA D 201 -13.80 34.53 -23.06
N LEU D 202 -14.84 33.93 -23.64
CA LEU D 202 -14.67 32.65 -24.33
C LEU D 202 -14.95 32.71 -25.84
N GLN D 203 -14.89 33.92 -26.41
CA GLN D 203 -15.22 34.14 -27.81
C GLN D 203 -14.14 33.57 -28.73
N MET D 204 -14.48 33.42 -30.01
CA MET D 204 -13.55 32.92 -31.02
C MET D 204 -12.31 33.83 -31.11
N PRO D 205 -11.09 33.26 -31.06
CA PRO D 205 -9.93 34.14 -31.01
C PRO D 205 -9.66 34.86 -32.33
N GLN D 206 -9.03 36.01 -32.22
CA GLN D 206 -8.76 36.90 -33.35
C GLN D 206 -7.72 36.26 -34.27
N ASP D 207 -6.83 35.46 -33.70
CA ASP D 207 -5.84 34.71 -34.47
C ASP D 207 -6.46 33.65 -35.43
N VAL D 208 -7.72 33.29 -35.19
CA VAL D 208 -8.48 32.45 -36.11
C VAL D 208 -9.33 33.33 -37.06
N LEU D 209 -9.94 34.38 -36.52
CA LEU D 209 -10.87 35.21 -37.30
C LEU D 209 -10.19 36.04 -38.38
N GLU D 210 -9.12 36.73 -37.99
CA GLU D 210 -8.39 37.66 -38.84
C GLU D 210 -7.89 37.04 -40.16
N PRO D 211 -7.20 35.87 -40.11
CA PRO D 211 -6.82 35.25 -41.39
C PRO D 211 -7.98 34.81 -42.28
N LEU D 212 -9.20 34.72 -41.75
CA LEU D 212 -10.35 34.34 -42.57
C LEU D 212 -11.10 35.55 -43.15
N GLN D 213 -10.76 36.75 -42.69
CA GLN D 213 -11.53 37.96 -43.02
C GLN D 213 -11.69 38.18 -44.50
N HIS D 214 -10.63 37.94 -45.25
CA HIS D 214 -10.72 37.99 -46.70
C HIS D 214 -11.73 37.03 -47.28
N GLU D 215 -11.66 35.76 -46.92
CA GLU D 215 -12.59 34.79 -47.48
C GLU D 215 -14.03 34.98 -46.98
N ILE D 216 -14.17 35.52 -45.77
CA ILE D 216 -15.44 35.92 -45.24
C ILE D 216 -16.04 37.00 -46.15
N ALA D 217 -15.24 37.99 -46.54
CA ALA D 217 -15.73 39.05 -47.43
C ALA D 217 -16.05 38.54 -48.83
N THR D 218 -15.13 37.75 -49.39
CA THR D 218 -15.27 37.15 -50.74
C THR D 218 -16.53 36.30 -50.90
N LYS D 219 -16.86 35.53 -49.88
CA LYS D 219 -18.02 34.66 -49.99
C LYS D 219 -19.26 35.32 -49.39
N GLY D 220 -19.05 36.44 -48.71
CA GLY D 220 -20.14 37.21 -48.13
C GLY D 220 -20.77 36.47 -46.95
N VAL D 221 -19.92 35.81 -46.16
CA VAL D 221 -20.38 35.09 -44.98
C VAL D 221 -20.80 36.08 -43.89
N ILE D 222 -22.00 35.88 -43.35
CA ILE D 222 -22.46 36.63 -42.21
C ILE D 222 -21.90 36.04 -40.90
N ILE D 223 -21.29 36.88 -40.08
CA ILE D 223 -20.74 36.48 -38.77
C ILE D 223 -21.39 37.32 -37.67
N HIS D 224 -22.15 36.67 -36.79
CA HIS D 224 -22.72 37.36 -35.65
C HIS D 224 -22.25 36.71 -34.36
N ARG D 225 -21.84 37.54 -33.41
CA ARG D 225 -21.54 37.11 -32.05
C ARG D 225 -22.81 37.19 -31.22
N THR D 226 -23.05 36.18 -30.39
CA THR D 226 -24.12 36.29 -29.38
C THR D 226 -23.53 35.78 -28.08
N HIS D 227 -24.20 36.09 -26.97
CA HIS D 227 -23.84 35.52 -25.68
C HIS D 227 -24.92 34.53 -25.21
N ALA D 228 -25.84 34.18 -26.11
CA ALA D 228 -26.93 33.28 -25.78
C ALA D 228 -27.45 32.54 -27.01
N LEU D 229 -28.10 31.41 -26.78
CA LEU D 229 -28.88 30.77 -27.83
C LEU D 229 -30.24 31.46 -28.00
N THR D 230 -30.27 32.64 -28.62
CA THR D 230 -31.50 33.39 -28.87
C THR D 230 -32.47 32.63 -29.78
N ASP D 231 -33.73 33.08 -29.79
CA ASP D 231 -34.77 32.48 -30.65
C ASP D 231 -34.29 32.50 -32.08
N GLU D 232 -33.57 33.56 -32.45
CA GLU D 232 -33.00 33.70 -33.78
C GLU D 232 -31.94 32.64 -34.07
N VAL D 233 -30.98 32.44 -33.16
CA VAL D 233 -29.97 31.37 -33.37
C VAL D 233 -30.69 30.02 -33.54
N MET D 234 -31.66 29.77 -32.67
CA MET D 234 -32.41 28.52 -32.70
C MET D 234 -33.22 28.35 -33.99
N GLN D 235 -33.82 29.44 -34.47
CA GLN D 235 -34.72 29.37 -35.62
C GLN D 235 -34.00 29.29 -36.94
N LYS D 236 -32.78 29.80 -37.01
CA LYS D 236 -32.08 29.87 -38.29
C LYS D 236 -30.97 28.85 -38.50
N SER D 237 -30.47 28.23 -37.43
CA SER D 237 -29.33 27.31 -37.56
C SER D 237 -29.75 25.94 -38.10
N ASP D 238 -28.99 25.48 -39.10
CA ASP D 238 -29.09 24.13 -39.62
C ASP D 238 -28.20 23.18 -38.81
N VAL D 239 -27.16 23.73 -38.17
CA VAL D 239 -26.26 22.98 -37.33
C VAL D 239 -26.02 23.77 -36.04
N LEU D 240 -26.32 23.14 -34.90
CA LEU D 240 -25.89 23.64 -33.60
C LEU D 240 -24.72 22.79 -33.10
N TYR D 241 -23.53 23.38 -33.17
CA TYR D 241 -22.32 22.69 -32.81
C TYR D 241 -21.89 23.18 -31.47
N THR D 242 -22.07 22.38 -30.44
CA THR D 242 -21.73 22.84 -29.12
C THR D 242 -20.47 22.19 -28.57
N THR D 243 -19.92 22.76 -27.51
CA THR D 243 -18.62 22.33 -26.98
C THR D 243 -18.58 22.31 -25.46
N ARG D 244 -17.59 21.60 -24.93
CA ARG D 244 -17.39 21.55 -23.51
C ARG D 244 -16.52 22.75 -23.11
N LEU D 245 -16.73 23.29 -21.91
CA LEU D 245 -15.84 24.29 -21.35
C LEU D 245 -14.52 23.59 -21.03
N GLN D 246 -13.43 24.08 -21.58
CA GLN D 246 -12.17 23.43 -21.46
C GLN D 246 -11.44 23.82 -20.18
N LYS D 247 -11.91 23.32 -19.06
CA LYS D 247 -11.44 23.73 -17.75
C LYS D 247 -9.96 23.45 -17.52
N GLU D 248 -9.49 22.31 -18.01
CA GLU D 248 -8.08 21.96 -17.87
C GLU D 248 -7.13 22.95 -18.59
N ARG D 249 -7.66 23.77 -19.48
CA ARG D 249 -6.86 24.78 -20.18
C ARG D 249 -6.86 26.12 -19.44
N PHE D 250 -7.61 26.19 -18.34
CA PHE D 250 -7.58 27.27 -17.31
C PHE D 250 -7.83 28.68 -17.85
N ASP D 257 -10.07 35.18 -13.62
CA ASP D 257 -11.27 34.41 -13.28
C ASP D 257 -12.51 34.82 -14.11
N ALA D 258 -12.31 35.78 -15.02
CA ALA D 258 -13.37 36.30 -15.88
C ALA D 258 -14.07 35.19 -16.70
N ALA D 259 -13.29 34.29 -17.27
CA ALA D 259 -13.83 33.14 -18.01
C ALA D 259 -14.73 32.26 -17.15
N ALA D 260 -14.31 32.00 -15.92
CA ALA D 260 -15.07 31.13 -15.01
C ALA D 260 -16.42 31.78 -14.66
N LEU D 261 -16.40 33.07 -14.37
CA LEU D 261 -17.60 33.83 -14.00
C LEU D 261 -18.55 34.06 -15.17
N GLN D 262 -17.98 34.35 -16.34
CA GLN D 262 -18.82 34.62 -17.51
C GLN D 262 -19.41 33.32 -17.98
N SER D 263 -18.60 32.26 -17.96
CA SER D 263 -19.06 30.93 -18.25
C SER D 263 -20.26 30.59 -17.35
N PHE D 264 -20.10 30.80 -16.05
CA PHE D 264 -21.18 30.54 -15.14
C PHE D 264 -22.44 31.34 -15.53
N ALA D 265 -22.26 32.63 -15.80
CA ALA D 265 -23.38 33.52 -16.01
C ALA D 265 -24.16 33.18 -17.28
N ALA D 266 -23.48 32.65 -18.28
CA ALA D 266 -24.12 32.27 -19.54
C ALA D 266 -24.59 30.80 -19.64
N LYS D 267 -24.38 29.98 -18.60
CA LYS D 267 -24.53 28.52 -18.77
C LYS D 267 -25.89 28.09 -19.28
N ALA D 268 -26.92 28.56 -18.60
CA ALA D 268 -28.29 28.25 -18.94
C ALA D 268 -28.62 28.76 -20.36
N ASP D 269 -28.32 30.03 -20.65
CA ASP D 269 -28.44 30.60 -22.02
C ASP D 269 -27.74 29.79 -23.13
N ILE D 270 -26.72 29.04 -22.72
CA ILE D 270 -25.84 28.26 -23.61
C ILE D 270 -26.18 26.75 -23.64
N THR D 271 -27.19 26.35 -22.86
CA THR D 271 -27.49 24.95 -22.68
C THR D 271 -28.50 24.52 -23.75
N ILE D 272 -28.26 23.40 -24.39
CA ILE D 272 -29.25 22.79 -25.27
C ILE D 272 -29.88 21.66 -24.50
N ASP D 273 -31.19 21.78 -24.25
CA ASP D 273 -32.02 20.71 -23.67
C ASP D 273 -33.29 20.53 -24.55
N ALA D 274 -34.17 19.60 -24.21
CA ALA D 274 -35.41 19.40 -24.99
C ALA D 274 -36.31 20.66 -25.08
N ALA D 275 -36.35 21.44 -23.99
CA ALA D 275 -37.12 22.68 -23.97
C ALA D 275 -36.57 23.69 -24.98
N ARG D 276 -35.25 23.84 -25.02
CA ARG D 276 -34.63 24.68 -26.03
C ARG D 276 -34.90 24.15 -27.45
N MET D 277 -34.82 22.83 -27.63
CA MET D 277 -35.06 22.23 -28.97
C MET D 277 -36.46 22.48 -29.57
N ARG D 278 -37.45 22.87 -28.76
CA ARG D 278 -38.80 23.18 -29.27
C ARG D 278 -38.80 24.38 -30.24
N LEU D 279 -37.72 25.17 -30.20
CA LEU D 279 -37.50 26.30 -31.12
C LEU D 279 -36.67 25.95 -32.37
N ALA D 280 -36.06 24.77 -32.38
CA ALA D 280 -35.18 24.39 -33.47
C ALA D 280 -35.96 24.08 -34.75
N LYS D 281 -35.32 24.24 -35.91
CA LYS D 281 -35.88 23.79 -37.18
C LYS D 281 -36.25 22.31 -37.09
N GLU D 282 -37.23 21.92 -37.91
CA GLU D 282 -37.65 20.53 -37.98
C GLU D 282 -36.54 19.66 -38.52
N LYS D 283 -35.78 20.22 -39.46
CA LYS D 283 -34.67 19.54 -40.08
C LYS D 283 -33.38 20.32 -39.80
N MET D 284 -32.55 19.77 -38.91
CA MET D 284 -31.28 20.35 -38.46
C MET D 284 -30.55 19.31 -37.64
N ILE D 285 -29.29 19.56 -37.28
CA ILE D 285 -28.59 18.63 -36.37
C ILE D 285 -27.95 19.34 -35.23
N VAL D 286 -27.91 18.65 -34.10
CA VAL D 286 -27.09 19.06 -32.95
C VAL D 286 -25.81 18.25 -32.96
N MET D 287 -24.67 18.94 -32.86
CA MET D 287 -23.35 18.30 -32.89
C MET D 287 -22.54 18.68 -31.68
N HIS D 288 -21.57 17.85 -31.35
CA HIS D 288 -20.66 18.07 -30.22
C HIS D 288 -19.50 17.10 -30.45
N PRO D 289 -18.26 17.60 -30.47
CA PRO D 289 -17.12 16.72 -30.68
C PRO D 289 -16.99 15.74 -29.52
N LEU D 290 -17.55 16.14 -28.37
CA LEU D 290 -17.57 15.39 -27.10
C LEU D 290 -16.16 15.31 -26.55
N PRO D 291 -16.00 14.99 -25.24
CA PRO D 291 -17.09 14.67 -24.31
C PRO D 291 -17.87 15.92 -23.89
N ARG D 292 -19.10 15.70 -23.45
CA ARG D 292 -19.96 16.76 -23.02
C ARG D 292 -19.96 16.78 -21.50
N ASN D 293 -20.17 17.96 -20.94
CA ASN D 293 -20.58 18.06 -19.59
C ASN D 293 -22.07 18.43 -19.59
N ASP D 294 -22.41 19.42 -18.77
CA ASP D 294 -23.78 19.86 -18.54
C ASP D 294 -24.41 20.69 -19.70
N GLU D 295 -23.60 21.14 -20.66
CA GLU D 295 -24.06 22.05 -21.73
C GLU D 295 -24.99 21.38 -22.76
N LEU D 296 -24.96 20.06 -22.83
CA LEU D 296 -25.82 19.32 -23.75
C LEU D 296 -26.54 18.25 -22.91
N SER D 297 -27.80 18.52 -22.61
CA SER D 297 -28.61 17.65 -21.78
C SER D 297 -28.92 16.31 -22.45
N THR D 298 -28.96 15.27 -21.61
CA THR D 298 -29.37 13.93 -22.02
C THR D 298 -30.83 13.89 -22.55
N THR D 299 -31.63 14.92 -22.24
CA THR D 299 -33.01 15.03 -22.75
C THR D 299 -33.03 15.19 -24.27
N VAL D 300 -31.90 15.58 -24.84
CA VAL D 300 -31.79 15.74 -26.30
C VAL D 300 -31.52 14.40 -26.99
N ASP D 301 -30.95 13.43 -26.26
CA ASP D 301 -30.42 12.18 -26.81
C ASP D 301 -31.38 11.40 -27.69
N ALA D 302 -32.65 11.42 -27.33
CA ALA D 302 -33.65 10.64 -28.07
C ALA D 302 -34.12 11.33 -29.34
N ASP D 303 -33.85 12.63 -29.48
CA ASP D 303 -34.31 13.43 -30.61
C ASP D 303 -33.59 13.05 -31.90
N PRO D 304 -34.31 12.84 -33.03
CA PRO D 304 -33.63 12.43 -34.27
C PRO D 304 -32.61 13.48 -34.76
N ARG D 305 -32.74 14.72 -34.29
CA ARG D 305 -31.74 15.79 -34.62
C ARG D 305 -30.43 15.69 -33.84
N ALA D 306 -30.44 14.90 -32.78
CA ALA D 306 -29.21 14.61 -32.02
C ALA D 306 -28.23 13.78 -32.85
N ALA D 307 -27.22 14.41 -33.40
CA ALA D 307 -26.33 13.73 -34.34
C ALA D 307 -24.95 13.41 -33.75
N TYR D 308 -24.74 13.78 -32.48
CA TYR D 308 -23.41 13.70 -31.86
C TYR D 308 -22.92 12.29 -31.50
N PHE D 309 -23.83 11.32 -31.40
CA PHE D 309 -23.41 9.92 -31.36
C PHE D 309 -23.03 9.39 -32.75
N ARG D 310 -23.87 9.61 -33.75
CA ARG D 310 -23.55 9.20 -35.15
C ARG D 310 -22.23 9.84 -35.61
N GLN D 311 -22.00 11.06 -35.14
CA GLN D 311 -20.78 11.84 -35.38
C GLN D 311 -19.52 11.05 -35.06
N MET D 312 -19.57 10.25 -34.01
CA MET D 312 -18.39 9.50 -33.58
C MET D 312 -18.09 8.42 -34.59
N ARG D 313 -19.16 7.82 -35.12
CA ARG D 313 -19.00 6.71 -36.03
C ARG D 313 -18.49 7.21 -37.39
N TYR D 314 -18.97 8.37 -37.84
CA TYR D 314 -18.39 9.09 -38.99
C TYR D 314 -16.90 9.34 -38.80
N GLY D 315 -16.50 9.68 -37.57
CA GLY D 315 -15.11 9.89 -37.22
C GLY D 315 -14.23 8.68 -37.51
N MET D 316 -14.73 7.48 -37.24
CA MET D 316 -13.99 6.26 -37.56
C MET D 316 -13.83 6.13 -39.10
N PHE D 317 -14.92 6.33 -39.84
CA PHE D 317 -14.86 6.17 -41.31
C PHE D 317 -14.02 7.24 -41.99
N MET D 318 -14.09 8.48 -41.50
CA MET D 318 -13.22 9.55 -41.98
C MET D 318 -11.73 9.24 -41.67
N ARG D 319 -11.47 8.65 -40.50
CA ARG D 319 -10.09 8.26 -40.14
C ARG D 319 -9.59 7.06 -40.94
N MET D 320 -10.49 6.17 -41.30
CA MET D 320 -10.20 5.16 -42.32
C MET D 320 -9.80 5.78 -43.66
N ALA D 321 -10.61 6.73 -44.15
CA ALA D 321 -10.30 7.40 -45.42
C ALA D 321 -8.95 8.10 -45.35
N ILE D 322 -8.68 8.76 -44.22
CA ILE D 322 -7.41 9.48 -44.03
C ILE D 322 -6.17 8.59 -43.97
N LEU D 323 -6.20 7.56 -43.11
CA LEU D 323 -5.08 6.64 -43.00
C LEU D 323 -4.78 5.97 -44.34
N TRP D 324 -5.83 5.51 -45.03
CA TRP D 324 -5.65 4.88 -46.33
C TRP D 324 -5.01 5.85 -47.32
N SER D 325 -5.48 7.09 -47.35
CA SER D 325 -4.92 8.07 -48.28
C SER D 325 -3.47 8.43 -47.92
N VAL D 326 -3.18 8.53 -46.61
CA VAL D 326 -1.82 8.85 -46.19
C VAL D 326 -0.83 7.74 -46.52
N LEU D 327 -1.22 6.49 -46.27
CA LEU D 327 -0.32 5.34 -46.43
C LEU D 327 -0.41 4.58 -47.76
N ALA D 328 -1.39 4.89 -48.61
CA ALA D 328 -1.67 4.10 -49.84
C ALA D 328 -0.43 3.64 -50.64
N SER E 2 -8.19 -30.43 -36.81
CA SER E 2 -8.01 -30.27 -38.29
C SER E 2 -9.30 -30.61 -39.09
N MET E 3 -9.83 -31.80 -38.87
CA MET E 3 -11.11 -32.18 -39.44
C MET E 3 -12.26 -31.88 -38.47
N LEU E 4 -11.91 -31.35 -37.30
CA LEU E 4 -12.85 -30.93 -36.26
C LEU E 4 -13.52 -29.62 -36.68
N GLU E 5 -14.86 -29.55 -36.60
CA GLU E 5 -15.59 -28.32 -36.98
C GLU E 5 -15.58 -27.36 -35.79
N LEU E 6 -15.90 -26.08 -36.03
CA LEU E 6 -16.09 -25.11 -34.95
C LEU E 6 -17.47 -24.48 -35.07
N PRO E 7 -18.51 -25.25 -34.74
CA PRO E 7 -19.86 -24.72 -34.89
C PRO E 7 -20.13 -23.73 -33.76
N PRO E 8 -20.54 -22.50 -34.10
CA PRO E 8 -20.84 -21.54 -33.04
C PRO E 8 -22.03 -22.00 -32.24
N VAL E 9 -22.08 -21.66 -30.95
CA VAL E 9 -23.25 -22.01 -30.16
C VAL E 9 -24.32 -20.97 -30.48
N ALA E 10 -25.28 -21.36 -31.32
CA ALA E 10 -26.20 -20.44 -31.99
C ALA E 10 -26.99 -19.57 -31.06
N SER E 11 -27.44 -20.13 -29.93
CA SER E 11 -28.21 -19.36 -28.92
C SER E 11 -27.45 -18.16 -28.32
N LEU E 12 -26.13 -18.11 -28.49
CA LEU E 12 -25.37 -16.97 -27.99
C LEU E 12 -25.28 -15.85 -29.01
N LYS E 13 -25.57 -16.17 -30.28
CA LYS E 13 -25.38 -15.21 -31.34
C LYS E 13 -25.89 -13.80 -30.98
N GLY E 14 -24.98 -12.82 -31.06
CA GLY E 14 -25.39 -11.43 -30.91
C GLY E 14 -25.94 -11.02 -29.55
N LYS E 15 -25.70 -11.83 -28.52
CA LYS E 15 -26.26 -11.48 -27.24
C LYS E 15 -25.23 -11.18 -26.16
N SER E 16 -25.56 -10.21 -25.34
CA SER E 16 -24.83 -9.86 -24.15
C SER E 16 -24.85 -10.97 -23.11
N ILE E 17 -23.79 -11.06 -22.31
CA ILE E 17 -23.73 -12.04 -21.25
C ILE E 17 -23.63 -11.31 -19.93
N THR E 18 -24.71 -11.37 -19.15
CA THR E 18 -24.71 -10.66 -17.87
C THR E 18 -24.71 -11.60 -16.66
N SER E 19 -25.30 -12.79 -16.82
CA SER E 19 -25.59 -13.69 -15.69
C SER E 19 -25.45 -15.16 -16.07
N ALA E 20 -24.97 -15.95 -15.12
CA ALA E 20 -24.93 -17.41 -15.24
C ALA E 20 -26.33 -18.00 -15.44
N GLU E 21 -27.37 -17.22 -15.11
CA GLU E 21 -28.77 -17.67 -15.19
C GLU E 21 -29.26 -17.82 -16.63
N GLN E 22 -28.56 -17.24 -17.59
CA GLN E 22 -29.09 -17.11 -18.93
C GLN E 22 -28.73 -18.33 -19.80
N PHE E 23 -27.92 -19.22 -19.22
CA PHE E 23 -27.45 -20.41 -19.94
C PHE E 23 -28.23 -21.64 -19.55
N SER E 24 -28.54 -22.47 -20.56
CA SER E 24 -29.13 -23.79 -20.36
C SER E 24 -28.02 -24.82 -20.27
N ARG E 25 -28.36 -26.00 -19.78
CA ARG E 25 -27.47 -27.15 -19.77
C ARG E 25 -26.91 -27.43 -21.16
N ALA E 26 -27.77 -27.43 -22.18
CA ALA E 26 -27.29 -27.63 -23.54
C ALA E 26 -26.34 -26.52 -24.03
N ASP E 27 -26.56 -25.28 -23.59
CA ASP E 27 -25.66 -24.15 -23.93
C ASP E 27 -24.26 -24.45 -23.40
N ILE E 28 -24.22 -24.88 -22.14
CA ILE E 28 -22.99 -25.16 -21.41
C ILE E 28 -22.21 -26.34 -22.01
N TYR E 29 -22.88 -27.42 -22.38
CA TYR E 29 -22.17 -28.55 -23.00
C TYR E 29 -21.68 -28.22 -24.40
N ALA E 30 -22.47 -27.46 -25.15
CA ALA E 30 -22.04 -26.99 -26.45
C ALA E 30 -20.79 -26.06 -26.36
N LEU E 31 -20.74 -25.18 -25.35
CA LEU E 31 -19.57 -24.33 -25.15
C LEU E 31 -18.35 -25.10 -24.68
N ILE E 32 -18.57 -26.11 -23.85
CA ILE E 32 -17.52 -27.02 -23.40
C ILE E 32 -16.91 -27.79 -24.59
N HIS E 33 -17.74 -28.41 -25.41
CA HIS E 33 -17.21 -29.15 -26.55
C HIS E 33 -16.55 -28.23 -27.59
N LEU E 34 -17.03 -26.99 -27.70
CA LEU E 34 -16.40 -26.03 -28.61
C LEU E 34 -15.04 -25.54 -28.06
N ALA E 35 -14.97 -25.26 -26.76
CA ALA E 35 -13.72 -24.84 -26.08
C ALA E 35 -12.66 -25.92 -26.17
N SER E 36 -13.12 -27.16 -26.11
CA SER E 36 -12.22 -28.29 -26.18
C SER E 36 -11.68 -28.49 -27.60
N ALA E 37 -12.52 -28.24 -28.59
CA ALA E 37 -12.10 -28.28 -29.97
C ALA E 37 -11.25 -27.06 -30.33
N MET E 38 -11.53 -25.90 -29.70
CA MET E 38 -10.65 -24.72 -29.85
C MET E 38 -9.25 -25.14 -29.42
N GLN E 39 -9.18 -25.79 -28.27
CA GLN E 39 -7.92 -26.11 -27.63
C GLN E 39 -7.14 -27.06 -28.50
N ARG E 40 -7.81 -28.06 -29.06
CA ARG E 40 -7.15 -29.06 -29.89
C ARG E 40 -6.50 -28.41 -31.08
N LYS E 41 -7.23 -27.51 -31.74
CA LYS E 41 -6.70 -26.86 -32.92
C LYS E 41 -5.51 -25.94 -32.60
N ILE E 42 -5.64 -25.15 -31.53
CA ILE E 42 -4.60 -24.21 -31.14
C ILE E 42 -3.30 -24.91 -30.70
N ASP E 43 -3.43 -25.90 -29.83
CA ASP E 43 -2.29 -26.66 -29.33
C ASP E 43 -1.53 -27.40 -30.47
N ALA E 44 -2.23 -27.73 -31.55
CA ALA E 44 -1.60 -28.28 -32.76
C ALA E 44 -0.97 -27.20 -33.64
N GLY E 45 -1.17 -25.94 -33.29
CA GLY E 45 -0.55 -24.82 -34.03
C GLY E 45 -1.34 -24.34 -35.23
N GLU E 46 -2.61 -24.71 -35.29
CA GLU E 46 -3.49 -24.26 -36.35
C GLU E 46 -3.83 -22.79 -36.14
N VAL E 47 -3.91 -22.04 -37.24
CA VAL E 47 -4.20 -20.60 -37.21
C VAL E 47 -5.65 -20.32 -37.61
N LEU E 48 -6.40 -19.69 -36.70
CA LEU E 48 -7.82 -19.46 -36.95
C LEU E 48 -8.07 -18.05 -37.44
N ASN E 49 -8.73 -17.94 -38.59
CA ASN E 49 -9.18 -16.63 -39.07
C ASN E 49 -10.68 -16.51 -39.08
N LEU E 50 -11.30 -16.72 -37.92
CA LEU E 50 -12.76 -16.68 -37.83
C LEU E 50 -13.33 -15.27 -37.71
N LEU E 51 -12.61 -14.38 -37.02
CA LEU E 51 -13.13 -13.04 -36.74
C LEU E 51 -12.28 -11.94 -37.33
N GLN E 52 -11.58 -12.20 -38.40
CA GLN E 52 -10.79 -11.16 -39.02
C GLN E 52 -11.68 -9.94 -39.24
N GLY E 53 -11.18 -8.78 -38.87
CA GLY E 53 -11.91 -7.54 -39.03
C GLY E 53 -12.93 -7.22 -37.93
N ARG E 54 -13.03 -8.06 -36.90
CA ARG E 54 -13.91 -7.80 -35.78
C ARG E 54 -13.09 -7.21 -34.62
N ILE E 55 -13.72 -6.31 -33.88
CA ILE E 55 -13.05 -5.60 -32.78
C ILE E 55 -13.70 -5.89 -31.43
N MET E 56 -12.86 -6.24 -30.48
CA MET E 56 -13.27 -6.33 -29.10
C MET E 56 -12.64 -5.12 -28.40
N THR E 57 -13.41 -4.38 -27.60
CA THR E 57 -12.84 -3.36 -26.74
C THR E 57 -13.06 -3.68 -25.26
N PRO E 58 -11.95 -3.75 -24.49
CA PRO E 58 -12.07 -3.99 -23.07
C PRO E 58 -12.44 -2.68 -22.32
N LEU E 59 -13.42 -2.76 -21.43
CA LEU E 59 -13.80 -1.59 -20.65
C LEU E 59 -13.67 -1.96 -19.18
N PHE E 60 -12.46 -1.82 -18.64
CA PHE E 60 -12.17 -2.29 -17.27
C PHE E 60 -12.08 -1.11 -16.29
N PHE E 61 -13.15 -0.87 -15.54
CA PHE E 61 -13.21 0.22 -14.54
C PHE E 61 -12.63 -0.17 -13.19
N GLU E 62 -12.23 -1.43 -13.10
CA GLU E 62 -11.38 -1.87 -11.97
C GLU E 62 -10.38 -2.90 -12.49
N ASP E 63 -9.38 -3.20 -11.66
CA ASP E 63 -8.28 -4.09 -12.01
C ASP E 63 -8.71 -5.48 -12.51
N SER E 64 -7.88 -6.04 -13.39
CA SER E 64 -7.93 -7.45 -13.84
C SER E 64 -6.58 -7.83 -14.48
N SER E 65 -6.09 -9.03 -14.20
CA SER E 65 -5.01 -9.64 -14.98
C SER E 65 -5.55 -10.76 -15.89
N ARG E 66 -6.15 -11.78 -15.29
CA ARG E 66 -6.59 -12.99 -16.01
C ARG E 66 -7.73 -12.70 -16.99
N THR E 67 -8.80 -12.05 -16.52
CA THR E 67 -10.02 -11.92 -17.30
C THR E 67 -9.70 -11.02 -18.51
N PHE E 68 -9.04 -9.89 -18.25
CA PHE E 68 -8.60 -8.99 -19.31
C PHE E 68 -7.69 -9.65 -20.35
N SER E 69 -6.62 -10.33 -19.92
CA SER E 69 -5.67 -10.89 -20.91
C SER E 69 -6.25 -12.08 -21.64
N SER E 70 -7.02 -12.88 -20.90
CA SER E 70 -7.71 -14.06 -21.42
C SER E 70 -8.60 -13.62 -22.58
N PHE E 71 -9.36 -12.55 -22.38
CA PHE E 71 -10.28 -12.12 -23.41
C PHE E 71 -9.52 -11.60 -24.64
N CYS E 72 -8.51 -10.77 -24.38
CA CYS E 72 -7.66 -10.29 -25.45
C CYS E 72 -7.02 -11.42 -26.22
N ALA E 73 -6.37 -12.33 -25.51
CA ALA E 73 -5.72 -13.43 -26.19
C ALA E 73 -6.76 -14.25 -26.94
N ALA E 74 -7.95 -14.41 -26.35
CA ALA E 74 -8.97 -15.24 -26.98
C ALA E 74 -9.42 -14.63 -28.31
N MET E 75 -9.72 -13.33 -28.30
CA MET E 75 -10.05 -12.59 -29.54
C MET E 75 -8.95 -12.70 -30.60
N ILE E 76 -7.71 -12.39 -30.21
CA ILE E 76 -6.56 -12.58 -31.10
C ILE E 76 -6.51 -13.99 -31.70
N ARG E 77 -6.66 -15.03 -30.87
CA ARG E 77 -6.55 -16.39 -31.41
C ARG E 77 -7.72 -16.77 -32.33
N LEU E 78 -8.75 -15.93 -32.38
CA LEU E 78 -9.85 -16.14 -33.34
C LEU E 78 -9.61 -15.37 -34.63
N GLY E 79 -8.45 -14.72 -34.71
CA GLY E 79 -8.15 -13.84 -35.85
C GLY E 79 -8.73 -12.44 -35.68
N GLY E 80 -9.34 -12.18 -34.53
CA GLY E 80 -9.91 -10.87 -34.24
C GLY E 80 -8.90 -9.84 -33.76
N SER E 81 -9.39 -8.62 -33.54
CA SER E 81 -8.52 -7.55 -33.04
C SER E 81 -9.10 -6.87 -31.81
N VAL E 82 -8.22 -6.18 -31.11
CA VAL E 82 -8.52 -5.50 -29.87
C VAL E 82 -8.08 -4.02 -29.90
N VAL E 83 -8.97 -3.10 -29.53
CA VAL E 83 -8.59 -1.71 -29.30
C VAL E 83 -8.23 -1.52 -27.81
N ASN E 84 -7.00 -1.12 -27.54
CA ASN E 84 -6.50 -1.11 -26.16
C ASN E 84 -6.99 0.10 -25.40
N PHE E 85 -8.29 0.18 -25.15
CA PHE E 85 -8.86 1.34 -24.43
C PHE E 85 -8.56 1.23 -22.94
N LYS E 86 -8.03 2.32 -22.38
CA LYS E 86 -7.69 2.42 -20.94
C LYS E 86 -8.52 3.52 -20.26
N VAL E 87 -9.30 3.13 -19.27
CA VAL E 87 -10.25 4.03 -18.65
C VAL E 87 -9.55 5.21 -17.95
N GLU E 88 -8.38 4.93 -17.37
CA GLU E 88 -7.68 5.90 -16.55
C GLU E 88 -6.97 6.98 -17.35
N ALA E 89 -6.90 6.78 -18.66
CA ALA E 89 -6.30 7.78 -19.55
C ALA E 89 -7.32 8.34 -20.59
N SER E 90 -8.59 8.15 -20.29
CA SER E 90 -9.66 8.52 -21.21
C SER E 90 -10.34 9.87 -20.91
N SER E 91 -11.30 10.19 -21.76
CA SER E 91 -12.09 11.42 -21.58
C SER E 91 -13.03 11.40 -20.37
N ILE E 92 -13.07 10.28 -19.66
CA ILE E 92 -13.73 10.24 -18.35
C ILE E 92 -13.10 11.26 -17.42
N ASN E 93 -11.80 11.51 -17.58
CA ASN E 93 -11.12 12.57 -16.81
C ASN E 93 -11.50 14.01 -17.22
N LYS E 94 -12.27 14.15 -18.30
CA LYS E 94 -12.86 15.43 -18.66
C LYS E 94 -14.31 15.54 -18.18
N GLY E 95 -14.80 14.58 -17.39
CA GLY E 95 -16.16 14.65 -16.90
C GLY E 95 -17.15 13.76 -17.64
N GLU E 96 -16.67 12.95 -18.58
CA GLU E 96 -17.57 12.08 -19.35
C GLU E 96 -18.28 11.04 -18.47
N THR E 97 -19.57 10.83 -18.69
CA THR E 97 -20.32 9.81 -17.93
C THR E 97 -20.00 8.39 -18.39
N LEU E 98 -20.44 7.41 -17.60
CA LEU E 98 -20.30 6.03 -17.93
C LEU E 98 -21.06 5.75 -19.24
N ALA E 99 -22.34 6.12 -19.28
CA ALA E 99 -23.19 5.89 -20.45
C ALA E 99 -22.58 6.43 -21.75
N ASP E 100 -22.04 7.65 -21.71
CA ASP E 100 -21.42 8.25 -22.90
C ASP E 100 -20.15 7.51 -23.33
N THR E 101 -19.42 6.97 -22.35
CA THR E 101 -18.22 6.18 -22.58
C THR E 101 -18.55 4.87 -23.31
N ILE E 102 -19.61 4.19 -22.84
CA ILE E 102 -20.15 2.99 -23.48
C ILE E 102 -20.58 3.33 -24.93
N ARG E 103 -21.35 4.39 -25.12
CA ARG E 103 -21.77 4.74 -26.48
C ARG E 103 -20.56 5.02 -27.36
N THR E 104 -19.51 5.58 -26.77
CA THR E 104 -18.31 5.90 -27.49
C THR E 104 -17.64 4.63 -28.06
N LEU E 105 -17.28 3.68 -27.20
CA LEU E 105 -16.62 2.46 -27.70
C LEU E 105 -17.55 1.53 -28.51
N ASP E 106 -18.83 1.52 -28.16
CA ASP E 106 -19.87 0.75 -28.87
C ASP E 106 -19.90 1.17 -30.33
N SER E 107 -19.43 2.38 -30.55
CA SER E 107 -19.54 2.95 -31.83
C SER E 107 -18.38 2.52 -32.77
N TYR E 108 -17.34 1.90 -32.21
CA TYR E 108 -16.22 1.41 -33.03
C TYR E 108 -16.08 -0.12 -32.99
N SER E 109 -16.78 -0.76 -32.07
CA SER E 109 -16.50 -2.15 -31.69
C SER E 109 -17.58 -3.12 -32.13
N ASP E 110 -17.22 -4.40 -32.11
CA ASP E 110 -18.15 -5.51 -32.36
C ASP E 110 -18.62 -6.15 -31.06
N VAL E 111 -17.81 -6.03 -30.02
CA VAL E 111 -18.13 -6.56 -28.70
C VAL E 111 -17.36 -5.79 -27.65
N LEU E 112 -18.05 -5.54 -26.54
CA LEU E 112 -17.44 -4.84 -25.41
C LEU E 112 -17.29 -5.79 -24.25
N VAL E 113 -16.15 -5.72 -23.59
CA VAL E 113 -15.92 -6.55 -22.42
C VAL E 113 -15.79 -5.63 -21.21
N MET E 114 -16.74 -5.69 -20.30
CA MET E 114 -16.84 -4.71 -19.21
C MET E 114 -16.76 -5.30 -17.79
N ARG E 115 -15.88 -4.69 -16.99
CA ARG E 115 -15.84 -4.96 -15.56
C ARG E 115 -15.98 -3.61 -14.86
N HIS E 116 -16.79 -3.57 -13.81
CA HIS E 116 -17.08 -2.32 -13.11
C HIS E 116 -17.29 -2.63 -11.62
N PRO E 117 -16.80 -1.74 -10.71
CA PRO E 117 -17.02 -1.94 -9.27
C PRO E 117 -18.48 -1.77 -8.83
N ARG E 118 -19.35 -1.28 -9.71
CA ARG E 118 -20.71 -1.02 -9.33
C ARG E 118 -21.60 -2.08 -9.96
N GLN E 119 -22.38 -2.78 -9.13
CA GLN E 119 -23.20 -3.90 -9.59
C GLN E 119 -24.18 -3.55 -10.69
N ASP E 120 -24.77 -2.35 -10.64
CA ASP E 120 -25.81 -1.98 -11.61
C ASP E 120 -25.27 -1.31 -12.91
N ALA E 121 -23.94 -1.21 -13.00
CA ALA E 121 -23.31 -0.53 -14.14
C ALA E 121 -23.45 -1.31 -15.45
N ILE E 122 -23.34 -2.63 -15.37
CA ILE E 122 -23.57 -3.45 -16.55
C ILE E 122 -24.99 -3.18 -17.12
N GLU E 123 -26.01 -3.18 -16.26
CA GLU E 123 -27.37 -2.84 -16.68
C GLU E 123 -27.46 -1.46 -17.36
N GLU E 124 -26.78 -0.47 -16.81
CA GLU E 124 -26.75 0.84 -17.43
C GLU E 124 -26.06 0.80 -18.79
N ALA E 125 -24.97 0.03 -18.90
CA ALA E 125 -24.27 -0.09 -20.16
C ALA E 125 -25.20 -0.68 -21.20
N LEU E 126 -25.92 -1.75 -20.83
CA LEU E 126 -26.86 -2.44 -21.71
C LEU E 126 -27.95 -1.53 -22.27
N SER E 127 -28.36 -0.52 -21.51
CA SER E 127 -29.48 0.31 -21.89
C SER E 127 -29.12 1.22 -23.02
N VAL E 128 -27.83 1.38 -23.27
CA VAL E 128 -27.35 2.29 -24.33
C VAL E 128 -26.42 1.67 -25.35
N ALA E 129 -25.96 0.44 -25.14
CA ALA E 129 -25.09 -0.18 -26.11
C ALA E 129 -25.90 -0.89 -27.20
N GLN E 130 -25.49 -0.70 -28.44
CA GLN E 130 -26.04 -1.41 -29.57
C GLN E 130 -25.36 -2.78 -29.72
N HIS E 131 -24.07 -2.91 -29.41
CA HIS E 131 -23.39 -4.19 -29.56
C HIS E 131 -23.42 -5.02 -28.28
N PRO E 132 -23.08 -6.32 -28.36
CA PRO E 132 -23.09 -7.13 -27.12
C PRO E 132 -22.04 -6.73 -26.11
N ILE E 133 -22.41 -6.79 -24.84
CA ILE E 133 -21.49 -6.58 -23.73
C ILE E 133 -21.33 -7.88 -22.96
N LEU E 134 -20.09 -8.22 -22.64
CA LEU E 134 -19.81 -9.41 -21.85
C LEU E 134 -19.44 -8.94 -20.46
N ASN E 135 -20.22 -9.38 -19.47
CA ASN E 135 -19.99 -8.98 -18.08
C ASN E 135 -18.76 -9.70 -17.56
N ALA E 136 -17.68 -8.94 -17.34
CA ALA E 136 -16.43 -9.53 -16.85
C ALA E 136 -16.28 -9.35 -15.33
N GLY E 137 -17.37 -8.91 -14.69
CA GLY E 137 -17.44 -8.71 -13.24
C GLY E 137 -18.11 -7.40 -12.86
N ASN E 138 -19.25 -7.49 -12.17
CA ASN E 138 -19.99 -6.28 -11.81
C ASN E 138 -20.11 -6.20 -10.28
N GLY E 139 -19.15 -5.51 -9.67
CA GLY E 139 -18.98 -5.44 -8.22
C GLY E 139 -18.92 -6.83 -7.63
N ALA E 140 -19.60 -7.01 -6.50
CA ALA E 140 -19.78 -8.30 -5.85
C ALA E 140 -20.97 -9.06 -6.42
N GLY E 141 -21.43 -8.70 -7.61
CA GLY E 141 -22.55 -9.38 -8.27
C GLY E 141 -22.22 -10.74 -8.86
N GLU E 142 -21.84 -10.72 -10.15
CA GLU E 142 -21.61 -11.94 -10.92
C GLU E 142 -20.35 -11.92 -11.77
N HIS E 143 -19.93 -13.11 -12.23
CA HIS E 143 -18.79 -13.22 -13.12
C HIS E 143 -19.12 -14.42 -14.01
N PRO E 144 -20.04 -14.23 -14.97
CA PRO E 144 -20.65 -15.38 -15.66
C PRO E 144 -19.69 -16.21 -16.51
N THR E 145 -18.69 -15.57 -17.12
CA THR E 145 -17.75 -16.33 -17.95
C THR E 145 -16.70 -17.03 -17.09
N GLN E 146 -16.43 -16.50 -15.90
CA GLN E 146 -15.69 -17.30 -14.90
C GLN E 146 -16.41 -18.62 -14.56
N ALA E 147 -17.72 -18.53 -14.28
CA ALA E 147 -18.51 -19.73 -13.98
C ALA E 147 -18.37 -20.76 -15.10
N LEU E 148 -18.49 -20.31 -16.34
CA LEU E 148 -18.39 -21.21 -17.49
C LEU E 148 -17.02 -21.86 -17.58
N LEU E 149 -15.94 -21.11 -17.37
CA LEU E 149 -14.61 -21.72 -17.51
C LEU E 149 -14.29 -22.66 -16.35
N ASP E 150 -14.82 -22.34 -15.16
CA ASP E 150 -14.63 -23.17 -13.99
C ASP E 150 -15.28 -24.53 -14.23
N THR E 151 -16.39 -24.49 -14.98
CA THR E 151 -17.17 -25.69 -15.26
C THR E 151 -16.45 -26.49 -16.36
N LEU E 152 -15.91 -25.82 -17.38
CA LEU E 152 -14.94 -26.46 -18.28
C LEU E 152 -13.81 -27.14 -17.49
N THR E 153 -13.19 -26.41 -16.56
CA THR E 153 -12.08 -26.95 -15.75
C THR E 153 -12.51 -28.22 -15.02
N ILE E 154 -13.64 -28.16 -14.34
CA ILE E 154 -14.15 -29.32 -13.61
C ILE E 154 -14.41 -30.49 -14.56
N HIS E 155 -15.10 -30.19 -15.67
CA HIS E 155 -15.51 -31.22 -16.59
C HIS E 155 -14.31 -31.91 -17.24
N SER E 156 -13.28 -31.13 -17.57
CA SER E 156 -12.12 -31.69 -18.25
C SER E 156 -11.20 -32.41 -17.29
N GLU E 157 -11.17 -31.95 -16.03
CA GLU E 157 -10.27 -32.51 -15.05
C GLU E 157 -10.81 -33.80 -14.46
N LEU E 158 -12.10 -33.83 -14.13
CA LEU E 158 -12.70 -34.96 -13.41
C LEU E 158 -13.51 -35.88 -14.31
N GLY E 159 -13.93 -35.37 -15.47
CA GLY E 159 -14.69 -36.16 -16.43
C GLY E 159 -16.19 -35.86 -16.44
N SER E 160 -16.68 -35.25 -15.37
CA SER E 160 -18.11 -35.10 -15.17
C SER E 160 -18.39 -33.99 -14.14
N VAL E 161 -19.56 -33.35 -14.25
CA VAL E 161 -20.01 -32.31 -13.33
C VAL E 161 -21.20 -32.79 -12.48
N ASP E 162 -22.16 -33.48 -13.11
CA ASP E 162 -23.22 -34.20 -12.36
C ASP E 162 -22.56 -35.14 -11.34
N GLY E 163 -23.12 -35.19 -10.13
CA GLY E 163 -22.64 -36.13 -9.13
C GLY E 163 -21.58 -35.62 -8.17
N ILE E 164 -21.03 -34.44 -8.44
CA ILE E 164 -19.91 -33.94 -7.64
C ILE E 164 -20.39 -33.42 -6.30
N THR E 165 -19.48 -33.50 -5.33
CA THR E 165 -19.51 -32.75 -4.10
C THR E 165 -18.46 -31.62 -4.25
N ILE E 166 -18.88 -30.37 -4.11
CA ILE E 166 -17.99 -29.25 -4.30
C ILE E 166 -18.01 -28.38 -3.05
N ALA E 167 -16.83 -27.98 -2.60
CA ALA E 167 -16.75 -27.02 -1.53
C ALA E 167 -16.45 -25.63 -2.11
N LEU E 168 -17.24 -24.65 -1.67
CA LEU E 168 -17.01 -23.23 -1.97
C LEU E 168 -16.53 -22.53 -0.70
N ILE E 169 -15.30 -22.01 -0.80
CA ILE E 169 -14.52 -21.63 0.38
C ILE E 169 -14.06 -20.15 0.36
N GLY E 170 -14.22 -19.47 1.50
CA GLY E 170 -13.58 -18.18 1.70
C GLY E 170 -14.55 -17.03 1.79
N ASP E 171 -14.40 -16.04 0.91
CA ASP E 171 -15.27 -14.87 0.97
C ASP E 171 -16.39 -15.10 -0.04
N LEU E 172 -17.39 -15.87 0.40
CA LEU E 172 -18.61 -16.13 -0.37
C LEU E 172 -19.53 -14.92 -0.51
N LYS E 173 -19.53 -14.04 0.49
CA LYS E 173 -20.37 -12.85 0.45
C LYS E 173 -20.05 -11.97 -0.74
N MET E 174 -18.76 -11.67 -0.92
CA MET E 174 -18.30 -10.71 -1.94
C MET E 174 -17.82 -11.36 -3.22
N GLY E 175 -17.71 -12.70 -3.22
CA GLY E 175 -17.13 -13.43 -4.35
C GLY E 175 -18.13 -13.55 -5.49
N ARG E 176 -18.04 -12.65 -6.46
CA ARG E 176 -18.87 -12.73 -7.65
C ARG E 176 -18.67 -14.07 -8.40
N THR E 177 -17.49 -14.67 -8.23
CA THR E 177 -17.14 -15.96 -8.83
C THR E 177 -18.03 -17.08 -8.27
N VAL E 178 -18.14 -17.16 -6.94
CA VAL E 178 -18.96 -18.20 -6.31
C VAL E 178 -20.47 -17.96 -6.50
N HIS E 179 -20.88 -16.69 -6.61
CA HIS E 179 -22.26 -16.40 -6.91
C HIS E 179 -22.64 -17.04 -8.25
N SER E 180 -21.87 -16.76 -9.30
CA SER E 180 -22.16 -17.29 -10.64
C SER E 180 -22.03 -18.79 -10.74
N LEU E 181 -21.00 -19.34 -10.11
CA LEU E 181 -20.78 -20.77 -10.18
C LEU E 181 -21.89 -21.56 -9.46
N LEU E 182 -22.31 -21.09 -8.27
CA LEU E 182 -23.42 -21.76 -7.58
C LEU E 182 -24.68 -21.82 -8.44
N LYS E 183 -25.04 -20.70 -9.04
CA LYS E 183 -26.14 -20.65 -9.98
C LYS E 183 -25.94 -21.61 -11.16
N LEU E 184 -24.76 -21.58 -11.76
CA LEU E 184 -24.56 -22.35 -13.00
C LEU E 184 -24.66 -23.83 -12.71
N LEU E 185 -24.07 -24.24 -11.59
CA LEU E 185 -24.08 -25.65 -11.23
C LEU E 185 -25.47 -26.15 -10.84
N VAL E 186 -26.17 -25.38 -10.02
CA VAL E 186 -27.43 -25.87 -9.45
C VAL E 186 -28.56 -25.84 -10.48
N ARG E 187 -28.56 -24.82 -11.35
CA ARG E 187 -29.61 -24.69 -12.36
C ARG E 187 -29.52 -25.77 -13.44
N ASN E 188 -28.31 -26.26 -13.70
CA ASN E 188 -28.06 -27.03 -14.90
C ASN E 188 -27.45 -28.43 -14.71
N PHE E 189 -27.07 -28.76 -13.48
CA PHE E 189 -26.43 -30.05 -13.23
C PHE E 189 -27.02 -30.72 -11.99
N SER E 190 -26.81 -32.03 -11.88
CA SER E 190 -27.17 -32.82 -10.69
C SER E 190 -26.05 -32.91 -9.64
N ILE E 191 -25.81 -31.80 -8.94
CA ILE E 191 -24.79 -31.79 -7.91
C ILE E 191 -25.28 -32.55 -6.70
N LYS E 192 -24.46 -33.49 -6.24
CA LYS E 192 -24.78 -34.25 -5.02
C LYS E 192 -24.83 -33.32 -3.84
N CYS E 193 -23.81 -32.49 -3.67
CA CYS E 193 -23.62 -31.76 -2.44
C CYS E 193 -22.73 -30.55 -2.64
N VAL E 194 -23.03 -29.47 -1.93
CA VAL E 194 -22.25 -28.24 -1.92
C VAL E 194 -21.91 -27.87 -0.46
N PHE E 195 -20.62 -27.86 -0.11
CA PHE E 195 -20.19 -27.31 1.17
C PHE E 195 -19.91 -25.80 0.99
N LEU E 196 -20.51 -24.98 1.85
CA LEU E 196 -20.32 -23.54 1.89
C LEU E 196 -19.49 -23.27 3.13
N VAL E 197 -18.20 -23.02 2.90
CA VAL E 197 -17.17 -23.02 3.92
C VAL E 197 -16.68 -21.58 4.02
N ALA E 198 -17.00 -20.92 5.12
CA ALA E 198 -16.77 -19.48 5.26
C ALA E 198 -17.01 -19.06 6.70
N PRO E 199 -16.30 -18.01 7.15
CA PRO E 199 -16.78 -17.46 8.43
C PRO E 199 -18.20 -16.90 8.24
N ASP E 200 -18.95 -16.80 9.34
CA ASP E 200 -20.35 -16.37 9.28
C ASP E 200 -20.56 -15.04 8.57
N ALA E 201 -19.66 -14.07 8.79
CA ALA E 201 -19.78 -12.74 8.18
C ALA E 201 -19.63 -12.73 6.65
N LEU E 202 -19.01 -13.76 6.10
CA LEU E 202 -18.69 -13.80 4.69
C LEU E 202 -19.41 -14.93 3.98
N GLN E 203 -20.55 -15.35 4.55
CA GLN E 203 -21.29 -16.50 4.00
C GLN E 203 -22.02 -16.19 2.71
N MET E 204 -22.34 -17.26 1.99
CA MET E 204 -23.06 -17.15 0.73
C MET E 204 -24.34 -16.37 1.02
N PRO E 205 -24.61 -15.33 0.21
CA PRO E 205 -25.75 -14.45 0.45
C PRO E 205 -27.11 -15.07 0.13
N GLN E 206 -28.11 -14.68 0.90
CA GLN E 206 -29.48 -15.14 0.74
C GLN E 206 -30.07 -14.78 -0.61
N ASP E 207 -29.59 -13.71 -1.23
CA ASP E 207 -30.04 -13.33 -2.58
C ASP E 207 -29.47 -14.24 -3.69
N VAL E 208 -28.52 -15.10 -3.33
CA VAL E 208 -28.09 -16.17 -4.24
C VAL E 208 -28.83 -17.48 -3.92
N LEU E 209 -28.84 -17.84 -2.64
CA LEU E 209 -29.49 -19.07 -2.17
C LEU E 209 -31.02 -19.12 -2.37
N GLU E 210 -31.72 -18.01 -2.15
CA GLU E 210 -33.18 -18.01 -2.29
C GLU E 210 -33.72 -18.28 -3.70
N PRO E 211 -33.23 -17.56 -4.72
CA PRO E 211 -33.73 -17.92 -6.05
C PRO E 211 -33.47 -19.38 -6.41
N LEU E 212 -32.52 -20.02 -5.74
CA LEU E 212 -32.17 -21.40 -6.05
C LEU E 212 -32.88 -22.45 -5.21
N GLN E 213 -33.61 -22.02 -4.17
CA GLN E 213 -34.19 -22.97 -3.21
C GLN E 213 -35.12 -24.00 -3.85
N HIS E 214 -35.91 -23.56 -4.81
CA HIS E 214 -36.84 -24.48 -5.48
C HIS E 214 -36.11 -25.62 -6.17
N GLU E 215 -35.08 -25.30 -6.96
CA GLU E 215 -34.33 -26.39 -7.62
C GLU E 215 -33.34 -27.17 -6.74
N ILE E 216 -32.83 -26.54 -5.69
CA ILE E 216 -32.12 -27.27 -4.64
C ILE E 216 -32.99 -28.39 -4.01
N ALA E 217 -34.23 -28.03 -3.62
CA ALA E 217 -35.17 -28.99 -3.06
C ALA E 217 -35.61 -30.03 -4.12
N THR E 218 -36.01 -29.54 -5.29
CA THR E 218 -36.45 -30.38 -6.41
C THR E 218 -35.43 -31.44 -6.83
N LYS E 219 -34.16 -31.05 -6.99
CA LYS E 219 -33.10 -31.97 -7.45
C LYS E 219 -32.42 -32.71 -6.29
N GLY E 220 -32.78 -32.35 -5.05
CA GLY E 220 -32.21 -32.99 -3.85
C GLY E 220 -30.75 -32.68 -3.60
N VAL E 221 -30.29 -31.50 -4.02
CA VAL E 221 -28.91 -31.06 -3.78
C VAL E 221 -28.71 -30.80 -2.29
N ILE E 222 -27.69 -31.41 -1.70
CA ILE E 222 -27.42 -31.22 -0.27
C ILE E 222 -26.53 -29.99 -0.06
N ILE E 223 -26.96 -29.05 0.78
CA ILE E 223 -26.23 -27.83 1.06
C ILE E 223 -25.81 -27.81 2.53
N HIS E 224 -24.50 -27.95 2.79
CA HIS E 224 -23.99 -27.96 4.17
CA HIS E 224 -23.97 -27.98 4.16
C HIS E 224 -23.11 -26.73 4.38
N ARG E 225 -23.38 -25.98 5.45
CA ARG E 225 -22.60 -24.80 5.81
C ARG E 225 -21.59 -25.18 6.89
N THR E 226 -20.32 -24.76 6.73
CA THR E 226 -19.35 -24.80 7.85
C THR E 226 -18.57 -23.50 7.95
N HIS E 227 -17.72 -23.38 8.97
CA HIS E 227 -16.71 -22.34 8.99
C HIS E 227 -15.27 -22.88 9.04
N ALA E 228 -15.09 -24.16 8.72
CA ALA E 228 -13.75 -24.73 8.64
C ALA E 228 -13.68 -25.84 7.59
N LEU E 229 -12.48 -26.06 7.06
CA LEU E 229 -12.22 -27.25 6.26
C LEU E 229 -12.13 -28.45 7.19
N THR E 230 -13.30 -28.96 7.57
CA THR E 230 -13.37 -30.12 8.42
C THR E 230 -12.87 -31.36 7.67
N ASP E 231 -12.61 -32.43 8.44
CA ASP E 231 -12.20 -33.72 7.89
C ASP E 231 -13.24 -34.18 6.86
N GLU E 232 -14.51 -34.04 7.21
CA GLU E 232 -15.60 -34.39 6.32
C GLU E 232 -15.52 -33.65 4.96
N VAL E 233 -15.43 -32.31 5.01
CA VAL E 233 -15.28 -31.51 3.80
C VAL E 233 -14.09 -31.99 2.98
N MET E 234 -12.97 -32.21 3.66
CA MET E 234 -11.72 -32.64 3.00
C MET E 234 -11.84 -34.00 2.34
N GLN E 235 -12.59 -34.91 2.95
CA GLN E 235 -12.65 -36.30 2.51
C GLN E 235 -13.71 -36.51 1.46
N LYS E 236 -14.79 -35.73 1.51
CA LYS E 236 -15.90 -35.90 0.61
C LYS E 236 -15.81 -35.07 -0.70
N SER E 237 -15.16 -33.91 -0.67
CA SER E 237 -15.16 -33.00 -1.83
C SER E 237 -14.35 -33.50 -3.03
N ASP E 238 -14.97 -33.55 -4.20
CA ASP E 238 -14.29 -33.77 -5.47
C ASP E 238 -13.66 -32.47 -5.94
N VAL E 239 -14.13 -31.35 -5.43
CA VAL E 239 -13.62 -30.03 -5.82
C VAL E 239 -13.51 -29.11 -4.60
N LEU E 240 -12.31 -28.57 -4.37
CA LEU E 240 -12.17 -27.54 -3.36
C LEU E 240 -11.92 -26.25 -4.12
N TYR E 241 -12.90 -25.37 -4.10
CA TYR E 241 -12.84 -24.11 -4.84
C TYR E 241 -12.76 -22.98 -3.80
N THR E 242 -11.54 -22.44 -3.60
CA THR E 242 -11.28 -21.36 -2.64
C THR E 242 -11.13 -20.01 -3.34
N THR E 243 -11.25 -18.96 -2.54
CA THR E 243 -11.34 -17.61 -3.04
C THR E 243 -10.55 -16.68 -2.13
N ARG E 244 -10.25 -15.51 -2.69
CA ARG E 244 -9.53 -14.47 -2.02
C ARG E 244 -10.55 -13.64 -1.27
N LEU E 245 -10.11 -13.13 -0.13
CA LEU E 245 -10.82 -12.15 0.64
C LEU E 245 -10.92 -10.86 -0.19
N GLN E 246 -12.13 -10.45 -0.49
CA GLN E 246 -12.31 -9.33 -1.39
C GLN E 246 -12.21 -8.02 -0.64
N LYS E 247 -11.02 -7.65 -0.27
CA LYS E 247 -10.75 -6.44 0.57
C LYS E 247 -11.33 -5.14 -0.01
N GLU E 248 -11.16 -4.97 -1.32
CA GLU E 248 -11.57 -3.75 -2.04
C GLU E 248 -13.09 -3.50 -2.02
N ARG E 249 -13.86 -4.48 -1.54
CA ARG E 249 -15.28 -4.31 -1.31
C ARG E 249 -15.61 -3.88 0.12
N PHE E 250 -14.62 -3.88 1.00
CA PHE E 250 -14.84 -3.53 2.40
C PHE E 250 -14.04 -2.31 2.77
N MET E 251 -14.44 -1.15 2.26
CA MET E 251 -13.67 0.06 2.53
C MET E 251 -14.42 1.28 3.08
N ALA E 252 -15.48 1.02 3.83
CA ALA E 252 -16.18 2.10 4.52
C ALA E 252 -15.44 2.53 5.81
N SER E 253 -14.46 1.71 6.23
CA SER E 253 -13.65 1.96 7.44
C SER E 253 -14.55 2.05 8.68
N THR E 254 -15.66 1.31 8.62
CA THR E 254 -16.58 1.16 9.75
C THR E 254 -16.17 -0.04 10.58
N SER E 255 -16.82 -0.16 11.73
CA SER E 255 -16.56 -1.23 12.66
C SER E 255 -16.93 -2.57 12.03
N ASP E 256 -18.01 -2.58 11.24
CA ASP E 256 -18.53 -3.79 10.60
C ASP E 256 -17.57 -4.28 9.53
N ASP E 257 -17.08 -3.35 8.70
CA ASP E 257 -16.11 -3.71 7.67
C ASP E 257 -14.84 -4.32 8.26
N ALA E 258 -14.34 -3.74 9.37
CA ALA E 258 -13.12 -4.24 10.02
C ALA E 258 -13.30 -5.66 10.57
N ALA E 259 -14.48 -5.91 11.13
CA ALA E 259 -14.85 -7.23 11.67
C ALA E 259 -15.04 -8.29 10.56
N ALA E 260 -15.66 -7.89 9.44
CA ALA E 260 -15.81 -8.76 8.26
C ALA E 260 -14.43 -9.11 7.68
N LEU E 261 -13.55 -8.12 7.61
CA LEU E 261 -12.17 -8.34 7.17
C LEU E 261 -11.40 -9.33 8.07
N GLN E 262 -11.45 -9.10 9.37
CA GLN E 262 -10.74 -9.95 10.33
C GLN E 262 -11.34 -11.37 10.40
N SER E 263 -12.64 -11.50 10.14
CA SER E 263 -13.32 -12.81 10.17
C SER E 263 -12.70 -13.89 9.27
N PHE E 264 -12.14 -13.47 8.14
CA PHE E 264 -11.57 -14.39 7.16
C PHE E 264 -10.55 -15.31 7.79
N ALA E 265 -9.70 -14.73 8.65
CA ALA E 265 -8.64 -15.46 9.36
C ALA E 265 -9.00 -15.91 10.79
N ALA E 266 -9.65 -15.02 11.55
CA ALA E 266 -9.85 -15.18 13.00
C ALA E 266 -11.10 -15.99 13.40
N LYS E 267 -12.08 -16.07 12.50
CA LYS E 267 -13.38 -16.73 12.74
C LYS E 267 -13.61 -17.92 11.82
N ALA E 268 -12.53 -18.39 11.22
CA ALA E 268 -12.58 -19.49 10.24
C ALA E 268 -11.24 -20.18 10.12
N ASP E 269 -11.27 -21.45 9.73
CA ASP E 269 -10.07 -22.26 9.54
C ASP E 269 -10.12 -22.88 8.13
N ILE E 270 -9.65 -22.10 7.15
CA ILE E 270 -9.95 -22.39 5.74
C ILE E 270 -8.76 -22.35 4.80
N THR E 271 -7.56 -22.25 5.36
CA THR E 271 -6.31 -22.30 4.62
C THR E 271 -6.10 -23.68 4.00
N ILE E 272 -5.75 -23.72 2.71
CA ILE E 272 -5.33 -24.99 2.11
C ILE E 272 -3.82 -24.97 1.92
N ASP E 273 -3.15 -25.90 2.60
CA ASP E 273 -1.72 -26.10 2.43
C ASP E 273 -1.47 -27.59 2.20
N ALA E 274 -0.20 -28.00 2.08
CA ALA E 274 0.15 -29.37 1.77
C ALA E 274 -0.28 -30.33 2.87
N ALA E 275 -0.16 -29.90 4.12
CA ALA E 275 -0.57 -30.71 5.28
C ALA E 275 -2.06 -31.02 5.20
N ARG E 276 -2.85 -29.99 4.93
CA ARG E 276 -4.29 -30.18 4.80
C ARG E 276 -4.62 -31.08 3.63
N MET E 277 -3.82 -31.00 2.56
CA MET E 277 -4.07 -31.81 1.37
C MET E 277 -3.87 -33.30 1.63
N ARG E 278 -3.22 -33.64 2.75
CA ARG E 278 -3.01 -35.05 3.10
C ARG E 278 -4.34 -35.73 3.38
N LEU E 279 -5.36 -34.94 3.72
CA LEU E 279 -6.71 -35.46 3.98
C LEU E 279 -7.61 -35.56 2.76
N ALA E 280 -7.26 -34.84 1.68
CA ALA E 280 -8.04 -34.85 0.44
C ALA E 280 -7.98 -36.24 -0.20
N LYS E 281 -8.99 -36.57 -1.00
CA LYS E 281 -8.94 -37.85 -1.72
C LYS E 281 -8.05 -37.76 -2.97
N GLU E 282 -7.85 -38.89 -3.63
CA GLU E 282 -6.90 -39.02 -4.74
C GLU E 282 -7.42 -38.30 -5.98
N LYS E 283 -8.66 -38.67 -6.34
CA LYS E 283 -9.35 -38.07 -7.49
C LYS E 283 -10.17 -36.85 -7.06
N MET E 284 -9.53 -35.68 -7.10
CA MET E 284 -10.17 -34.39 -6.81
C MET E 284 -9.30 -33.24 -7.32
N ILE E 285 -9.83 -32.02 -7.40
CA ILE E 285 -9.03 -30.86 -7.81
C ILE E 285 -9.21 -29.70 -6.88
N VAL E 286 -8.15 -28.90 -6.76
CA VAL E 286 -8.21 -27.63 -6.04
C VAL E 286 -8.30 -26.52 -7.09
N MET E 287 -9.25 -25.60 -6.87
CA MET E 287 -9.45 -24.48 -7.80
C MET E 287 -9.44 -23.15 -7.06
N HIS E 288 -9.12 -22.10 -7.80
CA HIS E 288 -9.13 -20.78 -7.26
C HIS E 288 -9.14 -19.89 -8.48
N PRO E 289 -10.10 -18.95 -8.55
CA PRO E 289 -10.18 -18.11 -9.75
C PRO E 289 -8.99 -17.14 -9.84
N LEU E 290 -8.30 -16.94 -8.71
CA LEU E 290 -7.13 -16.07 -8.59
C LEU E 290 -7.48 -14.57 -8.72
N PRO E 291 -6.58 -13.66 -8.24
CA PRO E 291 -5.29 -13.88 -7.56
C PRO E 291 -5.53 -14.38 -6.13
N ARG E 292 -4.48 -14.91 -5.50
CA ARG E 292 -4.60 -15.47 -4.18
C ARG E 292 -3.75 -14.70 -3.16
N ASN E 293 -4.14 -14.79 -1.89
CA ASN E 293 -3.27 -14.42 -0.76
C ASN E 293 -2.93 -15.76 -0.04
N ASP E 294 -2.95 -15.78 1.30
CA ASP E 294 -2.45 -16.90 2.11
C ASP E 294 -3.45 -18.06 2.27
N GLU E 295 -4.68 -17.86 1.83
CA GLU E 295 -5.67 -18.95 1.84
C GLU E 295 -5.24 -20.19 1.04
N LEU E 296 -4.38 -20.02 0.03
CA LEU E 296 -3.94 -21.12 -0.85
C LEU E 296 -2.44 -21.06 -0.94
N SER E 297 -1.80 -21.93 -0.15
CA SER E 297 -0.37 -21.93 0.04
C SER E 297 0.38 -22.47 -1.19
N THR E 298 1.58 -21.93 -1.43
CA THR E 298 2.42 -22.32 -2.55
C THR E 298 2.95 -23.76 -2.40
N THR E 299 2.82 -24.32 -1.19
CA THR E 299 3.14 -25.73 -0.91
C THR E 299 2.20 -26.70 -1.64
N VAL E 300 1.07 -26.20 -2.09
CA VAL E 300 0.11 -27.02 -2.85
C VAL E 300 0.45 -27.02 -4.37
N ASP E 301 1.26 -26.05 -4.82
CA ASP E 301 1.40 -25.78 -6.28
C ASP E 301 1.93 -26.95 -7.10
N ALA E 302 2.75 -27.79 -6.47
CA ALA E 302 3.36 -28.96 -7.14
C ALA E 302 2.44 -30.16 -7.17
N ASP E 303 1.37 -30.11 -6.39
CA ASP E 303 0.42 -31.21 -6.33
C ASP E 303 -0.31 -31.39 -7.67
N PRO E 304 -0.41 -32.63 -8.18
CA PRO E 304 -1.20 -32.95 -9.38
C PRO E 304 -2.64 -32.38 -9.30
N ARG E 305 -3.19 -32.33 -8.09
CA ARG E 305 -4.55 -31.89 -7.85
C ARG E 305 -4.72 -30.37 -7.85
N ALA E 306 -3.60 -29.65 -7.89
CA ALA E 306 -3.60 -28.19 -8.07
C ALA E 306 -4.02 -27.86 -9.50
N ALA E 307 -5.30 -27.49 -9.67
CA ALA E 307 -5.84 -27.18 -11.00
C ALA E 307 -5.83 -25.67 -11.33
N TYR E 308 -5.53 -24.83 -10.34
CA TYR E 308 -5.76 -23.39 -10.48
C TYR E 308 -4.92 -22.69 -11.56
N PHE E 309 -3.85 -23.33 -12.02
CA PHE E 309 -3.06 -22.75 -13.10
C PHE E 309 -3.60 -23.18 -14.45
N ARG E 310 -3.92 -24.46 -14.57
CA ARG E 310 -4.57 -25.01 -15.74
C ARG E 310 -5.93 -24.32 -15.93
N GLN E 311 -6.65 -24.06 -14.84
CA GLN E 311 -7.87 -23.24 -14.87
C GLN E 311 -7.77 -22.01 -15.78
N MET E 312 -6.64 -21.29 -15.73
CA MET E 312 -6.46 -20.07 -16.50
C MET E 312 -6.40 -20.34 -18.01
N ARG E 313 -5.81 -21.48 -18.36
CA ARG E 313 -5.68 -21.90 -19.76
C ARG E 313 -7.03 -22.33 -20.33
N TYR E 314 -7.75 -23.17 -19.60
CA TYR E 314 -9.17 -23.45 -19.90
C TYR E 314 -9.94 -22.17 -20.16
N GLY E 315 -9.71 -21.18 -19.33
CA GLY E 315 -10.40 -19.90 -19.45
C GLY E 315 -10.26 -19.23 -20.81
N MET E 316 -9.03 -19.19 -21.32
CA MET E 316 -8.79 -18.65 -22.65
C MET E 316 -9.64 -19.39 -23.70
N PHE E 317 -9.69 -20.72 -23.60
CA PHE E 317 -10.39 -21.52 -24.59
C PHE E 317 -11.90 -21.41 -24.47
N MET E 318 -12.41 -21.33 -23.23
CA MET E 318 -13.81 -21.06 -23.01
C MET E 318 -14.17 -19.68 -23.59
N ARG E 319 -13.28 -18.70 -23.42
CA ARG E 319 -13.55 -17.37 -23.93
C ARG E 319 -13.48 -17.29 -25.47
N MET E 320 -12.59 -18.07 -26.08
CA MET E 320 -12.61 -18.23 -27.55
C MET E 320 -13.99 -18.78 -27.99
N ALA E 321 -14.49 -19.79 -27.27
CA ALA E 321 -15.80 -20.37 -27.55
C ALA E 321 -16.93 -19.34 -27.37
N ILE E 322 -16.81 -18.51 -26.32
CA ILE E 322 -17.79 -17.48 -26.06
C ILE E 322 -17.79 -16.40 -27.16
N LEU E 323 -16.64 -15.81 -27.45
CA LEU E 323 -16.49 -14.81 -28.53
C LEU E 323 -17.00 -15.24 -29.94
N TRP E 324 -16.56 -16.41 -30.40
CA TRP E 324 -17.02 -17.01 -31.68
C TRP E 324 -18.55 -17.16 -31.77
N SER E 325 -19.14 -17.79 -30.76
CA SER E 325 -20.60 -17.98 -30.64
C SER E 325 -21.36 -16.64 -30.63
N VAL E 326 -20.84 -15.67 -29.87
CA VAL E 326 -21.43 -14.35 -29.83
C VAL E 326 -21.30 -13.65 -31.18
N LEU E 327 -20.16 -13.76 -31.85
CA LEU E 327 -19.89 -12.92 -33.02
C LEU E 327 -20.04 -13.56 -34.41
N ALA E 328 -20.31 -14.86 -34.47
CA ALA E 328 -20.34 -15.59 -35.75
C ALA E 328 -21.55 -15.19 -36.61
N GLU F 5 13.98 -18.23 -47.83
CA GLU F 5 14.65 -16.88 -47.92
C GLU F 5 14.91 -16.21 -46.56
N LEU F 6 14.06 -16.52 -45.58
CA LEU F 6 14.28 -16.05 -44.21
C LEU F 6 14.38 -17.25 -43.25
N PRO F 7 15.45 -18.04 -43.36
CA PRO F 7 15.45 -19.22 -42.51
C PRO F 7 15.79 -18.83 -41.06
N PRO F 8 15.11 -19.46 -40.09
CA PRO F 8 15.34 -19.12 -38.69
C PRO F 8 16.68 -19.67 -38.19
N VAL F 9 17.23 -19.06 -37.14
CA VAL F 9 18.44 -19.58 -36.53
C VAL F 9 18.03 -20.71 -35.59
N ALA F 10 18.22 -21.94 -36.07
CA ALA F 10 17.71 -23.16 -35.44
C ALA F 10 18.12 -23.31 -33.98
N SER F 11 19.33 -22.85 -33.64
CA SER F 11 19.82 -22.95 -32.26
C SER F 11 18.96 -22.19 -31.22
N LEU F 12 18.20 -21.20 -31.68
CA LEU F 12 17.39 -20.39 -30.78
C LEU F 12 15.98 -20.91 -30.56
N LYS F 13 15.59 -21.96 -31.30
CA LYS F 13 14.20 -22.48 -31.30
C LYS F 13 13.75 -22.88 -29.89
N GLY F 14 12.64 -22.29 -29.44
CA GLY F 14 12.04 -22.63 -28.14
C GLY F 14 12.89 -22.29 -26.90
N LYS F 15 13.90 -21.43 -27.05
CA LYS F 15 14.77 -21.13 -25.92
C LYS F 15 14.61 -19.71 -25.37
N SER F 16 14.64 -19.61 -24.05
CA SER F 16 14.71 -18.35 -23.37
C SER F 16 16.03 -17.64 -23.69
N ILE F 17 16.02 -16.30 -23.57
CA ILE F 17 17.23 -15.51 -23.75
C ILE F 17 17.48 -14.69 -22.49
N THR F 18 18.53 -15.04 -21.76
CA THR F 18 18.81 -14.45 -20.46
C THR F 18 20.14 -13.64 -20.49
N SER F 19 21.12 -14.10 -21.26
CA SER F 19 22.48 -13.59 -21.19
C SER F 19 23.18 -13.52 -22.54
N ALA F 20 24.08 -12.56 -22.67
CA ALA F 20 24.95 -12.48 -23.85
C ALA F 20 25.84 -13.74 -23.98
N GLU F 21 26.05 -14.45 -22.87
CA GLU F 21 26.95 -15.64 -22.85
C GLU F 21 26.46 -16.89 -23.58
N GLN F 22 25.15 -16.94 -23.87
CA GLN F 22 24.53 -18.13 -24.43
C GLN F 22 24.71 -18.24 -25.95
N PHE F 23 25.25 -17.21 -26.57
CA PHE F 23 25.33 -17.17 -28.01
C PHE F 23 26.74 -17.50 -28.49
N SER F 24 26.82 -18.22 -29.61
CA SER F 24 28.11 -18.46 -30.26
C SER F 24 28.30 -17.40 -31.35
N ARG F 25 29.53 -17.30 -31.85
CA ARG F 25 29.86 -16.45 -33.00
C ARG F 25 28.96 -16.83 -34.20
N ALA F 26 28.77 -18.13 -34.41
CA ALA F 26 27.94 -18.61 -35.49
C ALA F 26 26.50 -18.10 -35.31
N ASP F 27 25.99 -18.18 -34.07
CA ASP F 27 24.63 -17.66 -33.74
C ASP F 27 24.47 -16.19 -34.10
N ILE F 28 25.45 -15.40 -33.71
CA ILE F 28 25.42 -13.95 -33.90
C ILE F 28 25.40 -13.58 -35.37
N TYR F 29 26.26 -14.22 -36.17
CA TYR F 29 26.29 -13.91 -37.60
C TYR F 29 25.02 -14.37 -38.32
N ALA F 30 24.49 -15.51 -37.92
CA ALA F 30 23.25 -15.95 -38.51
C ALA F 30 22.12 -14.92 -38.21
N LEU F 31 22.05 -14.43 -36.97
CA LEU F 31 21.04 -13.42 -36.62
C LEU F 31 21.24 -12.13 -37.39
N ILE F 32 22.50 -11.69 -37.49
CA ILE F 32 22.86 -10.51 -38.26
C ILE F 32 22.38 -10.66 -39.70
N HIS F 33 22.72 -11.78 -40.34
CA HIS F 33 22.33 -11.96 -41.73
C HIS F 33 20.82 -12.09 -41.90
N LEU F 34 20.16 -12.74 -40.96
CA LEU F 34 18.70 -12.88 -40.99
C LEU F 34 18.01 -11.52 -40.75
N ALA F 35 18.53 -10.75 -39.79
CA ALA F 35 18.00 -9.42 -39.49
C ALA F 35 18.13 -8.49 -40.68
N SER F 36 19.24 -8.62 -41.39
CA SER F 36 19.53 -7.73 -42.48
C SER F 36 18.73 -8.07 -43.77
N ALA F 37 18.45 -9.36 -43.98
CA ALA F 37 17.48 -9.82 -44.98
C ALA F 37 16.07 -9.34 -44.65
N MET F 38 15.70 -9.40 -43.36
CA MET F 38 14.41 -8.88 -42.96
C MET F 38 14.26 -7.39 -43.25
N GLN F 39 15.31 -6.63 -42.95
CA GLN F 39 15.35 -5.20 -43.28
C GLN F 39 15.08 -4.97 -44.75
N ARG F 40 15.82 -5.68 -45.62
CA ARG F 40 15.66 -5.55 -47.06
C ARG F 40 14.22 -5.78 -47.47
N LYS F 41 13.61 -6.81 -46.90
CA LYS F 41 12.25 -7.17 -47.26
C LYS F 41 11.22 -6.17 -46.75
N ILE F 42 11.40 -5.73 -45.51
CA ILE F 42 10.48 -4.75 -44.93
C ILE F 42 10.62 -3.42 -45.68
N ASP F 43 11.86 -2.94 -45.86
CA ASP F 43 12.11 -1.68 -46.57
C ASP F 43 11.59 -1.70 -48.03
N ALA F 44 11.47 -2.87 -48.63
CA ALA F 44 10.89 -3.00 -49.98
C ALA F 44 9.37 -3.01 -49.94
N GLY F 45 8.81 -3.20 -48.74
CA GLY F 45 7.36 -3.15 -48.59
C GLY F 45 6.70 -4.51 -48.60
N GLU F 46 7.49 -5.57 -48.57
CA GLU F 46 6.95 -6.92 -48.41
C GLU F 46 6.27 -7.09 -47.05
N VAL F 47 5.20 -7.86 -47.05
CA VAL F 47 4.47 -8.15 -45.84
C VAL F 47 4.81 -9.57 -45.38
N LEU F 48 5.28 -9.68 -44.15
CA LEU F 48 5.63 -10.99 -43.56
C LEU F 48 4.50 -11.55 -42.71
N ASN F 49 4.20 -12.82 -42.93
CA ASN F 49 3.10 -13.45 -42.27
C ASN F 49 3.55 -14.71 -41.51
N LEU F 50 4.77 -14.65 -40.98
CA LEU F 50 5.43 -15.84 -40.42
C LEU F 50 4.92 -16.31 -39.05
N LEU F 51 4.42 -15.36 -38.25
CA LEU F 51 3.99 -15.69 -36.89
C LEU F 51 2.51 -15.41 -36.68
N GLN F 52 1.73 -15.57 -37.73
CA GLN F 52 0.29 -15.38 -37.63
C GLN F 52 -0.26 -16.27 -36.51
N GLY F 53 -1.02 -15.66 -35.61
CA GLY F 53 -1.64 -16.35 -34.48
C GLY F 53 -0.72 -16.72 -33.31
N ARG F 54 0.50 -16.19 -33.29
CA ARG F 54 1.37 -16.34 -32.14
C ARG F 54 1.30 -15.06 -31.32
N ILE F 55 1.40 -15.21 -30.00
CA ILE F 55 1.27 -14.05 -29.13
C ILE F 55 2.52 -13.83 -28.32
N MET F 56 2.95 -12.57 -28.31
CA MET F 56 3.98 -12.09 -27.42
C MET F 56 3.33 -11.21 -26.35
N THR F 57 3.67 -11.43 -25.10
CA THR F 57 3.26 -10.47 -24.12
C THR F 57 4.44 -9.83 -23.39
N PRO F 58 4.49 -8.50 -23.41
CA PRO F 58 5.58 -7.74 -22.82
C PRO F 58 5.30 -7.55 -21.35
N LEU F 59 6.22 -7.95 -20.48
CA LEU F 59 6.06 -7.74 -19.03
C LEU F 59 7.09 -6.75 -18.55
N PHE F 60 6.74 -5.48 -18.58
CA PHE F 60 7.69 -4.43 -18.28
C PHE F 60 7.39 -3.87 -16.87
N PHE F 61 8.27 -4.16 -15.89
CA PHE F 61 8.11 -3.67 -14.50
C PHE F 61 8.94 -2.42 -14.23
N GLU F 62 9.64 -1.94 -15.26
CA GLU F 62 10.21 -0.60 -15.24
C GLU F 62 10.04 0.01 -16.60
N ASP F 63 10.35 1.30 -16.72
CA ASP F 63 10.02 2.07 -17.92
C ASP F 63 10.82 1.60 -19.10
N SER F 64 10.21 1.73 -20.29
CA SER F 64 10.90 1.51 -21.54
C SER F 64 10.27 2.30 -22.67
N SER F 65 11.07 2.80 -23.61
CA SER F 65 10.52 3.24 -24.90
C SER F 65 10.97 2.33 -26.06
N ARG F 66 12.27 2.24 -26.29
CA ARG F 66 12.80 1.45 -27.41
C ARG F 66 12.54 -0.03 -27.29
N THR F 67 12.85 -0.61 -26.14
CA THR F 67 12.78 -2.08 -26.00
C THR F 67 11.36 -2.58 -26.11
N PHE F 68 10.47 -1.98 -25.34
CA PHE F 68 9.04 -2.24 -25.49
C PHE F 68 8.54 -2.05 -26.95
N SER F 69 8.73 -0.88 -27.53
CA SER F 69 8.16 -0.60 -28.84
C SER F 69 8.71 -1.46 -29.99
N SER F 70 10.02 -1.68 -30.01
CA SER F 70 10.64 -2.51 -31.04
C SER F 70 10.24 -3.97 -30.96
N PHE F 71 10.11 -4.51 -29.75
CA PHE F 71 9.56 -5.88 -29.64
C PHE F 71 8.15 -5.99 -30.22
N CYS F 72 7.28 -5.05 -29.83
CA CYS F 72 5.92 -5.03 -30.36
C CYS F 72 5.96 -4.87 -31.87
N ALA F 73 6.63 -3.83 -32.35
CA ALA F 73 6.79 -3.62 -33.78
C ALA F 73 7.39 -4.81 -34.49
N ALA F 74 8.40 -5.45 -33.90
CA ALA F 74 8.97 -6.66 -34.52
C ALA F 74 7.97 -7.80 -34.64
N MET F 75 7.21 -8.01 -33.57
CA MET F 75 6.24 -9.09 -33.50
C MET F 75 5.19 -8.84 -34.57
N ILE F 76 4.69 -7.61 -34.62
CA ILE F 76 3.69 -7.24 -35.60
C ILE F 76 4.22 -7.43 -37.01
N ARG F 77 5.45 -6.99 -37.27
CA ARG F 77 5.97 -7.06 -38.63
C ARG F 77 6.28 -8.49 -39.10
N LEU F 78 6.30 -9.42 -38.15
CA LEU F 78 6.36 -10.85 -38.48
C LEU F 78 4.95 -11.44 -38.66
N GLY F 79 3.92 -10.66 -38.36
CA GLY F 79 2.55 -11.09 -38.51
C GLY F 79 1.96 -11.62 -37.20
N GLY F 80 2.73 -11.49 -36.11
CA GLY F 80 2.30 -11.96 -34.78
C GLY F 80 1.47 -10.92 -34.03
N SER F 81 1.05 -11.24 -32.82
CA SER F 81 0.18 -10.38 -32.08
C SER F 81 0.75 -10.11 -30.68
N VAL F 82 0.22 -9.07 -30.05
CA VAL F 82 0.69 -8.60 -28.77
C VAL F 82 -0.48 -8.55 -27.81
N VAL F 83 -0.37 -9.22 -26.67
CA VAL F 83 -1.36 -9.02 -25.59
C VAL F 83 -0.73 -8.06 -24.64
N ASN F 84 -1.41 -6.96 -24.40
CA ASN F 84 -0.82 -5.90 -23.60
C ASN F 84 -0.76 -6.18 -22.11
N PHE F 85 0.25 -5.62 -21.45
CA PHE F 85 0.30 -5.77 -20.00
C PHE F 85 0.62 -4.48 -19.27
N LYS F 86 -0.21 -4.16 -18.29
CA LYS F 86 0.04 -3.03 -17.39
C LYS F 86 0.12 -3.53 -15.92
N VAL F 87 1.06 -2.96 -15.16
CA VAL F 87 1.21 -3.25 -13.73
C VAL F 87 0.14 -2.54 -12.90
N GLU F 96 -0.29 -10.12 -5.45
CA GLU F 96 0.07 -11.22 -6.36
C GLU F 96 1.59 -11.29 -6.51
N THR F 97 2.15 -12.49 -6.37
CA THR F 97 3.59 -12.70 -6.55
C THR F 97 4.00 -12.56 -8.04
N LEU F 98 5.27 -12.26 -8.27
CA LEU F 98 5.85 -12.31 -9.60
C LEU F 98 5.64 -13.68 -10.25
N ALA F 99 5.95 -14.73 -9.49
CA ALA F 99 5.70 -16.11 -9.92
C ALA F 99 4.26 -16.27 -10.44
N ASP F 100 3.26 -15.85 -9.68
CA ASP F 100 1.86 -16.05 -10.10
C ASP F 100 1.52 -15.23 -11.36
N THR F 101 2.08 -14.03 -11.42
CA THR F 101 1.97 -13.16 -12.59
C THR F 101 2.53 -13.87 -13.82
N ILE F 102 3.72 -14.44 -13.70
CA ILE F 102 4.36 -15.13 -14.83
C ILE F 102 3.49 -16.30 -15.29
N ARG F 103 2.92 -17.03 -14.34
CA ARG F 103 2.06 -18.19 -14.63
C ARG F 103 0.82 -17.80 -15.40
N THR F 104 0.29 -16.64 -15.06
CA THR F 104 -0.90 -16.09 -15.68
C THR F 104 -0.61 -15.81 -17.14
N LEU F 105 0.39 -14.96 -17.41
CA LEU F 105 0.69 -14.58 -18.78
C LEU F 105 1.24 -15.76 -19.62
N ASP F 106 1.98 -16.63 -18.97
CA ASP F 106 2.43 -17.88 -19.56
C ASP F 106 1.29 -18.74 -20.10
N SER F 107 0.10 -18.62 -19.52
CA SER F 107 -0.94 -19.52 -19.96
C SER F 107 -1.64 -19.04 -21.23
N TYR F 108 -1.34 -17.81 -21.67
CA TYR F 108 -1.97 -17.29 -22.88
C TYR F 108 -1.00 -17.08 -24.04
N SER F 109 0.30 -16.95 -23.74
CA SER F 109 1.29 -16.44 -24.69
C SER F 109 2.19 -17.52 -25.31
N ASP F 110 2.86 -17.18 -26.40
CA ASP F 110 3.88 -18.05 -26.99
C ASP F 110 5.25 -17.60 -26.56
N VAL F 111 5.40 -16.30 -26.28
CA VAL F 111 6.65 -15.75 -25.79
C VAL F 111 6.44 -14.57 -24.85
N LEU F 112 7.29 -14.48 -23.81
CA LEU F 112 7.27 -13.36 -22.87
C LEU F 112 8.54 -12.52 -22.97
N VAL F 113 8.36 -11.20 -23.02
CA VAL F 113 9.46 -10.25 -23.03
C VAL F 113 9.38 -9.53 -21.70
N MET F 114 10.43 -9.67 -20.89
CA MET F 114 10.37 -9.22 -19.50
C MET F 114 11.49 -8.27 -19.11
N ARG F 115 11.10 -7.12 -18.59
CA ARG F 115 12.02 -6.23 -17.97
C ARG F 115 11.62 -6.06 -16.52
N HIS F 116 12.61 -6.03 -15.64
CA HIS F 116 12.37 -6.02 -14.20
C HIS F 116 13.56 -5.36 -13.45
N PRO F 117 13.27 -4.56 -12.39
CA PRO F 117 14.36 -3.90 -11.65
C PRO F 117 15.19 -4.82 -10.76
N ARG F 118 14.74 -6.05 -10.56
CA ARG F 118 15.52 -7.03 -9.82
C ARG F 118 16.32 -7.94 -10.76
N GLN F 119 17.62 -8.03 -10.46
CA GLN F 119 18.58 -8.83 -11.21
C GLN F 119 18.15 -10.29 -11.26
N ASP F 120 17.69 -10.80 -10.12
CA ASP F 120 17.26 -12.19 -10.01
C ASP F 120 15.83 -12.52 -10.54
N ALA F 121 15.06 -11.51 -10.94
CA ALA F 121 13.67 -11.73 -11.37
C ALA F 121 13.50 -12.66 -12.58
N ILE F 122 14.45 -12.58 -13.50
CA ILE F 122 14.41 -13.39 -14.71
C ILE F 122 14.57 -14.89 -14.37
N GLU F 123 15.49 -15.24 -13.47
CA GLU F 123 15.63 -16.65 -13.01
C GLU F 123 14.34 -17.14 -12.32
N GLU F 124 13.75 -16.28 -11.49
CA GLU F 124 12.46 -16.60 -10.90
C GLU F 124 11.42 -16.89 -11.96
N ALA F 125 11.28 -15.98 -12.90
CA ALA F 125 10.38 -16.13 -14.03
C ALA F 125 10.55 -17.48 -14.75
N LEU F 126 11.81 -17.85 -15.03
CA LEU F 126 12.13 -19.10 -15.70
C LEU F 126 11.78 -20.37 -14.92
N SER F 127 11.75 -20.26 -13.60
CA SER F 127 11.52 -21.41 -12.76
C SER F 127 10.07 -21.86 -12.85
N VAL F 128 9.19 -21.02 -13.37
CA VAL F 128 7.75 -21.37 -13.47
C VAL F 128 7.19 -21.27 -14.89
N ALA F 129 7.87 -20.52 -15.76
CA ALA F 129 7.34 -20.33 -17.12
C ALA F 129 7.59 -21.57 -17.97
N GLN F 130 6.61 -21.93 -18.77
CA GLN F 130 6.81 -23.00 -19.75
C GLN F 130 7.16 -22.45 -21.15
N HIS F 131 6.76 -21.23 -21.44
CA HIS F 131 7.09 -20.64 -22.73
C HIS F 131 8.40 -19.88 -22.64
N PRO F 132 9.06 -19.64 -23.78
CA PRO F 132 10.34 -18.86 -23.75
C PRO F 132 10.19 -17.43 -23.17
N ILE F 133 11.15 -17.02 -22.36
CA ILE F 133 11.19 -15.66 -21.82
C ILE F 133 12.42 -14.96 -22.36
N LEU F 134 12.25 -13.75 -22.84
CA LEU F 134 13.36 -12.93 -23.35
C LEU F 134 13.65 -11.82 -22.35
N ASN F 135 14.86 -11.82 -21.81
CA ASN F 135 15.33 -10.80 -20.86
C ASN F 135 15.46 -9.46 -21.55
N ALA F 136 14.50 -8.56 -21.29
CA ALA F 136 14.56 -7.19 -21.78
C ALA F 136 15.31 -6.27 -20.82
N GLY F 137 15.92 -6.85 -19.79
CA GLY F 137 16.68 -6.08 -18.78
C GLY F 137 16.35 -6.46 -17.36
N ASN F 138 17.36 -6.94 -16.64
CA ASN F 138 17.21 -7.41 -15.26
C ASN F 138 18.12 -6.57 -14.37
N GLY F 139 17.56 -5.52 -13.78
CA GLY F 139 18.29 -4.61 -12.89
C GLY F 139 19.52 -4.08 -13.59
N ALA F 140 20.62 -3.96 -12.86
CA ALA F 140 21.86 -3.55 -13.49
C ALA F 140 22.67 -4.76 -14.01
N GLY F 141 21.96 -5.85 -14.31
CA GLY F 141 22.55 -7.11 -14.77
C GLY F 141 22.94 -7.14 -16.25
N GLU F 142 21.98 -7.53 -17.10
CA GLU F 142 22.20 -7.68 -18.55
C GLU F 142 21.05 -7.16 -19.42
N HIS F 143 21.32 -7.10 -20.71
CA HIS F 143 20.36 -6.66 -21.74
C HIS F 143 20.81 -7.33 -23.05
N PRO F 144 20.58 -8.65 -23.13
CA PRO F 144 21.25 -9.40 -24.20
C PRO F 144 20.79 -9.08 -25.61
N THR F 145 19.52 -8.68 -25.83
CA THR F 145 19.09 -8.40 -27.19
C THR F 145 19.62 -7.03 -27.62
N GLN F 146 19.79 -6.12 -26.66
CA GLN F 146 20.54 -4.90 -26.91
C GLN F 146 21.97 -5.17 -27.42
N ALA F 147 22.70 -6.12 -26.80
CA ALA F 147 24.06 -6.41 -27.26
C ALA F 147 24.06 -6.96 -28.68
N LEU F 148 23.07 -7.80 -28.99
CA LEU F 148 22.93 -8.30 -30.35
C LEU F 148 22.66 -7.18 -31.37
N LEU F 149 21.76 -6.24 -31.04
CA LEU F 149 21.42 -5.18 -31.98
C LEU F 149 22.59 -4.22 -32.14
N ASP F 150 23.27 -3.96 -31.02
CA ASP F 150 24.49 -3.14 -31.03
C ASP F 150 25.54 -3.75 -31.98
N THR F 151 25.69 -5.07 -31.89
CA THR F 151 26.68 -5.76 -32.73
C THR F 151 26.23 -5.76 -34.18
N LEU F 152 24.93 -5.94 -34.44
CA LEU F 152 24.39 -5.77 -35.79
C LEU F 152 24.71 -4.34 -36.27
N THR F 153 24.56 -3.34 -35.39
CA THR F 153 24.87 -1.94 -35.68
C THR F 153 26.34 -1.71 -36.09
N ILE F 154 27.29 -2.16 -35.27
CA ILE F 154 28.67 -2.01 -35.71
C ILE F 154 28.95 -2.76 -37.03
N HIS F 155 28.41 -3.98 -37.19
CA HIS F 155 28.61 -4.77 -38.40
C HIS F 155 28.12 -4.04 -39.66
N SER F 156 26.90 -3.53 -39.64
CA SER F 156 26.30 -2.92 -40.81
C SER F 156 26.96 -1.58 -41.10
N GLU F 157 27.34 -0.86 -40.05
CA GLU F 157 27.89 0.48 -40.23
C GLU F 157 29.39 0.47 -40.62
N LEU F 158 30.20 -0.34 -39.95
CA LEU F 158 31.63 -0.36 -40.18
C LEU F 158 32.10 -1.51 -41.07
N GLY F 159 31.29 -2.57 -41.17
CA GLY F 159 31.61 -3.71 -42.03
C GLY F 159 32.35 -4.84 -41.33
N SER F 160 32.86 -4.60 -40.14
CA SER F 160 33.63 -5.63 -39.48
C SER F 160 33.48 -5.45 -37.98
N VAL F 161 33.62 -6.55 -37.23
CA VAL F 161 33.56 -6.51 -35.79
C VAL F 161 34.91 -6.90 -35.20
N ASP F 162 35.53 -7.94 -35.76
CA ASP F 162 36.94 -8.26 -35.50
C ASP F 162 37.81 -7.02 -35.82
N GLY F 163 38.76 -6.72 -34.95
CA GLY F 163 39.76 -5.67 -35.21
C GLY F 163 39.48 -4.29 -34.62
N ILE F 164 38.27 -4.11 -34.09
CA ILE F 164 37.84 -2.79 -33.73
C ILE F 164 38.47 -2.36 -32.41
N THR F 165 38.57 -1.05 -32.27
CA THR F 165 38.84 -0.44 -30.99
C THR F 165 37.51 0.17 -30.61
N ILE F 166 37.03 -0.16 -29.42
CA ILE F 166 35.74 0.36 -28.99
C ILE F 166 35.86 1.06 -27.65
N ALA F 167 35.26 2.23 -27.52
CA ALA F 167 35.24 2.88 -26.23
C ALA F 167 33.87 2.67 -25.61
N LEU F 168 33.84 2.12 -24.40
CA LEU F 168 32.62 2.02 -23.63
C LEU F 168 32.69 3.11 -22.57
N ILE F 169 31.72 4.03 -22.60
CA ILE F 169 31.77 5.29 -21.87
C ILE F 169 30.55 5.51 -20.98
N GLY F 170 30.82 5.97 -19.76
CA GLY F 170 29.79 6.53 -18.88
C GLY F 170 29.59 5.74 -17.58
N ASP F 171 28.35 5.38 -17.29
CA ASP F 171 28.02 4.60 -16.10
C ASP F 171 28.16 3.11 -16.46
N LEU F 172 29.38 2.60 -16.34
CA LEU F 172 29.69 1.23 -16.71
C LEU F 172 29.27 0.28 -15.61
N LYS F 173 29.32 0.77 -14.36
CA LYS F 173 28.90 -0.01 -13.20
C LYS F 173 27.48 -0.51 -13.34
N MET F 174 26.55 0.41 -13.63
CA MET F 174 25.13 0.05 -13.60
C MET F 174 24.56 -0.19 -14.97
N GLY F 175 25.36 0.04 -16.01
CA GLY F 175 24.91 -0.04 -17.39
C GLY F 175 24.77 -1.49 -17.83
N ARG F 176 23.54 -2.01 -17.76
CA ARG F 176 23.34 -3.38 -18.17
C ARG F 176 23.68 -3.60 -19.65
N THR F 177 23.59 -2.55 -20.45
CA THR F 177 23.91 -2.64 -21.89
C THR F 177 25.37 -2.95 -22.14
N VAL F 178 26.25 -2.24 -21.43
CA VAL F 178 27.68 -2.44 -21.58
C VAL F 178 28.12 -3.76 -20.98
N HIS F 179 27.37 -4.28 -20.03
CA HIS F 179 27.70 -5.60 -19.50
C HIS F 179 27.51 -6.67 -20.57
N SER F 180 26.31 -6.72 -21.17
CA SER F 180 26.05 -7.66 -22.23
C SER F 180 26.97 -7.42 -23.43
N LEU F 181 27.22 -6.16 -23.77
CA LEU F 181 27.98 -5.91 -24.98
C LEU F 181 29.43 -6.36 -24.85
N LEU F 182 30.06 -6.04 -23.72
CA LEU F 182 31.41 -6.49 -23.45
C LEU F 182 31.52 -8.02 -23.50
N LYS F 183 30.57 -8.73 -22.90
CA LYS F 183 30.56 -10.19 -23.00
C LYS F 183 30.43 -10.69 -24.45
N LEU F 184 29.49 -10.11 -25.18
CA LEU F 184 29.20 -10.55 -26.52
C LEU F 184 30.40 -10.34 -27.43
N LEU F 185 31.09 -9.21 -27.28
CA LEU F 185 32.22 -8.84 -28.14
C LEU F 185 33.45 -9.71 -27.87
N VAL F 186 33.83 -9.75 -26.61
CA VAL F 186 35.03 -10.45 -26.18
C VAL F 186 34.91 -11.96 -26.36
N ARG F 187 33.72 -12.52 -26.10
CA ARG F 187 33.58 -13.99 -26.22
C ARG F 187 33.64 -14.50 -27.66
N ASN F 188 33.16 -13.70 -28.59
CA ASN F 188 32.87 -14.21 -29.94
C ASN F 188 33.60 -13.53 -31.09
N PHE F 189 34.32 -12.43 -30.80
CA PHE F 189 35.10 -11.71 -31.80
C PHE F 189 36.51 -11.44 -31.30
N SER F 190 37.35 -10.85 -32.16
CA SER F 190 38.72 -10.50 -31.79
C SER F 190 38.90 -9.00 -31.71
N ILE F 191 38.58 -8.44 -30.55
CA ILE F 191 38.62 -6.99 -30.35
C ILE F 191 40.07 -6.59 -30.12
N LYS F 192 40.54 -5.57 -30.85
CA LYS F 192 41.87 -5.06 -30.67
C LYS F 192 42.03 -4.42 -29.30
N CYS F 193 41.08 -3.54 -28.97
CA CYS F 193 41.19 -2.74 -27.78
C CYS F 193 39.82 -2.30 -27.32
N VAL F 194 39.61 -2.35 -26.00
CA VAL F 194 38.43 -1.81 -25.37
C VAL F 194 38.90 -0.71 -24.42
N PHE F 195 38.44 0.52 -24.64
CA PHE F 195 38.61 1.60 -23.65
C PHE F 195 37.43 1.53 -22.69
N LEU F 196 37.69 1.44 -21.40
CA LEU F 196 36.64 1.55 -20.39
C LEU F 196 36.73 2.95 -19.84
N VAL F 197 35.82 3.81 -20.30
CA VAL F 197 35.91 5.24 -20.01
C VAL F 197 34.83 5.61 -18.98
N ALA F 198 35.25 5.78 -17.74
CA ALA F 198 34.31 5.99 -16.63
C ALA F 198 35.04 6.58 -15.42
N PRO F 199 34.38 7.44 -14.64
CA PRO F 199 35.04 7.77 -13.37
C PRO F 199 35.19 6.51 -12.52
N ASP F 200 36.12 6.52 -11.56
CA ASP F 200 36.44 5.29 -10.85
C ASP F 200 35.23 4.61 -10.18
N ALA F 201 34.30 5.42 -9.70
CA ALA F 201 33.15 4.90 -8.97
C ALA F 201 32.16 4.14 -9.85
N LEU F 202 32.19 4.42 -11.15
CA LEU F 202 31.27 3.79 -12.08
C LEU F 202 32.02 2.95 -13.10
N GLN F 203 33.16 2.39 -12.73
CA GLN F 203 33.91 1.54 -13.67
C GLN F 203 33.27 0.17 -13.91
N MET F 204 33.74 -0.54 -14.93
CA MET F 204 33.19 -1.83 -15.28
C MET F 204 33.42 -2.82 -14.12
N PRO F 205 32.36 -3.48 -13.64
CA PRO F 205 32.51 -4.32 -12.44
C PRO F 205 33.39 -5.53 -12.67
N GLN F 206 34.01 -6.00 -11.60
CA GLN F 206 34.86 -7.18 -11.64
C GLN F 206 34.10 -8.48 -12.02
N ASP F 207 32.80 -8.56 -11.70
CA ASP F 207 31.98 -9.73 -12.04
C ASP F 207 31.59 -9.79 -13.55
N VAL F 208 31.96 -8.73 -14.27
CA VAL F 208 31.94 -8.74 -15.72
C VAL F 208 33.36 -9.02 -16.24
N LEU F 209 34.36 -8.30 -15.74
CA LEU F 209 35.73 -8.48 -16.26
C LEU F 209 36.34 -9.85 -15.96
N GLU F 210 36.28 -10.29 -14.71
CA GLU F 210 36.89 -11.56 -14.34
C GLU F 210 36.46 -12.77 -15.19
N PRO F 211 35.16 -13.01 -15.38
CA PRO F 211 34.82 -14.19 -16.20
C PRO F 211 35.29 -14.09 -17.65
N LEU F 212 35.67 -12.88 -18.07
CA LEU F 212 36.16 -12.62 -19.40
C LEU F 212 37.69 -12.67 -19.48
N GLN F 213 38.36 -12.77 -18.33
CA GLN F 213 39.83 -12.62 -18.27
C GLN F 213 40.59 -13.64 -19.14
N HIS F 214 40.12 -14.89 -19.15
CA HIS F 214 40.68 -15.93 -20.01
C HIS F 214 40.62 -15.55 -21.50
N GLU F 215 39.46 -15.07 -21.95
CA GLU F 215 39.30 -14.72 -23.35
C GLU F 215 40.07 -13.46 -23.69
N ILE F 216 40.03 -12.47 -22.80
CA ILE F 216 40.87 -11.29 -22.93
C ILE F 216 42.38 -11.63 -23.08
N ALA F 217 42.87 -12.53 -22.24
CA ALA F 217 44.28 -12.89 -22.30
C ALA F 217 44.63 -13.75 -23.54
N THR F 218 43.79 -14.71 -23.87
CA THR F 218 44.05 -15.65 -24.98
C THR F 218 43.97 -14.97 -26.36
N LYS F 219 43.05 -14.02 -26.53
CA LYS F 219 42.94 -13.31 -27.79
C LYS F 219 43.86 -12.04 -27.80
N GLY F 220 44.45 -11.72 -26.65
CA GLY F 220 45.35 -10.57 -26.54
C GLY F 220 44.66 -9.22 -26.70
N VAL F 221 43.42 -9.14 -26.23
CA VAL F 221 42.66 -7.88 -26.21
C VAL F 221 43.29 -6.89 -25.25
N ILE F 222 43.54 -5.68 -25.74
CA ILE F 222 44.01 -4.57 -24.91
C ILE F 222 42.83 -3.99 -24.11
N ILE F 223 42.99 -3.87 -22.79
CA ILE F 223 42.03 -3.16 -21.94
C ILE F 223 42.70 -1.92 -21.31
N HIS F 224 42.24 -0.72 -21.64
CA HIS F 224 42.72 0.48 -20.91
C HIS F 224 41.60 1.24 -20.21
N ARG F 225 41.81 1.56 -18.93
CA ARG F 225 40.88 2.39 -18.18
C ARG F 225 41.25 3.86 -18.24
N THR F 226 40.27 4.71 -18.50
CA THR F 226 40.44 6.16 -18.34
C THR F 226 39.21 6.73 -17.61
N HIS F 227 39.35 7.95 -17.13
CA HIS F 227 38.21 8.66 -16.59
C HIS F 227 37.85 9.82 -17.52
N ALA F 228 38.43 9.84 -18.72
CA ALA F 228 38.16 10.91 -19.66
C ALA F 228 38.23 10.45 -21.10
N LEU F 229 37.55 11.17 -21.97
CA LEU F 229 37.70 10.99 -23.40
C LEU F 229 38.96 11.70 -23.87
N THR F 230 40.09 11.03 -23.70
CA THR F 230 41.38 11.63 -24.03
C THR F 230 41.53 11.66 -25.54
N ASP F 231 42.59 12.34 -25.99
CA ASP F 231 42.94 12.42 -27.41
C ASP F 231 43.19 11.03 -27.98
N GLU F 232 43.88 10.18 -27.21
CA GLU F 232 44.15 8.80 -27.62
C GLU F 232 42.83 8.07 -27.94
N VAL F 233 41.88 8.12 -27.00
CA VAL F 233 40.60 7.44 -27.15
C VAL F 233 39.84 7.97 -28.36
N MET F 234 39.83 9.28 -28.52
CA MET F 234 39.13 9.89 -29.63
C MET F 234 39.70 9.52 -31.00
N GLN F 235 41.02 9.45 -31.08
CA GLN F 235 41.67 9.18 -32.35
C GLN F 235 41.72 7.71 -32.74
N LYS F 236 41.75 6.80 -31.77
CA LYS F 236 41.89 5.38 -32.06
C LYS F 236 40.57 4.56 -32.12
N SER F 237 39.48 5.08 -31.56
CA SER F 237 38.23 4.32 -31.48
C SER F 237 37.48 4.26 -32.80
N ASP F 238 37.09 3.04 -33.17
CA ASP F 238 36.15 2.81 -34.30
C ASP F 238 34.69 2.96 -33.88
N VAL F 239 34.41 2.70 -32.61
CA VAL F 239 33.11 3.02 -32.05
C VAL F 239 33.24 3.67 -30.67
N LEU F 240 32.53 4.78 -30.50
CA LEU F 240 32.36 5.38 -29.20
C LEU F 240 30.96 5.00 -28.74
N TYR F 241 30.88 4.13 -27.74
CA TYR F 241 29.59 3.67 -27.23
C TYR F 241 29.39 4.32 -25.86
N THR F 242 28.50 5.30 -25.80
CA THR F 242 28.32 6.07 -24.58
C THR F 242 26.96 5.76 -23.95
N THR F 243 26.84 6.07 -22.67
CA THR F 243 25.70 5.64 -21.87
C THR F 243 25.22 6.73 -20.91
N ARG F 244 23.96 6.61 -20.48
CA ARG F 244 23.33 7.51 -19.51
C ARG F 244 23.68 7.04 -18.09
N LEU F 245 23.84 8.00 -17.19
CA LEU F 245 23.97 7.74 -15.75
C LEU F 245 22.70 7.05 -15.21
N GLN F 246 22.83 5.87 -14.66
CA GLN F 246 21.67 5.10 -14.25
C GLN F 246 21.11 5.48 -12.86
N LYS F 247 20.57 6.68 -12.81
CA LYS F 247 20.17 7.34 -11.55
C LYS F 247 19.16 6.56 -10.73
N GLU F 248 18.23 5.87 -11.42
CA GLU F 248 17.29 4.98 -10.74
C GLU F 248 17.97 3.84 -9.98
N ARG F 249 19.21 3.50 -10.34
CA ARG F 249 19.92 2.40 -9.68
C ARG F 249 20.63 2.75 -8.35
N PHE F 250 20.84 4.05 -8.10
CA PHE F 250 21.58 4.55 -6.91
C PHE F 250 20.73 4.99 -5.70
N ASP F 269 35.36 13.75 -17.34
CA ASP F 269 35.39 14.43 -18.65
C ASP F 269 34.89 13.57 -19.84
N ILE F 270 33.58 13.31 -19.90
CA ILE F 270 33.06 12.28 -20.78
C ILE F 270 31.99 12.69 -21.80
N THR F 271 31.60 13.95 -21.84
CA THR F 271 30.60 14.44 -22.81
C THR F 271 31.08 14.34 -24.27
N ILE F 272 30.19 13.92 -25.17
CA ILE F 272 30.50 13.97 -26.60
C ILE F 272 29.67 15.08 -27.27
N ASP F 273 30.37 16.09 -27.80
CA ASP F 273 29.72 17.18 -28.57
C ASP F 273 30.42 17.34 -29.91
N ALA F 274 29.88 18.17 -30.79
CA ALA F 274 30.52 18.46 -32.07
C ALA F 274 32.02 18.85 -31.93
N ALA F 275 32.36 19.63 -30.89
CA ALA F 275 33.76 20.06 -30.67
C ALA F 275 34.69 18.89 -30.40
N ARG F 276 34.22 17.93 -29.60
CA ARG F 276 34.99 16.74 -29.32
C ARG F 276 35.12 15.82 -30.53
N MET F 277 34.05 15.73 -31.32
CA MET F 277 34.03 14.97 -32.56
C MET F 277 35.06 15.42 -33.62
N ARG F 278 35.60 16.64 -33.48
CA ARG F 278 36.69 17.09 -34.35
C ARG F 278 37.92 16.22 -34.21
N LEU F 279 38.03 15.53 -33.08
CA LEU F 279 39.13 14.59 -32.84
C LEU F 279 38.89 13.18 -33.34
N ALA F 280 37.64 12.83 -33.67
CA ALA F 280 37.32 11.46 -34.12
C ALA F 280 37.89 11.19 -35.52
N LYS F 281 38.23 9.94 -35.81
CA LYS F 281 38.59 9.59 -37.20
C LYS F 281 37.39 9.61 -38.13
N GLU F 282 37.66 9.44 -39.42
CA GLU F 282 36.62 9.50 -40.44
C GLU F 282 35.71 8.27 -40.45
N LYS F 283 36.33 7.10 -40.28
CA LYS F 283 35.58 5.88 -40.36
C LYS F 283 35.35 5.35 -38.94
N MET F 284 34.25 5.82 -38.34
CA MET F 284 33.87 5.44 -36.99
C MET F 284 32.40 5.79 -36.76
N ILE F 285 31.83 5.27 -35.69
CA ILE F 285 30.47 5.63 -35.33
C ILE F 285 30.36 5.92 -33.84
N VAL F 286 29.37 6.76 -33.52
CA VAL F 286 28.96 7.03 -32.15
C VAL F 286 27.66 6.28 -31.94
N MET F 287 27.62 5.50 -30.85
CA MET F 287 26.46 4.72 -30.48
C MET F 287 26.03 5.08 -29.06
N HIS F 288 24.76 4.81 -28.75
CA HIS F 288 24.19 5.09 -27.45
C HIS F 288 22.92 4.29 -27.45
N PRO F 289 22.75 3.38 -26.45
CA PRO F 289 21.54 2.54 -26.41
C PRO F 289 20.29 3.39 -26.20
N LEU F 290 20.50 4.62 -25.69
CA LEU F 290 19.40 5.54 -25.37
C LEU F 290 18.52 5.07 -24.20
N PRO F 291 17.74 5.99 -23.59
CA PRO F 291 17.70 7.43 -23.86
C PRO F 291 18.93 8.12 -23.33
N ARG F 292 19.19 9.31 -23.84
CA ARG F 292 20.36 10.07 -23.45
C ARG F 292 19.95 11.27 -22.61
N ASN F 293 20.85 11.68 -21.72
CA ASN F 293 20.77 13.00 -21.06
C ASN F 293 21.87 13.88 -21.70
N ASP F 294 22.61 14.65 -20.93
CA ASP F 294 23.57 15.62 -21.50
C ASP F 294 24.97 15.06 -21.85
N GLU F 295 25.16 13.75 -21.76
CA GLU F 295 26.43 13.14 -22.09
C GLU F 295 26.67 13.07 -23.62
N LEU F 296 25.62 13.17 -24.41
CA LEU F 296 25.70 13.16 -25.88
C LEU F 296 24.90 14.34 -26.43
N SER F 297 25.60 15.34 -26.91
CA SER F 297 24.95 16.63 -27.22
C SER F 297 24.15 16.55 -28.53
N THR F 298 23.09 17.35 -28.65
CA THR F 298 22.34 17.40 -29.93
C THR F 298 23.18 17.91 -31.09
N THR F 299 24.25 18.62 -30.80
CA THR F 299 25.16 19.12 -31.84
C THR F 299 25.80 17.97 -32.65
N VAL F 300 25.70 16.75 -32.13
CA VAL F 300 26.34 15.58 -32.75
C VAL F 300 25.40 14.94 -33.77
N ASP F 301 24.11 15.23 -33.65
CA ASP F 301 23.06 14.53 -34.43
C ASP F 301 23.16 14.59 -35.97
N ALA F 302 23.65 15.71 -36.51
CA ALA F 302 23.79 15.87 -37.95
C ALA F 302 25.06 15.24 -38.52
N ASP F 303 25.94 14.75 -37.66
CA ASP F 303 27.16 14.08 -38.11
C ASP F 303 26.78 12.73 -38.72
N PRO F 304 27.31 12.39 -39.91
CA PRO F 304 27.05 11.08 -40.51
C PRO F 304 27.48 9.93 -39.60
N ARG F 305 28.39 10.22 -38.67
CA ARG F 305 28.94 9.20 -37.78
C ARG F 305 28.04 8.93 -36.56
N ALA F 306 27.06 9.83 -36.32
CA ALA F 306 26.04 9.61 -35.31
C ALA F 306 25.12 8.45 -35.74
N ALA F 307 25.31 7.28 -35.12
CA ALA F 307 24.65 6.06 -35.56
C ALA F 307 23.56 5.70 -34.58
N TYR F 308 23.44 6.48 -33.50
CA TYR F 308 22.50 6.13 -32.43
C TYR F 308 21.02 6.14 -32.83
N PHE F 309 20.65 6.89 -33.87
CA PHE F 309 19.26 6.81 -34.34
C PHE F 309 19.04 5.56 -35.21
N ARG F 310 19.95 5.30 -36.13
CA ARG F 310 19.89 4.09 -36.95
C ARG F 310 19.94 2.85 -36.05
N GLN F 311 20.72 2.95 -34.99
CA GLN F 311 20.79 1.89 -33.98
C GLN F 311 19.41 1.36 -33.57
N MET F 312 18.46 2.25 -33.30
CA MET F 312 17.10 1.83 -32.91
C MET F 312 16.38 1.04 -34.02
N ARG F 313 16.53 1.49 -35.26
CA ARG F 313 15.99 0.74 -36.40
C ARG F 313 16.65 -0.63 -36.53
N TYR F 314 17.99 -0.70 -36.48
CA TYR F 314 18.64 -2.01 -36.46
C TYR F 314 18.05 -2.92 -35.37
N GLY F 315 17.71 -2.31 -34.22
CA GLY F 315 17.08 -3.03 -33.10
C GLY F 315 15.79 -3.72 -33.44
N MET F 316 14.95 -3.05 -34.24
CA MET F 316 13.67 -3.65 -34.64
C MET F 316 13.95 -4.89 -35.52
N PHE F 317 14.88 -4.76 -36.46
CA PHE F 317 15.20 -5.91 -37.34
C PHE F 317 15.89 -7.08 -36.61
N MET F 318 16.84 -6.80 -35.72
CA MET F 318 17.42 -7.85 -34.89
C MET F 318 16.34 -8.58 -34.07
N ARG F 319 15.43 -7.82 -33.46
CA ARG F 319 14.33 -8.40 -32.68
C ARG F 319 13.37 -9.24 -33.49
N MET F 320 13.17 -8.86 -34.76
CA MET F 320 12.47 -9.73 -35.71
C MET F 320 13.20 -11.06 -35.90
N ALA F 321 14.51 -10.99 -36.14
CA ALA F 321 15.31 -12.17 -36.41
C ALA F 321 15.28 -13.10 -35.20
N ILE F 322 15.34 -12.47 -34.02
CA ILE F 322 15.26 -13.17 -32.77
C ILE F 322 13.89 -13.84 -32.58
N LEU F 323 12.81 -13.08 -32.71
CA LEU F 323 11.50 -13.63 -32.43
C LEU F 323 11.19 -14.79 -33.35
N TRP F 324 11.50 -14.60 -34.63
CA TRP F 324 11.27 -15.61 -35.64
C TRP F 324 12.06 -16.89 -35.33
N SER F 325 13.32 -16.76 -34.93
CA SER F 325 14.12 -17.93 -34.58
C SER F 325 13.62 -18.62 -33.31
N VAL F 326 13.17 -17.85 -32.32
CA VAL F 326 12.63 -18.45 -31.11
C VAL F 326 11.37 -19.25 -31.38
N LEU F 327 10.47 -18.68 -32.17
CA LEU F 327 9.13 -19.22 -32.33
C LEU F 327 8.93 -20.13 -33.56
N ALA F 328 9.96 -20.29 -34.39
CA ALA F 328 9.87 -21.06 -35.66
C ALA F 328 9.39 -22.51 -35.45
P PAL G . 15.25 -10.84 24.46
O1P PAL G . 14.15 -11.36 25.31
O2P PAL G . 15.46 -9.40 24.55
O3P PAL G . 15.27 -11.31 23.05
C1P PAL G . 16.70 -11.55 25.17
C1 PAL G . 17.88 -11.53 24.19
O1 PAL G . 18.41 -10.45 23.90
N2 PAL G . 18.26 -12.74 23.74
C2 PAL G . 19.40 -12.92 22.83
C4 PAL G . 19.23 -12.12 21.51
O2 PAL G . 18.08 -11.73 21.22
O3 PAL G . 20.25 -11.92 20.83
C3 PAL G . 19.61 -14.39 22.55
C5 PAL G . 18.43 -15.09 21.84
O4 PAL G . 18.37 -16.32 22.01
O5 PAL G . 17.60 -14.43 21.17
C1 GOL H . 31.37 5.33 25.49
O1 GOL H . 30.54 4.26 25.88
C2 GOL H . 32.85 4.98 25.64
O2 GOL H . 33.18 3.91 24.79
C3 GOL H . 33.23 4.64 27.08
O3 GOL H . 34.62 4.45 27.15
P PAL I . -12.41 -6.06 28.92
O1P PAL I . -12.48 -7.33 28.14
O2P PAL I . -11.26 -5.99 29.82
O3P PAL I . -12.68 -4.83 28.13
C1P PAL I . -13.71 -6.09 30.06
C1 PAL I . -13.95 -7.47 30.71
O1 PAL I . -13.25 -7.86 31.65
N2 PAL I . -14.98 -8.18 30.18
C2 PAL I . -15.41 -9.49 30.67
C4 PAL I . -14.28 -10.58 30.54
O2 PAL I . -14.42 -11.64 31.22
O3 PAL I . -13.28 -10.31 29.82
C3 PAL I . -16.72 -9.92 29.96
C5 PAL I . -16.64 -10.22 28.46
O4 PAL I . -17.71 -10.24 27.85
O5 PAL I . -15.54 -10.44 27.93
C1 GOL J . -6.75 -11.47 52.22
O1 GOL J . -7.99 -11.13 52.82
C2 GOL J . -6.99 -12.19 50.91
O2 GOL J . -5.98 -13.16 50.76
C3 GOL J . -6.97 -11.23 49.71
O3 GOL J . -5.68 -10.74 49.39
P PAL K . 2.25 10.84 11.04
O1P PAL K . 1.84 11.04 12.46
O2P PAL K . 3.67 10.36 11.13
O3P PAL K . 1.69 9.84 10.28
C1P PAL K . 2.79 12.27 10.39
C1 PAL K . 1.51 12.90 9.80
O1 PAL K . 0.59 13.31 10.51
N2 PAL K . 1.40 12.80 8.47
C2 PAL K . 0.30 13.35 7.69
C4 PAL K . -1.05 12.58 7.93
O2 PAL K . -1.00 11.50 8.56
O3 PAL K . -2.11 13.11 7.54
C3 PAL K . 0.76 13.43 6.23
C5 PAL K . 0.85 12.02 5.54
O4 PAL K . 0.37 11.02 6.11
O5 PAL K . 1.43 11.98 4.43
C1 GOL L . -11.00 26.11 21.75
O1 GOL L . -10.05 25.36 21.03
C2 GOL L . -11.44 27.34 20.95
O2 GOL L . -11.74 26.99 19.62
C3 GOL L . -10.37 28.43 20.95
O3 GOL L . -10.95 29.57 20.35
P PAL M . -11.43 12.95 -27.35
O1P PAL M . -12.43 11.99 -26.78
O2P PAL M . -10.66 12.04 -28.23
O3P PAL M . -10.97 13.52 -26.10
C1P PAL M . -12.66 13.77 -28.20
C1 PAL M . -12.07 15.12 -28.60
O1 PAL M . -11.19 15.20 -29.47
N2 PAL M . -12.52 16.17 -27.88
C2 PAL M . -12.12 17.55 -28.14
C4 PAL M . -10.63 17.86 -27.81
O2 PAL M . -9.94 17.00 -27.21
O3 PAL M . -10.19 18.95 -28.18
C3 PAL M . -13.11 18.51 -27.42
C5 PAL M . -13.16 18.43 -25.85
O4 PAL M . -14.18 18.90 -25.28
O5 PAL M . -12.19 17.89 -25.24
C1 GOL N . -1.59 17.08 -47.77
O1 GOL N . -2.52 16.60 -46.82
C2 GOL N . -2.20 18.18 -48.64
O2 GOL N . -2.50 19.26 -47.79
C3 GOL N . -3.50 17.72 -49.27
O3 GOL N . -4.12 18.82 -49.92
P PAL O . -8.68 -11.13 -12.58
O1P PAL O . -9.11 -10.32 -11.37
O2P PAL O . -9.43 -10.88 -13.84
O3P PAL O . -7.26 -11.43 -12.80
C1P PAL O . -9.17 -12.74 -12.16
C1 PAL O . -10.59 -12.78 -11.63
O1 PAL O . -11.55 -12.69 -12.38
N2 PAL O . -10.66 -12.89 -10.28
C2 PAL O . -11.93 -12.96 -9.56
C4 PAL O . -12.71 -11.61 -9.63
O2 PAL O . -13.88 -11.58 -9.17
O3 PAL O . -12.12 -10.61 -10.11
C3 PAL O . -11.60 -13.36 -8.10
C5 PAL O . -10.80 -12.27 -7.30
O4 PAL O . -10.36 -12.66 -6.21
O5 PAL O . -10.62 -11.11 -7.79
C1 GOL P . -28.21 -18.18 -23.92
O1 GOL P . -29.28 -19.08 -24.07
C2 GOL P . -28.68 -16.75 -24.12
O2 GOL P . -29.01 -16.13 -22.90
C3 GOL P . -27.63 -15.90 -24.83
O3 GOL P . -26.39 -15.91 -24.14
P PAL Q . 14.61 1.97 -23.32
O1P PAL Q . 14.02 0.63 -23.72
O2P PAL Q . 13.79 3.00 -23.88
O3P PAL Q . 14.60 1.87 -21.86
C1P PAL Q . 16.03 1.44 -24.22
C1 PAL Q . 17.04 0.74 -23.30
O1 PAL Q . 17.03 -0.48 -23.15
N2 PAL Q . 17.89 1.54 -22.65
C2 PAL Q . 18.93 0.96 -21.76
C4 PAL Q . 18.30 0.22 -20.54
O2 PAL Q . 17.08 0.34 -20.30
O3 PAL Q . 19.08 -0.47 -19.85
C3 PAL Q . 19.94 2.05 -21.33
C5 PAL Q . 19.34 3.10 -20.35
O4 PAL Q . 18.24 2.85 -19.81
O5 PAL Q . 19.99 4.16 -20.17
C1 GOL R . 19.61 -20.40 -27.36
O1 GOL R . 19.30 -19.04 -27.62
C2 GOL R . 21.10 -20.72 -27.51
O2 GOL R . 21.82 -20.08 -26.49
C3 GOL R . 21.61 -20.27 -28.88
O3 GOL R . 22.82 -20.95 -29.17
#